data_2DQY
#
_entry.id   2DQY
#
_cell.length_a   55.292
_cell.length_b   179.877
_cell.length_c   201.323
_cell.angle_alpha   90.00
_cell.angle_beta   90.00
_cell.angle_gamma   90.00
#
_symmetry.space_group_name_H-M   'P 21 21 21'
#
loop_
_entity.id
_entity.type
_entity.pdbx_description
1 polymer 'Liver carboxylesterase 1'
2 non-polymer 2-acetamido-2-deoxy-beta-D-glucopyranose
3 non-polymer 'N-acetyl-alpha-neuraminic acid'
4 non-polymer 'SULFATE ION'
5 non-polymer 'CHOLIC ACID'
6 non-polymer 'PALMITIC ACID'
7 water water
#
_entity_poly.entity_id   1
_entity_poly.type   'polypeptide(L)'
_entity_poly.pdbx_seq_one_letter_code
;HPSSPPVVDTVHGKVLGKFVSLEGFAQPVAIFLGIPFAKPPLGPLRFTPPQPAEPWSFVKNATSYPPMCTQDPKAGQLLS
ELFTNRKENIPLKLSEDCLYLNIYTPADLTKKNRLPVMVWIHGGGLMVGAASTYDGLALAAHENVVVVTIQYRLGIWGFF
STGDEHSRGNWGHLDQVAALRWVQDNIASFGGNPGSVTIFGESAGGESVSVLVLSPLAKNLFHRAISESGVALTSVLVKK
GDVKPLAEQIAITAGCKTTTSAVMVHCLRQKTEEELLETTLKMKFLSLDLQGDPRESQPLLGTVIDGMLLLKTPEELQAE
RNFHTVPYMVGINKQEFGWLIPMLMSYPLSEGQLDQKTAMSLLWKSYPLVCIAKELIPEATEKYLGGTDDTVKKKDLFLD
LIADVMFGVPSVIVARNHRDAGAPTYMYEFQYRPSFSSDMKPKTVIGDHGDELFSVFGAPFLKEGASEEEIRLSKMVMKF
WANFARNGNPNGEGLPHWPEYNQKEGYLQIGANTQAAQKLKDKEVAFWTNLFAKKAVEKPPQ
;
_entity_poly.pdbx_strand_id   A,B,C
#
loop_
_chem_comp.id
_chem_comp.type
_chem_comp.name
_chem_comp.formula
CHD non-polymer 'CHOLIC ACID' 'C24 H40 O5'
NAG D-saccharide, beta linking 2-acetamido-2-deoxy-beta-D-glucopyranose 'C8 H15 N O6'
PLM non-polymer 'PALMITIC ACID' 'C16 H32 O2'
SIA D-saccharide, alpha linking 'N-acetyl-alpha-neuraminic acid' 'C11 H19 N O9'
SO4 non-polymer 'SULFATE ION' 'O4 S -2'
#
# COMPACT_ATOMS: atom_id res chain seq x y z
N SER A 3 6.81 38.56 -23.39
CA SER A 3 6.37 39.67 -22.49
C SER A 3 5.82 39.08 -21.21
N SER A 4 5.76 37.75 -21.16
CA SER A 4 5.23 37.06 -19.98
C SER A 4 5.39 35.54 -20.11
N PRO A 5 5.87 34.88 -19.05
CA PRO A 5 6.07 33.43 -19.03
C PRO A 5 4.87 32.67 -19.58
N PRO A 6 5.12 31.68 -20.44
CA PRO A 6 4.09 30.84 -21.06
C PRO A 6 3.31 30.02 -20.03
N VAL A 7 1.99 30.09 -20.11
CA VAL A 7 1.15 29.32 -19.20
C VAL A 7 0.15 28.51 -19.98
N VAL A 8 0.40 27.22 -20.10
CA VAL A 8 -0.50 26.35 -20.82
C VAL A 8 -1.41 25.63 -19.83
N ASP A 9 -2.55 25.17 -20.31
CA ASP A 9 -3.50 24.45 -19.48
C ASP A 9 -3.55 23.00 -19.97
N THR A 10 -3.15 22.08 -19.11
CA THR A 10 -3.17 20.67 -19.48
C THR A 10 -4.31 20.01 -18.71
N VAL A 11 -4.58 18.76 -19.04
CA VAL A 11 -5.65 18.02 -18.40
C VAL A 11 -5.50 18.01 -16.87
N HIS A 12 -4.27 17.87 -16.39
CA HIS A 12 -4.00 17.83 -14.96
C HIS A 12 -3.82 19.19 -14.27
N GLY A 13 -3.77 20.25 -15.06
CA GLY A 13 -3.62 21.58 -14.48
C GLY A 13 -2.68 22.49 -15.24
N LYS A 14 -2.76 23.78 -14.95
CA LYS A 14 -1.94 24.78 -15.59
C LYS A 14 -0.44 24.54 -15.42
N VAL A 15 0.32 24.81 -16.48
CA VAL A 15 1.77 24.65 -16.46
C VAL A 15 2.43 25.96 -16.86
N LEU A 16 3.51 26.29 -16.16
CA LEU A 16 4.25 27.52 -16.41
C LEU A 16 5.61 27.21 -17.03
N GLY A 17 5.95 27.90 -18.12
CA GLY A 17 7.23 27.66 -18.76
C GLY A 17 8.03 28.95 -18.90
N LYS A 18 9.00 28.95 -19.81
CA LYS A 18 9.80 30.15 -20.05
C LYS A 18 10.05 30.28 -21.55
N PHE A 19 10.22 31.52 -22.00
CA PHE A 19 10.46 31.78 -23.42
C PHE A 19 11.95 31.83 -23.68
N VAL A 20 12.37 31.30 -24.82
CA VAL A 20 13.77 31.32 -25.19
C VAL A 20 13.87 31.53 -26.70
N SER A 21 14.61 32.56 -27.10
CA SER A 21 14.75 32.88 -28.50
C SER A 21 16.03 32.35 -29.12
N LEU A 22 15.89 31.70 -30.27
CA LEU A 22 17.06 31.19 -30.97
C LEU A 22 17.38 32.30 -31.96
N GLU A 23 18.56 32.90 -31.83
CA GLU A 23 18.96 34.00 -32.71
C GLU A 23 18.74 33.65 -34.18
N GLY A 24 18.10 34.56 -34.89
CA GLY A 24 17.80 34.32 -36.29
C GLY A 24 16.33 34.02 -36.46
N PHE A 25 15.65 33.79 -35.35
CA PHE A 25 14.22 33.49 -35.33
C PHE A 25 13.48 34.48 -34.46
N ALA A 26 12.38 35.00 -34.98
CA ALA A 26 11.60 35.96 -34.23
C ALA A 26 10.85 35.28 -33.09
N GLN A 27 9.82 34.53 -33.44
CA GLN A 27 9.00 33.81 -32.46
C GLN A 27 9.86 32.96 -31.53
N PRO A 28 9.93 33.37 -30.26
CA PRO A 28 10.69 32.64 -29.27
C PRO A 28 10.02 31.31 -28.95
N VAL A 29 10.84 30.31 -28.64
CA VAL A 29 10.30 29.01 -28.31
C VAL A 29 9.93 28.92 -26.85
N ALA A 30 8.78 28.30 -26.57
CA ALA A 30 8.29 28.11 -25.20
C ALA A 30 8.86 26.79 -24.70
N ILE A 31 9.63 26.85 -23.61
CA ILE A 31 10.26 25.66 -23.05
C ILE A 31 9.71 25.26 -21.68
N PHE A 32 9.24 24.02 -21.59
CA PHE A 32 8.68 23.48 -20.38
C PHE A 32 9.55 22.33 -19.92
N LEU A 33 10.09 22.46 -18.71
CA LEU A 33 10.97 21.46 -18.17
C LEU A 33 10.39 20.78 -16.96
N GLY A 34 10.23 19.47 -17.04
CA GLY A 34 9.73 18.75 -15.87
C GLY A 34 8.24 18.52 -15.72
N ILE A 35 7.52 18.45 -16.83
CA ILE A 35 6.11 18.19 -16.76
C ILE A 35 5.98 16.69 -16.45
N PRO A 36 5.37 16.34 -15.31
CA PRO A 36 5.18 14.94 -14.92
C PRO A 36 4.11 14.26 -15.80
N PHE A 37 4.38 13.07 -16.31
CA PHE A 37 3.40 12.39 -17.16
C PHE A 37 2.91 11.13 -16.49
N ALA A 38 3.44 10.88 -15.31
CA ALA A 38 3.06 9.70 -14.54
C ALA A 38 3.31 9.98 -13.08
N LYS A 39 2.66 9.19 -12.24
CA LYS A 39 2.80 9.31 -10.80
C LYS A 39 4.13 8.68 -10.41
N PRO A 40 4.93 9.40 -9.60
CA PRO A 40 6.24 8.89 -9.16
C PRO A 40 6.14 7.42 -8.76
N PRO A 41 6.84 6.53 -9.51
CA PRO A 41 6.85 5.09 -9.25
C PRO A 41 7.61 4.70 -7.99
N LEU A 42 7.29 5.40 -6.91
CA LEU A 42 7.93 5.17 -5.62
C LEU A 42 7.21 4.11 -4.79
N GLY A 43 7.90 3.63 -3.76
CA GLY A 43 7.32 2.63 -2.88
C GLY A 43 6.78 1.40 -3.58
N PRO A 44 5.56 0.99 -3.24
CA PRO A 44 4.92 -0.20 -3.83
C PRO A 44 4.66 -0.06 -5.33
N LEU A 45 4.74 1.16 -5.85
CA LEU A 45 4.50 1.38 -7.25
C LEU A 45 5.70 0.94 -8.08
N ARG A 46 6.77 0.56 -7.39
CA ARG A 46 7.98 0.11 -8.07
C ARG A 46 7.71 -1.24 -8.71
N PHE A 47 8.28 -1.46 -9.90
CA PHE A 47 8.09 -2.73 -10.60
C PHE A 47 6.61 -2.93 -10.94
N THR A 48 5.96 -1.86 -11.35
CA THR A 48 4.56 -1.92 -11.72
C THR A 48 4.38 -0.89 -12.80
N PRO A 49 3.31 -1.01 -13.59
CA PRO A 49 3.07 -0.05 -14.66
C PRO A 49 2.89 1.36 -14.13
N PRO A 50 3.14 2.36 -14.98
CA PRO A 50 3.00 3.76 -14.55
C PRO A 50 1.55 4.18 -14.39
N GLN A 51 1.26 4.94 -13.33
CA GLN A 51 -0.10 5.43 -13.10
C GLN A 51 -0.21 6.90 -13.39
N PRO A 52 -1.42 7.36 -13.72
CA PRO A 52 -1.65 8.77 -14.04
C PRO A 52 -1.20 9.70 -12.92
N ALA A 53 -0.80 10.91 -13.31
CA ALA A 53 -0.34 11.89 -12.35
C ALA A 53 -1.52 12.55 -11.65
N GLU A 54 -1.27 13.04 -10.44
CA GLU A 54 -2.29 13.71 -9.66
C GLU A 54 -2.43 15.15 -10.13
N PRO A 55 -3.66 15.64 -10.24
CA PRO A 55 -3.91 17.02 -10.67
C PRO A 55 -3.41 18.04 -9.65
N TRP A 56 -2.93 19.18 -10.12
CA TRP A 56 -2.47 20.21 -9.19
C TRP A 56 -3.49 21.33 -9.13
N SER A 57 -3.56 21.99 -7.98
CA SER A 57 -4.52 23.05 -7.76
C SER A 57 -4.25 24.40 -8.40
N PHE A 58 -2.99 24.76 -8.59
CA PHE A 58 -2.73 26.06 -9.19
C PHE A 58 -1.83 25.96 -10.40
N VAL A 59 -0.89 26.89 -10.53
CA VAL A 59 0.02 26.88 -11.66
C VAL A 59 1.31 26.18 -11.29
N LYS A 60 1.66 25.13 -12.03
CA LYS A 60 2.89 24.37 -11.78
C LYS A 60 4.04 24.93 -12.62
N ASN A 61 5.18 25.20 -11.98
CA ASN A 61 6.32 25.75 -12.69
C ASN A 61 7.20 24.72 -13.35
N ALA A 62 7.04 24.53 -14.66
CA ALA A 62 7.87 23.57 -15.36
C ALA A 62 9.10 24.32 -15.85
N THR A 63 9.89 24.82 -14.90
CA THR A 63 11.07 25.61 -15.25
C THR A 63 12.38 25.09 -14.69
N SER A 64 12.38 23.83 -14.25
CA SER A 64 13.59 23.23 -13.69
C SER A 64 13.80 21.84 -14.22
N TYR A 65 14.98 21.58 -14.74
CA TYR A 65 15.31 20.26 -15.27
C TYR A 65 14.97 19.16 -14.26
N PRO A 66 14.13 18.20 -14.67
CA PRO A 66 13.72 17.09 -13.80
C PRO A 66 14.90 16.15 -13.58
N PRO A 67 14.86 15.38 -12.48
CA PRO A 67 15.93 14.42 -12.14
C PRO A 67 16.02 13.36 -13.25
N MET A 68 17.10 12.61 -13.27
CA MET A 68 17.20 11.56 -14.27
C MET A 68 17.00 10.26 -13.48
N CYS A 69 16.41 9.25 -14.10
CA CYS A 69 16.18 8.02 -13.38
C CYS A 69 17.46 7.44 -12.79
N THR A 70 17.34 6.91 -11.58
CA THR A 70 18.48 6.34 -10.89
C THR A 70 19.31 5.51 -11.86
N GLN A 71 20.63 5.68 -11.78
CA GLN A 71 21.55 4.98 -12.64
C GLN A 71 22.95 5.29 -12.15
N ASP A 72 23.92 4.64 -12.77
CA ASP A 72 25.31 4.85 -12.43
C ASP A 72 25.64 6.32 -12.73
N PRO A 73 25.68 7.16 -11.71
CA PRO A 73 25.97 8.57 -11.96
C PRO A 73 27.16 8.86 -12.86
N LYS A 74 28.29 8.16 -12.66
CA LYS A 74 29.50 8.38 -13.46
C LYS A 74 29.20 8.17 -14.93
N ALA A 75 28.86 6.93 -15.25
CA ALA A 75 28.54 6.53 -16.62
C ALA A 75 27.46 7.45 -17.17
N GLY A 76 26.47 7.75 -16.34
CA GLY A 76 25.38 8.60 -16.76
C GLY A 76 25.81 9.98 -17.21
N GLN A 77 26.53 10.69 -16.35
CA GLN A 77 26.97 12.01 -16.70
C GLN A 77 27.96 11.95 -17.86
N LEU A 78 28.81 10.93 -17.87
CA LEU A 78 29.76 10.80 -18.98
C LEU A 78 29.04 10.80 -20.32
N LEU A 79 28.01 9.98 -20.42
CA LEU A 79 27.22 9.87 -21.65
C LEU A 79 26.48 11.17 -21.93
N SER A 80 25.95 11.79 -20.89
CA SER A 80 25.23 13.05 -21.05
C SER A 80 26.13 14.12 -21.65
N GLU A 81 27.41 14.10 -21.30
CA GLU A 81 28.35 15.08 -21.82
C GLU A 81 28.80 14.78 -23.26
N LEU A 82 28.83 13.50 -23.61
CA LEU A 82 29.23 13.08 -24.95
C LEU A 82 28.12 13.18 -26.02
N PHE A 83 26.86 13.22 -25.58
CA PHE A 83 25.72 13.28 -26.48
C PHE A 83 25.03 14.64 -26.51
N THR A 84 25.12 15.36 -25.41
CA THR A 84 24.48 16.66 -25.33
C THR A 84 24.80 17.51 -26.53
N ASN A 85 23.82 18.26 -26.99
CA ASN A 85 24.01 19.12 -28.14
C ASN A 85 24.03 20.58 -27.73
N ARG A 86 23.85 20.83 -26.44
CA ARG A 86 23.83 22.19 -25.94
C ARG A 86 25.23 22.62 -25.57
N LYS A 87 25.40 23.92 -25.39
CA LYS A 87 26.68 24.52 -25.01
C LYS A 87 27.26 23.85 -23.77
N GLU A 88 26.62 24.10 -22.62
CA GLU A 88 27.05 23.56 -21.33
C GLU A 88 26.28 22.30 -20.98
N ASN A 89 26.94 21.35 -20.35
CA ASN A 89 26.27 20.13 -19.94
C ASN A 89 25.56 20.44 -18.62
N ILE A 90 24.27 20.11 -18.58
CA ILE A 90 23.46 20.34 -17.40
C ILE A 90 23.63 19.22 -16.38
N PRO A 91 24.19 19.52 -15.21
CA PRO A 91 24.39 18.52 -14.16
C PRO A 91 23.03 18.06 -13.63
N LEU A 92 22.74 16.77 -13.80
CA LEU A 92 21.45 16.23 -13.38
C LEU A 92 21.48 15.53 -12.02
N LYS A 93 20.29 15.42 -11.43
CA LYS A 93 20.13 14.78 -10.14
C LYS A 93 19.59 13.36 -10.37
N LEU A 94 19.83 12.46 -9.44
CA LEU A 94 19.33 11.10 -9.58
C LEU A 94 18.16 10.89 -8.63
N SER A 95 17.09 10.27 -9.13
CA SER A 95 15.93 10.01 -8.29
C SER A 95 14.99 9.02 -8.94
N GLU A 96 14.31 8.21 -8.13
CA GLU A 96 13.36 7.26 -8.69
C GLU A 96 12.22 8.07 -9.28
N ASP A 97 12.06 9.28 -8.77
CA ASP A 97 11.03 10.21 -9.22
C ASP A 97 11.59 10.89 -10.48
N CYS A 98 11.41 10.23 -11.61
CA CYS A 98 11.96 10.71 -12.86
C CYS A 98 11.03 10.68 -14.06
N LEU A 99 9.81 10.21 -13.86
CA LEU A 99 8.86 10.14 -14.96
C LEU A 99 8.37 11.51 -15.40
N TYR A 100 9.23 12.26 -16.08
CA TYR A 100 8.89 13.59 -16.57
C TYR A 100 9.22 13.72 -18.05
N LEU A 101 8.78 14.81 -18.65
CA LEU A 101 9.08 15.07 -20.05
C LEU A 101 9.26 16.56 -20.23
N ASN A 102 10.08 16.93 -21.21
CA ASN A 102 10.34 18.32 -21.53
C ASN A 102 9.73 18.64 -22.88
N ILE A 103 9.17 19.83 -23.01
CA ILE A 103 8.56 20.26 -24.26
C ILE A 103 9.19 21.53 -24.83
N TYR A 104 9.40 21.53 -26.13
CA TYR A 104 9.97 22.66 -26.88
C TYR A 104 9.02 22.99 -28.03
N THR A 105 8.21 24.03 -27.85
CA THR A 105 7.24 24.40 -28.86
C THR A 105 7.55 25.75 -29.47
N PRO A 106 7.69 25.79 -30.79
CA PRO A 106 7.99 27.04 -31.49
C PRO A 106 6.70 27.75 -31.86
N ALA A 107 5.57 27.09 -31.62
CA ALA A 107 4.26 27.65 -31.96
C ALA A 107 3.87 28.84 -31.09
N ASP A 108 3.22 29.83 -31.71
CA ASP A 108 2.76 30.99 -30.96
C ASP A 108 1.53 30.55 -30.18
N LEU A 109 1.76 30.17 -28.94
CA LEU A 109 0.73 29.69 -28.04
C LEU A 109 -0.52 30.56 -27.96
N THR A 110 -0.38 31.82 -28.32
CA THR A 110 -1.51 32.76 -28.29
C THR A 110 -2.55 32.39 -29.34
N LYS A 111 -2.14 31.62 -30.34
CA LYS A 111 -3.06 31.22 -31.39
C LYS A 111 -3.12 29.70 -31.51
N LYS A 112 -4.21 29.22 -32.11
CA LYS A 112 -4.41 27.79 -32.29
C LYS A 112 -3.38 27.25 -33.27
N ASN A 113 -2.49 26.40 -32.79
CA ASN A 113 -1.49 25.80 -33.65
C ASN A 113 -1.52 24.31 -33.50
N ARG A 114 -1.27 23.61 -34.60
CA ARG A 114 -1.25 22.16 -34.58
C ARG A 114 -0.09 21.71 -35.42
N LEU A 115 1.13 21.91 -34.93
CA LEU A 115 2.36 21.53 -35.63
C LEU A 115 2.68 20.07 -35.39
N PRO A 116 3.50 19.46 -36.26
CA PRO A 116 3.81 18.05 -36.02
C PRO A 116 4.60 17.87 -34.73
N VAL A 117 4.38 16.74 -34.06
CA VAL A 117 5.06 16.47 -32.81
C VAL A 117 6.13 15.40 -32.98
N MET A 118 7.26 15.60 -32.34
CA MET A 118 8.35 14.64 -32.40
C MET A 118 8.78 14.28 -30.98
N VAL A 119 8.48 13.06 -30.58
CA VAL A 119 8.83 12.59 -29.25
C VAL A 119 10.19 11.87 -29.30
N TRP A 120 11.14 12.34 -28.52
CA TRP A 120 12.46 11.73 -28.51
C TRP A 120 12.70 10.79 -27.34
N ILE A 121 13.17 9.59 -27.67
CA ILE A 121 13.47 8.58 -26.66
C ILE A 121 14.98 8.45 -26.61
N HIS A 122 15.58 8.95 -25.53
CA HIS A 122 17.03 8.91 -25.37
C HIS A 122 17.55 7.49 -25.26
N GLY A 123 18.84 7.30 -25.57
CA GLY A 123 19.44 5.98 -25.46
C GLY A 123 20.31 5.84 -24.22
N GLY A 124 21.02 4.74 -24.10
CA GLY A 124 21.87 4.52 -22.93
C GLY A 124 21.73 3.08 -22.45
N GLY A 125 21.56 2.17 -23.41
CA GLY A 125 21.42 0.75 -23.14
C GLY A 125 20.35 0.39 -22.14
N LEU A 126 19.34 1.24 -22.02
CA LEU A 126 18.29 0.97 -21.05
C LEU A 126 18.86 0.94 -19.62
N MET A 127 20.07 1.48 -19.41
CA MET A 127 20.70 1.49 -18.08
C MET A 127 21.11 2.89 -17.59
N VAL A 128 21.21 3.83 -18.54
CA VAL A 128 21.55 5.22 -18.22
C VAL A 128 20.85 6.13 -19.21
N GLY A 129 20.96 7.42 -18.98
CA GLY A 129 20.33 8.35 -19.89
C GLY A 129 19.35 9.29 -19.23
N ALA A 130 19.04 10.37 -19.94
CA ALA A 130 18.13 11.38 -19.44
C ALA A 130 17.58 12.17 -20.61
N ALA A 131 16.41 12.79 -20.43
CA ALA A 131 15.83 13.56 -21.51
C ALA A 131 16.46 14.94 -21.61
N SER A 132 16.79 15.54 -20.46
CA SER A 132 17.39 16.87 -20.43
C SER A 132 18.70 16.99 -21.21
N THR A 133 19.35 15.85 -21.48
CA THR A 133 20.59 15.84 -22.23
C THR A 133 20.40 16.44 -23.62
N TYR A 134 19.26 16.12 -24.24
CA TYR A 134 18.94 16.61 -25.58
C TYR A 134 18.09 17.88 -25.60
N ASP A 135 18.69 18.97 -26.04
CA ASP A 135 17.99 20.24 -26.11
C ASP A 135 17.25 20.34 -27.43
N GLY A 136 15.98 20.68 -27.38
CA GLY A 136 15.20 20.77 -28.60
C GLY A 136 15.01 22.16 -29.17
N LEU A 137 15.55 23.16 -28.50
CA LEU A 137 15.41 24.55 -28.97
C LEU A 137 15.66 24.75 -30.46
N ALA A 138 16.79 24.23 -30.95
CA ALA A 138 17.13 24.38 -32.36
C ALA A 138 16.16 23.64 -33.29
N LEU A 139 15.99 22.34 -33.10
CA LEU A 139 15.10 21.60 -33.97
C LEU A 139 13.70 22.19 -34.01
N ALA A 140 13.20 22.58 -32.85
CA ALA A 140 11.85 23.14 -32.76
C ALA A 140 11.69 24.39 -33.60
N ALA A 141 12.66 25.29 -33.52
CA ALA A 141 12.62 26.55 -34.25
C ALA A 141 12.93 26.38 -35.71
N HIS A 142 14.06 25.74 -35.99
CA HIS A 142 14.53 25.50 -37.34
C HIS A 142 13.57 24.74 -38.25
N GLU A 143 12.82 23.80 -37.71
CA GLU A 143 11.88 23.07 -38.55
C GLU A 143 10.42 23.26 -38.19
N ASN A 144 10.19 24.15 -37.23
CA ASN A 144 8.85 24.48 -36.77
C ASN A 144 8.01 23.24 -36.47
N VAL A 145 8.45 22.51 -35.46
CA VAL A 145 7.80 21.30 -34.98
C VAL A 145 7.94 21.27 -33.46
N VAL A 146 7.00 20.63 -32.79
CA VAL A 146 7.06 20.54 -31.32
C VAL A 146 7.95 19.36 -30.95
N VAL A 147 9.01 19.63 -30.19
CA VAL A 147 9.92 18.58 -29.79
C VAL A 147 9.66 18.18 -28.35
N VAL A 148 9.49 16.89 -28.12
CA VAL A 148 9.22 16.36 -26.79
C VAL A 148 10.28 15.34 -26.39
N THR A 149 10.99 15.61 -25.31
CA THR A 149 12.00 14.68 -24.83
C THR A 149 11.45 14.00 -23.58
N ILE A 150 11.25 12.67 -23.65
CA ILE A 150 10.71 11.94 -22.50
C ILE A 150 11.75 11.11 -21.77
N GLN A 151 11.38 10.65 -20.60
CA GLN A 151 12.23 9.79 -19.78
C GLN A 151 11.46 8.53 -19.40
N TYR A 152 12.19 7.49 -19.02
CA TYR A 152 11.57 6.25 -18.63
C TYR A 152 12.48 5.50 -17.68
N ARG A 153 11.89 4.73 -16.78
CA ARG A 153 12.66 3.96 -15.81
C ARG A 153 13.80 3.17 -16.47
N LEU A 154 14.95 3.15 -15.80
CA LEU A 154 16.13 2.47 -16.34
C LEU A 154 16.56 1.35 -15.44
N GLY A 155 17.42 0.51 -15.98
CA GLY A 155 17.96 -0.62 -15.22
C GLY A 155 16.93 -1.43 -14.46
N ILE A 156 17.28 -1.76 -13.22
CA ILE A 156 16.42 -2.55 -12.36
C ILE A 156 15.03 -1.93 -12.28
N TRP A 157 14.99 -0.64 -11.93
CA TRP A 157 13.75 0.10 -11.81
C TRP A 157 12.80 -0.02 -13.00
N GLY A 158 13.34 -0.14 -14.20
CA GLY A 158 12.49 -0.24 -15.37
C GLY A 158 12.51 -1.53 -16.16
N PHE A 159 13.32 -2.51 -15.75
CA PHE A 159 13.37 -3.76 -16.53
C PHE A 159 13.53 -5.05 -15.76
N PHE A 160 13.35 -4.99 -14.44
CA PHE A 160 13.47 -6.19 -13.63
C PHE A 160 12.27 -7.09 -13.87
N SER A 161 12.53 -8.29 -14.38
CA SER A 161 11.45 -9.22 -14.63
C SER A 161 11.71 -10.57 -13.99
N THR A 162 10.68 -11.12 -13.36
CA THR A 162 10.79 -12.43 -12.73
C THR A 162 10.29 -13.49 -13.69
N GLY A 163 9.92 -13.08 -14.89
CA GLY A 163 9.41 -14.01 -15.88
C GLY A 163 7.93 -14.35 -15.75
N ASP A 164 7.28 -13.88 -14.69
CA ASP A 164 5.86 -14.14 -14.46
C ASP A 164 5.07 -12.90 -14.08
N GLU A 165 3.79 -13.11 -13.77
CA GLU A 165 2.89 -12.03 -13.41
C GLU A 165 3.30 -11.23 -12.18
N HIS A 166 4.22 -11.77 -11.38
CA HIS A 166 4.67 -11.07 -10.17
C HIS A 166 5.59 -9.91 -10.46
N SER A 167 6.04 -9.81 -11.70
CA SER A 167 6.89 -8.72 -12.16
C SER A 167 7.29 -8.93 -13.61
N ARG A 168 6.28 -8.94 -14.48
CA ARG A 168 6.50 -9.13 -15.91
C ARG A 168 7.72 -8.38 -16.43
N GLY A 169 7.79 -7.08 -16.15
CA GLY A 169 8.92 -6.29 -16.63
C GLY A 169 8.55 -5.27 -17.70
N ASN A 170 9.56 -4.76 -18.40
CA ASN A 170 9.34 -3.77 -19.43
C ASN A 170 8.70 -2.50 -18.87
N TRP A 171 8.83 -2.30 -17.57
CA TRP A 171 8.26 -1.12 -16.94
C TRP A 171 8.64 0.10 -17.75
N GLY A 172 9.92 0.14 -18.13
CA GLY A 172 10.44 1.27 -18.90
C GLY A 172 9.70 1.52 -20.18
N HIS A 173 9.43 0.45 -20.92
CA HIS A 173 8.71 0.56 -22.16
C HIS A 173 7.30 1.06 -21.91
N LEU A 174 6.70 0.64 -20.80
CA LEU A 174 5.36 1.08 -20.45
C LEU A 174 5.38 2.57 -20.13
N ASP A 175 6.50 3.05 -19.56
CA ASP A 175 6.60 4.45 -19.24
C ASP A 175 6.57 5.27 -20.54
N GLN A 176 7.27 4.76 -21.56
CA GLN A 176 7.36 5.42 -22.87
C GLN A 176 5.96 5.45 -23.46
N VAL A 177 5.22 4.36 -23.31
CA VAL A 177 3.88 4.36 -23.84
C VAL A 177 3.03 5.38 -23.08
N ALA A 178 3.22 5.42 -21.77
CA ALA A 178 2.51 6.36 -20.90
C ALA A 178 2.79 7.79 -21.34
N ALA A 179 4.05 8.06 -21.65
CA ALA A 179 4.41 9.39 -22.08
C ALA A 179 3.71 9.68 -23.41
N LEU A 180 3.57 8.67 -24.26
CA LEU A 180 2.91 8.87 -25.54
C LEU A 180 1.43 9.16 -25.36
N ARG A 181 0.76 8.49 -24.42
CA ARG A 181 -0.65 8.74 -24.16
C ARG A 181 -0.80 10.17 -23.66
N TRP A 182 0.13 10.63 -22.83
CA TRP A 182 0.06 11.99 -22.30
C TRP A 182 0.06 13.01 -23.43
N VAL A 183 0.92 12.75 -24.41
CA VAL A 183 1.04 13.61 -25.59
C VAL A 183 -0.30 13.68 -26.34
N GLN A 184 -0.97 12.54 -26.50
CA GLN A 184 -2.25 12.50 -27.19
C GLN A 184 -3.33 13.29 -26.44
N ASP A 185 -3.16 13.44 -25.14
CA ASP A 185 -4.16 14.14 -24.38
C ASP A 185 -3.75 15.52 -23.93
N ASN A 186 -2.61 16.01 -24.38
CA ASN A 186 -2.16 17.33 -23.94
C ASN A 186 -1.39 18.16 -24.96
N ILE A 187 -0.61 17.51 -25.79
CA ILE A 187 0.22 18.24 -26.74
C ILE A 187 -0.54 19.32 -27.50
N ALA A 188 -1.82 19.09 -27.73
CA ALA A 188 -2.59 20.07 -28.46
C ALA A 188 -2.61 21.43 -27.78
N SER A 189 -2.36 21.44 -26.47
CA SER A 189 -2.32 22.68 -25.68
C SER A 189 -0.96 23.32 -25.81
N PHE A 190 -0.06 22.69 -26.53
CA PHE A 190 1.28 23.25 -26.72
C PHE A 190 1.52 23.52 -28.22
N GLY A 191 0.41 23.71 -28.93
CA GLY A 191 0.46 24.00 -30.36
C GLY A 191 0.90 22.81 -31.18
N GLY A 192 0.77 21.63 -30.60
CA GLY A 192 1.15 20.42 -31.28
C GLY A 192 -0.06 19.65 -31.74
N ASN A 193 0.08 18.95 -32.86
CA ASN A 193 -1.01 18.17 -33.42
C ASN A 193 -0.96 16.72 -32.94
N PRO A 194 -1.84 16.35 -32.02
CA PRO A 194 -1.85 14.98 -31.51
C PRO A 194 -2.06 13.96 -32.62
N GLY A 195 -2.50 14.43 -33.78
CA GLY A 195 -2.75 13.54 -34.89
C GLY A 195 -1.53 13.25 -35.73
N SER A 196 -0.44 13.97 -35.45
CA SER A 196 0.81 13.81 -36.19
C SER A 196 1.98 13.74 -35.21
N VAL A 197 2.08 12.62 -34.52
CA VAL A 197 3.16 12.39 -33.55
C VAL A 197 4.17 11.40 -34.14
N THR A 198 5.43 11.82 -34.21
CA THR A 198 6.49 10.98 -34.74
C THR A 198 7.41 10.60 -33.58
N ILE A 199 7.69 9.31 -33.38
CA ILE A 199 8.62 8.90 -32.33
C ILE A 199 9.97 8.60 -32.96
N PHE A 200 11.03 8.96 -32.25
CA PHE A 200 12.38 8.71 -32.74
C PHE A 200 13.34 8.68 -31.57
N GLY A 201 14.36 7.83 -31.67
CA GLY A 201 15.36 7.71 -30.62
C GLY A 201 16.65 7.13 -31.17
N GLU A 202 17.70 7.16 -30.36
CA GLU A 202 19.01 6.67 -30.77
C GLU A 202 19.43 5.52 -29.84
N SER A 203 20.14 4.54 -30.39
CA SER A 203 20.58 3.40 -29.61
C SER A 203 19.40 2.68 -28.90
N ALA A 204 19.42 2.62 -27.57
CA ALA A 204 18.33 1.96 -26.86
C ALA A 204 17.02 2.64 -27.23
N GLY A 205 17.10 3.95 -27.48
CA GLY A 205 15.93 4.71 -27.87
C GLY A 205 15.40 4.18 -29.19
N GLY A 206 16.32 3.79 -30.06
CA GLY A 206 15.92 3.25 -31.35
C GLY A 206 15.28 1.91 -31.18
N GLU A 207 15.89 1.09 -30.32
CA GLU A 207 15.37 -0.24 -30.02
C GLU A 207 13.97 -0.09 -29.42
N SER A 208 13.78 0.94 -28.59
CA SER A 208 12.48 1.20 -27.99
C SER A 208 11.49 1.58 -29.09
N VAL A 209 11.88 2.52 -29.93
CA VAL A 209 11.02 2.92 -31.03
C VAL A 209 10.62 1.69 -31.85
N SER A 210 11.57 0.76 -32.04
CA SER A 210 11.30 -0.46 -32.78
C SER A 210 10.34 -1.36 -32.04
N VAL A 211 10.47 -1.39 -30.70
CA VAL A 211 9.60 -2.22 -29.85
C VAL A 211 8.19 -1.64 -29.84
N LEU A 212 8.10 -0.32 -29.69
CA LEU A 212 6.81 0.34 -29.68
C LEU A 212 6.08 0.04 -31.00
N VAL A 213 6.85 -0.08 -32.07
CA VAL A 213 6.26 -0.36 -33.38
C VAL A 213 5.64 -1.75 -33.44
N LEU A 214 6.21 -2.68 -32.68
CA LEU A 214 5.70 -4.06 -32.65
C LEU A 214 4.66 -4.25 -31.55
N SER A 215 4.67 -3.36 -30.56
CA SER A 215 3.73 -3.46 -29.45
C SER A 215 2.31 -3.02 -29.76
N PRO A 216 1.33 -3.85 -29.36
CA PRO A 216 -0.08 -3.54 -29.60
C PRO A 216 -0.47 -2.34 -28.75
N LEU A 217 0.17 -2.17 -27.59
CA LEU A 217 -0.16 -1.07 -26.70
C LEU A 217 0.12 0.29 -27.29
N ALA A 218 1.15 0.38 -28.12
CA ALA A 218 1.55 1.63 -28.72
C ALA A 218 0.70 2.00 -29.92
N LYS A 219 -0.14 1.07 -30.36
CA LYS A 219 -0.99 1.33 -31.52
C LYS A 219 -1.79 2.61 -31.35
N ASN A 220 -1.76 3.46 -32.38
CA ASN A 220 -2.50 4.72 -32.38
C ASN A 220 -1.96 5.82 -31.47
N LEU A 221 -0.73 5.66 -30.98
CA LEU A 221 -0.11 6.65 -30.11
C LEU A 221 0.89 7.48 -30.87
N PHE A 222 1.23 7.02 -32.07
CA PHE A 222 2.19 7.68 -32.96
C PHE A 222 1.86 7.34 -34.43
N HIS A 223 2.30 8.20 -35.36
CA HIS A 223 2.00 8.01 -36.77
C HIS A 223 3.20 7.88 -37.69
N ARG A 224 4.40 7.93 -37.09
CA ARG A 224 5.67 7.81 -37.80
C ARG A 224 6.71 7.42 -36.78
N ALA A 225 7.68 6.63 -37.22
CA ALA A 225 8.74 6.16 -36.34
C ALA A 225 10.11 6.22 -36.99
N ILE A 226 11.11 6.57 -36.20
CA ILE A 226 12.49 6.63 -36.69
C ILE A 226 13.43 5.93 -35.69
N SER A 227 14.24 5.00 -36.20
CA SER A 227 15.19 4.29 -35.36
C SER A 227 16.61 4.60 -35.77
N GLU A 228 17.36 5.19 -34.85
CA GLU A 228 18.75 5.56 -35.11
C GLU A 228 19.74 4.64 -34.43
N SER A 229 20.35 3.77 -35.21
CA SER A 229 21.35 2.86 -34.65
C SER A 229 20.74 2.05 -33.52
N GLY A 230 19.79 1.17 -33.86
CA GLY A 230 19.16 0.34 -32.84
C GLY A 230 17.75 -0.10 -33.16
N VAL A 231 17.52 -1.41 -33.13
CA VAL A 231 16.21 -1.94 -33.41
C VAL A 231 15.89 -3.12 -32.48
N ALA A 232 14.72 -3.72 -32.64
CA ALA A 232 14.27 -4.82 -31.81
C ALA A 232 15.05 -6.11 -32.08
N LEU A 233 15.83 -6.11 -33.16
CA LEU A 233 16.64 -7.29 -33.51
C LEU A 233 18.05 -7.18 -32.93
N THR A 234 18.30 -6.10 -32.18
CA THR A 234 19.59 -5.86 -31.52
C THR A 234 19.57 -6.68 -30.23
N SER A 235 19.73 -7.99 -30.41
CA SER A 235 19.76 -9.00 -29.34
C SER A 235 20.18 -8.49 -27.96
N VAL A 236 21.31 -7.80 -27.93
CA VAL A 236 21.85 -7.29 -26.69
C VAL A 236 20.78 -6.62 -25.80
N LEU A 237 19.82 -5.93 -26.39
CA LEU A 237 18.76 -5.27 -25.61
C LEU A 237 17.43 -6.01 -25.59
N VAL A 238 17.44 -7.31 -25.87
CA VAL A 238 16.21 -8.08 -25.86
C VAL A 238 16.47 -9.44 -25.25
N LYS A 239 16.06 -9.62 -24.01
CA LYS A 239 16.26 -10.86 -23.30
C LYS A 239 15.24 -11.92 -23.70
N LYS A 240 15.73 -13.06 -24.17
CA LYS A 240 14.88 -14.18 -24.56
C LYS A 240 15.18 -15.38 -23.67
N GLY A 241 14.24 -16.29 -23.57
CA GLY A 241 14.48 -17.44 -22.74
C GLY A 241 13.98 -17.19 -21.33
N ASP A 242 14.50 -17.94 -20.37
CA ASP A 242 14.06 -17.78 -19.00
C ASP A 242 14.86 -16.69 -18.30
N VAL A 243 14.19 -15.62 -17.89
CA VAL A 243 14.85 -14.51 -17.23
C VAL A 243 14.92 -14.75 -15.72
N LYS A 244 14.19 -15.77 -15.25
CA LYS A 244 14.14 -16.13 -13.84
C LYS A 244 15.52 -16.15 -13.17
N PRO A 245 16.51 -16.76 -13.85
CA PRO A 245 17.87 -16.81 -13.30
C PRO A 245 18.49 -15.42 -13.08
N LEU A 246 18.24 -14.50 -14.02
CA LEU A 246 18.79 -13.16 -13.87
C LEU A 246 18.13 -12.50 -12.68
N ALA A 247 16.82 -12.66 -12.55
CA ALA A 247 16.08 -12.07 -11.45
C ALA A 247 16.69 -12.52 -10.14
N GLU A 248 16.87 -13.82 -10.02
CA GLU A 248 17.43 -14.42 -8.82
C GLU A 248 18.81 -13.89 -8.51
N GLN A 249 19.63 -13.74 -9.54
CA GLN A 249 21.00 -13.25 -9.35
C GLN A 249 20.99 -11.82 -8.80
N ILE A 250 20.05 -11.01 -9.28
CA ILE A 250 19.91 -9.63 -8.82
C ILE A 250 19.44 -9.62 -7.39
N ALA A 251 18.41 -10.43 -7.11
CA ALA A 251 17.81 -10.56 -5.79
C ALA A 251 18.86 -10.81 -4.74
N ILE A 252 19.68 -11.81 -5.01
CA ILE A 252 20.75 -12.18 -4.10
C ILE A 252 21.72 -11.01 -3.96
N THR A 253 22.13 -10.44 -5.09
CA THR A 253 23.06 -9.32 -5.07
C THR A 253 22.51 -8.16 -4.28
N ALA A 254 21.19 -8.11 -4.20
CA ALA A 254 20.51 -7.06 -3.46
C ALA A 254 20.29 -7.51 -2.03
N GLY A 255 20.74 -8.73 -1.71
CA GLY A 255 20.57 -9.24 -0.37
C GLY A 255 19.14 -9.70 -0.09
N CYS A 256 18.53 -10.28 -1.11
CA CYS A 256 17.16 -10.78 -0.99
C CYS A 256 17.08 -12.29 -1.10
N LYS A 257 15.96 -12.85 -0.65
CA LYS A 257 15.76 -14.27 -0.77
C LYS A 257 15.18 -14.53 -2.15
N THR A 258 15.21 -15.79 -2.59
CA THR A 258 14.68 -16.11 -3.88
C THR A 258 13.69 -17.27 -3.81
N THR A 259 13.07 -17.44 -2.65
CA THR A 259 12.10 -18.51 -2.43
C THR A 259 11.06 -18.57 -3.56
N THR A 260 10.49 -17.41 -3.91
CA THR A 260 9.52 -17.36 -5.00
C THR A 260 9.60 -16.00 -5.64
N SER A 261 9.05 -15.89 -6.85
CA SER A 261 9.03 -14.63 -7.54
C SER A 261 8.49 -13.54 -6.61
N ALA A 262 7.26 -13.73 -6.15
CA ALA A 262 6.60 -12.79 -5.26
C ALA A 262 7.56 -12.35 -4.14
N VAL A 263 8.21 -13.31 -3.51
CA VAL A 263 9.13 -12.97 -2.44
C VAL A 263 10.21 -12.02 -2.93
N MET A 264 10.80 -12.35 -4.07
CA MET A 264 11.84 -11.50 -4.64
C MET A 264 11.35 -10.07 -4.86
N VAL A 265 10.23 -9.94 -5.56
CA VAL A 265 9.67 -8.63 -5.86
C VAL A 265 9.36 -7.85 -4.60
N HIS A 266 8.81 -8.54 -3.60
CA HIS A 266 8.47 -7.86 -2.35
C HIS A 266 9.74 -7.35 -1.65
N CYS A 267 10.77 -8.18 -1.65
CA CYS A 267 12.00 -7.80 -1.02
C CYS A 267 12.65 -6.59 -1.68
N LEU A 268 12.71 -6.62 -3.00
CA LEU A 268 13.29 -5.52 -3.73
C LEU A 268 12.49 -4.23 -3.51
N ARG A 269 11.18 -4.35 -3.35
CA ARG A 269 10.37 -3.14 -3.13
C ARG A 269 10.70 -2.52 -1.81
N GLN A 270 11.35 -3.30 -0.95
CA GLN A 270 11.74 -2.85 0.37
C GLN A 270 13.08 -2.11 0.30
N LYS A 271 13.92 -2.52 -0.63
CA LYS A 271 15.22 -1.89 -0.76
C LYS A 271 15.07 -0.39 -1.01
N THR A 272 16.08 0.38 -0.62
CA THR A 272 16.04 1.81 -0.82
C THR A 272 16.58 2.08 -2.20
N GLU A 273 16.24 3.24 -2.76
CA GLU A 273 16.74 3.62 -4.08
C GLU A 273 18.24 3.42 -4.07
N GLU A 274 18.84 3.85 -2.97
CA GLU A 274 20.26 3.75 -2.79
C GLU A 274 20.77 2.31 -2.79
N GLU A 275 20.08 1.42 -2.08
CA GLU A 275 20.51 0.02 -2.04
C GLU A 275 20.49 -0.61 -3.44
N LEU A 276 19.45 -0.34 -4.21
CA LEU A 276 19.35 -0.87 -5.55
C LEU A 276 20.38 -0.24 -6.47
N LEU A 277 20.80 0.99 -6.16
CA LEU A 277 21.81 1.65 -6.97
C LEU A 277 23.15 0.97 -6.78
N GLU A 278 23.43 0.56 -5.54
CA GLU A 278 24.68 -0.12 -5.25
C GLU A 278 24.64 -1.48 -5.91
N THR A 279 23.47 -2.12 -5.86
CA THR A 279 23.32 -3.42 -6.48
C THR A 279 23.72 -3.28 -7.94
N THR A 280 23.19 -2.24 -8.58
CA THR A 280 23.47 -1.93 -9.99
C THR A 280 24.96 -1.92 -10.24
N LEU A 281 25.67 -1.18 -9.39
CA LEU A 281 27.11 -1.06 -9.49
C LEU A 281 27.77 -2.40 -9.23
N LYS A 282 27.28 -3.14 -8.25
CA LYS A 282 27.87 -4.44 -8.01
C LYS A 282 27.72 -5.32 -9.24
N MET A 283 26.57 -5.28 -9.91
CA MET A 283 26.33 -6.11 -11.10
C MET A 283 27.30 -5.91 -12.27
N LYS A 284 27.76 -4.67 -12.45
CA LYS A 284 28.66 -4.26 -13.54
C LYS A 284 28.09 -4.70 -14.89
N PHE A 285 27.22 -3.86 -15.44
CA PHE A 285 26.56 -4.12 -16.71
C PHE A 285 27.29 -3.52 -17.90
N LEU A 286 27.73 -2.28 -17.73
CA LEU A 286 28.46 -1.59 -18.79
C LEU A 286 29.64 -2.40 -19.28
N SER A 287 30.56 -2.66 -18.34
CA SER A 287 31.81 -3.38 -18.58
C SER A 287 31.74 -4.84 -19.03
N LEU A 288 32.23 -5.08 -20.26
CA LEU A 288 32.31 -6.43 -20.82
C LEU A 288 33.22 -7.28 -19.93
N ASP A 289 32.68 -8.39 -19.44
CA ASP A 289 33.46 -9.28 -18.58
C ASP A 289 34.51 -9.99 -19.44
N LEU A 290 35.75 -10.05 -18.94
CA LEU A 290 36.82 -10.71 -19.70
C LEU A 290 37.04 -12.19 -19.38
N GLN A 291 36.87 -12.56 -18.11
CA GLN A 291 37.06 -13.95 -17.70
C GLN A 291 35.75 -14.69 -17.48
N GLY A 292 35.83 -15.92 -17.01
CA GLY A 292 34.64 -16.71 -16.76
C GLY A 292 34.03 -17.15 -18.07
N ASP A 293 32.76 -17.53 -18.02
CA ASP A 293 32.03 -17.98 -19.20
C ASP A 293 31.27 -16.83 -19.84
N PRO A 294 31.62 -16.47 -21.09
CA PRO A 294 31.01 -15.38 -21.84
C PRO A 294 29.48 -15.46 -21.90
N ARG A 295 28.93 -16.68 -21.80
CA ARG A 295 27.49 -16.88 -21.86
C ARG A 295 26.79 -16.66 -20.52
N GLU A 296 27.55 -16.21 -19.53
CA GLU A 296 27.03 -15.93 -18.19
C GLU A 296 27.23 -14.46 -17.79
N SER A 297 27.91 -13.69 -18.65
CA SER A 297 28.14 -12.28 -18.38
C SER A 297 26.92 -11.50 -18.84
N GLN A 298 25.88 -11.47 -18.01
CA GLN A 298 24.67 -10.75 -18.37
C GLN A 298 25.03 -9.30 -18.61
N PRO A 299 24.89 -8.87 -19.88
CA PRO A 299 25.20 -7.51 -20.28
C PRO A 299 24.04 -6.61 -19.88
N LEU A 300 22.87 -7.20 -19.64
CA LEU A 300 21.73 -6.37 -19.33
C LEU A 300 20.57 -6.79 -18.45
N LEU A 301 19.61 -5.90 -18.52
CA LEU A 301 18.31 -5.91 -17.90
C LEU A 301 17.70 -5.27 -19.12
N GLY A 302 16.87 -5.96 -19.88
CA GLY A 302 16.32 -5.29 -21.04
C GLY A 302 14.89 -5.68 -21.36
N THR A 303 14.52 -5.46 -22.62
CA THR A 303 13.18 -5.76 -23.11
C THR A 303 12.95 -7.27 -23.00
N VAL A 304 11.79 -7.67 -22.49
CA VAL A 304 11.46 -9.08 -22.38
C VAL A 304 10.13 -9.26 -23.08
N ILE A 305 9.67 -10.51 -23.18
CA ILE A 305 8.39 -10.77 -23.82
C ILE A 305 7.36 -10.94 -22.72
N ASP A 306 6.95 -9.84 -22.11
CA ASP A 306 5.98 -9.88 -21.02
C ASP A 306 4.61 -10.45 -21.33
N GLY A 307 4.17 -10.31 -22.58
CA GLY A 307 2.85 -10.80 -22.92
C GLY A 307 1.86 -9.64 -22.90
N MET A 308 2.34 -8.47 -22.49
CA MET A 308 1.51 -7.26 -22.43
C MET A 308 1.96 -6.32 -23.53
N LEU A 309 3.22 -5.89 -23.47
CA LEU A 309 3.80 -4.97 -24.45
C LEU A 309 4.16 -5.74 -25.72
N LEU A 310 4.81 -6.87 -25.56
CA LEU A 310 5.21 -7.74 -26.67
C LEU A 310 4.62 -9.12 -26.45
N LEU A 311 3.81 -9.57 -27.40
CA LEU A 311 3.17 -10.88 -27.32
C LEU A 311 4.11 -12.01 -27.69
N LYS A 312 5.21 -11.65 -28.33
CA LYS A 312 6.22 -12.63 -28.70
C LYS A 312 7.47 -11.93 -29.19
N THR A 313 8.53 -12.69 -29.41
CA THR A 313 9.79 -12.12 -29.81
C THR A 313 9.67 -11.28 -31.08
N PRO A 314 10.46 -10.21 -31.17
CA PRO A 314 10.44 -9.32 -32.32
C PRO A 314 10.46 -10.09 -33.64
N GLU A 315 11.39 -11.05 -33.72
CA GLU A 315 11.52 -11.85 -34.91
C GLU A 315 10.17 -12.43 -35.33
N GLU A 316 9.47 -13.05 -34.40
CA GLU A 316 8.17 -13.63 -34.70
C GLU A 316 7.20 -12.55 -35.16
N LEU A 317 7.14 -11.46 -34.41
CA LEU A 317 6.23 -10.37 -34.71
C LEU A 317 6.38 -9.80 -36.12
N GLN A 318 7.61 -9.42 -36.49
CA GLN A 318 7.86 -8.85 -37.82
C GLN A 318 7.56 -9.83 -38.95
N ALA A 319 7.39 -11.09 -38.59
CA ALA A 319 7.09 -12.13 -39.57
C ALA A 319 5.59 -12.13 -39.86
N GLU A 320 4.94 -10.99 -39.63
CA GLU A 320 3.51 -10.87 -39.87
C GLU A 320 3.17 -9.55 -40.52
N ARG A 321 2.18 -9.57 -41.42
CA ARG A 321 1.71 -8.37 -42.12
C ARG A 321 0.26 -8.06 -41.68
N ASN A 322 -0.10 -8.47 -40.47
CA ASN A 322 -1.45 -8.26 -39.93
C ASN A 322 -1.38 -7.36 -38.69
N PHE A 323 -1.02 -6.10 -38.90
CA PHE A 323 -0.91 -5.14 -37.80
C PHE A 323 -0.93 -3.71 -38.36
N HIS A 324 -0.96 -2.73 -37.47
CA HIS A 324 -0.98 -1.32 -37.85
C HIS A 324 0.42 -0.92 -38.32
N THR A 325 0.52 -0.41 -39.55
CA THR A 325 1.80 0.01 -40.12
C THR A 325 1.92 1.52 -40.30
N VAL A 326 3.12 2.04 -40.11
CA VAL A 326 3.35 3.48 -40.27
C VAL A 326 4.71 3.74 -40.92
N PRO A 327 4.93 4.94 -41.46
CA PRO A 327 6.22 5.26 -42.09
C PRO A 327 7.31 5.00 -41.07
N TYR A 328 8.31 4.22 -41.46
CA TYR A 328 9.38 3.89 -40.55
C TYR A 328 10.71 4.22 -41.17
N MET A 329 11.56 4.97 -40.45
CA MET A 329 12.88 5.32 -40.96
C MET A 329 13.94 4.69 -40.05
N VAL A 330 14.69 3.73 -40.59
CA VAL A 330 15.74 3.03 -39.84
C VAL A 330 17.11 3.33 -40.42
N GLY A 331 18.02 3.85 -39.60
CA GLY A 331 19.32 4.13 -40.13
C GLY A 331 20.45 3.70 -39.24
N ILE A 332 21.66 3.74 -39.77
CA ILE A 332 22.87 3.39 -39.04
C ILE A 332 24.02 4.34 -39.38
N ASN A 333 25.13 4.19 -38.67
CA ASN A 333 26.31 5.02 -38.91
C ASN A 333 27.46 4.17 -39.46
N LYS A 334 28.37 4.81 -40.21
CA LYS A 334 29.49 4.09 -40.82
C LYS A 334 30.23 3.16 -39.86
N GLN A 335 30.59 3.68 -38.69
CA GLN A 335 31.31 2.89 -37.70
C GLN A 335 30.59 2.88 -36.36
N GLU A 336 29.57 2.02 -36.22
CA GLU A 336 28.79 1.94 -35.00
C GLU A 336 29.64 1.55 -33.79
N PHE A 337 30.61 0.67 -34.01
CA PHE A 337 31.46 0.25 -32.91
C PHE A 337 32.82 0.91 -33.06
N GLY A 338 32.81 2.13 -33.59
CA GLY A 338 34.04 2.85 -33.80
C GLY A 338 34.89 3.22 -32.60
N TRP A 339 34.29 3.92 -31.64
CA TRP A 339 35.03 4.33 -30.47
C TRP A 339 34.17 4.39 -29.21
N LEU A 340 33.07 5.15 -29.29
CA LEU A 340 32.14 5.36 -28.18
C LEU A 340 31.79 4.12 -27.36
N ILE A 341 31.05 3.19 -27.95
CA ILE A 341 30.70 1.98 -27.23
C ILE A 341 31.94 1.29 -26.66
N PRO A 342 32.89 0.86 -27.52
CA PRO A 342 34.10 0.18 -27.04
C PRO A 342 34.85 0.91 -25.93
N MET A 343 34.87 2.24 -26.01
CA MET A 343 35.55 3.03 -25.01
C MET A 343 34.84 2.93 -23.66
N LEU A 344 33.53 2.76 -23.66
CA LEU A 344 32.76 2.68 -22.42
C LEU A 344 32.86 1.31 -21.74
N MET A 345 32.88 0.26 -22.56
CA MET A 345 32.96 -1.10 -22.06
C MET A 345 34.40 -1.49 -21.77
N SER A 346 35.28 -0.49 -21.84
CA SER A 346 36.70 -0.67 -21.58
C SER A 346 37.31 -1.81 -22.40
N TYR A 347 36.82 -1.99 -23.62
CA TYR A 347 37.36 -3.04 -24.49
C TYR A 347 38.88 -3.02 -24.56
N PRO A 348 39.50 -4.20 -24.42
CA PRO A 348 40.95 -4.42 -24.46
C PRO A 348 41.64 -4.16 -25.81
N LEU A 349 41.19 -3.13 -26.54
CA LEU A 349 41.79 -2.80 -27.81
C LEU A 349 42.87 -1.75 -27.68
N SER A 350 43.15 -1.34 -26.46
CA SER A 350 44.16 -0.34 -26.17
C SER A 350 45.51 -0.56 -26.86
N GLU A 351 45.80 -1.82 -27.22
CA GLU A 351 47.06 -2.14 -27.91
C GLU A 351 47.22 -1.38 -29.22
N GLY A 352 46.13 -1.23 -29.97
CA GLY A 352 46.17 -0.51 -31.23
C GLY A 352 45.91 -1.40 -32.41
N GLN A 353 46.23 -2.69 -32.26
CA GLN A 353 46.04 -3.66 -33.32
C GLN A 353 45.46 -4.96 -32.75
N LEU A 354 45.24 -5.93 -33.61
CA LEU A 354 44.67 -7.20 -33.17
C LEU A 354 45.02 -8.28 -34.19
N ASP A 355 45.17 -9.52 -33.72
CA ASP A 355 45.51 -10.64 -34.61
C ASP A 355 44.40 -11.67 -34.60
N GLN A 356 44.35 -12.48 -35.66
CA GLN A 356 43.34 -13.52 -35.81
C GLN A 356 43.02 -14.30 -34.52
N LYS A 357 44.07 -14.65 -33.78
CA LYS A 357 43.93 -15.41 -32.54
C LYS A 357 43.23 -14.63 -31.43
N THR A 358 43.76 -13.45 -31.12
CA THR A 358 43.17 -12.64 -30.08
C THR A 358 41.78 -12.18 -30.50
N ALA A 359 41.58 -12.13 -31.82
CA ALA A 359 40.31 -11.72 -32.37
C ALA A 359 39.23 -12.71 -31.96
N MET A 360 39.42 -13.98 -32.32
CA MET A 360 38.46 -15.01 -31.98
C MET A 360 38.21 -15.06 -30.48
N SER A 361 39.19 -14.62 -29.71
CA SER A 361 39.10 -14.59 -28.27
C SER A 361 38.10 -13.52 -27.82
N LEU A 362 38.37 -12.28 -28.24
CA LEU A 362 37.52 -11.15 -27.91
C LEU A 362 36.10 -11.39 -28.40
N LEU A 363 35.96 -11.88 -29.63
CA LEU A 363 34.64 -12.13 -30.20
C LEU A 363 33.85 -13.07 -29.29
N TRP A 364 34.56 -13.98 -28.64
CA TRP A 364 33.92 -14.94 -27.74
C TRP A 364 33.45 -14.21 -26.49
N LYS A 365 34.36 -13.50 -25.84
CA LYS A 365 34.01 -12.78 -24.63
C LYS A 365 32.95 -11.72 -24.91
N SER A 366 32.80 -11.37 -26.18
CA SER A 366 31.84 -10.36 -26.60
C SER A 366 30.51 -11.03 -26.87
N TYR A 367 30.38 -12.26 -26.37
CA TYR A 367 29.17 -13.05 -26.56
C TYR A 367 27.89 -12.32 -26.18
N PRO A 368 27.86 -11.69 -25.00
CA PRO A 368 26.66 -10.97 -24.57
C PRO A 368 26.26 -9.80 -25.47
N LEU A 369 27.07 -9.54 -26.50
CA LEU A 369 26.80 -8.45 -27.43
C LEU A 369 26.48 -8.92 -28.84
N VAL A 370 27.19 -9.96 -29.28
CA VAL A 370 26.97 -10.48 -30.62
C VAL A 370 26.27 -11.83 -30.62
N CYS A 371 26.35 -12.53 -29.50
CA CYS A 371 25.73 -13.85 -29.34
C CYS A 371 26.17 -14.80 -30.45
N ILE A 372 27.47 -14.99 -30.61
CA ILE A 372 28.00 -15.87 -31.64
C ILE A 372 28.55 -17.14 -31.01
N ALA A 373 27.95 -18.28 -31.35
CA ALA A 373 28.38 -19.58 -30.83
C ALA A 373 29.90 -19.70 -30.98
N LYS A 374 30.54 -20.34 -30.02
CA LYS A 374 31.99 -20.47 -30.07
C LYS A 374 32.43 -21.29 -31.29
N GLU A 375 31.50 -22.07 -31.83
CA GLU A 375 31.80 -22.90 -32.99
C GLU A 375 31.78 -22.08 -34.27
N LEU A 376 31.08 -20.94 -34.22
CA LEU A 376 30.97 -20.06 -35.37
C LEU A 376 32.06 -18.98 -35.35
N ILE A 377 32.59 -18.70 -34.16
CA ILE A 377 33.63 -17.70 -33.98
C ILE A 377 34.68 -17.73 -35.09
N PRO A 378 35.22 -18.92 -35.39
CA PRO A 378 36.24 -19.05 -36.44
C PRO A 378 35.80 -18.50 -37.80
N GLU A 379 34.69 -19.02 -38.33
CA GLU A 379 34.17 -18.59 -39.62
C GLU A 379 33.97 -17.07 -39.67
N ALA A 380 33.27 -16.54 -38.69
CA ALA A 380 33.02 -15.10 -38.64
C ALA A 380 34.32 -14.33 -38.68
N THR A 381 35.25 -14.68 -37.80
CA THR A 381 36.54 -14.01 -37.74
C THR A 381 37.23 -13.98 -39.09
N GLU A 382 37.28 -15.13 -39.74
CA GLU A 382 37.91 -15.27 -41.05
C GLU A 382 37.23 -14.41 -42.13
N LYS A 383 35.90 -14.41 -42.13
CA LYS A 383 35.14 -13.65 -43.11
C LYS A 383 35.45 -12.16 -43.06
N TYR A 384 35.84 -11.67 -41.88
CA TYR A 384 36.13 -10.24 -41.71
C TYR A 384 37.64 -9.88 -41.65
N LEU A 385 38.38 -10.59 -40.81
CA LEU A 385 39.81 -10.32 -40.68
C LEU A 385 40.69 -11.12 -41.63
N GLY A 386 40.11 -12.12 -42.29
CA GLY A 386 40.87 -12.93 -43.22
C GLY A 386 41.55 -12.13 -44.33
N GLY A 387 41.27 -10.84 -44.38
CA GLY A 387 41.86 -9.96 -45.39
C GLY A 387 43.32 -9.69 -45.14
N THR A 388 43.73 -8.43 -45.23
CA THR A 388 45.11 -8.05 -45.01
C THR A 388 45.69 -8.68 -43.75
N ASP A 389 47.00 -8.87 -43.75
CA ASP A 389 47.71 -9.46 -42.63
C ASP A 389 48.07 -8.34 -41.66
N ASP A 390 47.62 -7.14 -41.98
CA ASP A 390 47.87 -5.97 -41.16
C ASP A 390 47.11 -6.10 -39.83
N THR A 391 47.87 -6.27 -38.76
CA THR A 391 47.28 -6.43 -37.43
C THR A 391 46.41 -5.24 -37.07
N VAL A 392 46.85 -4.05 -37.44
CA VAL A 392 46.11 -2.84 -37.14
C VAL A 392 44.78 -2.81 -37.90
N LYS A 393 44.79 -3.28 -39.14
CA LYS A 393 43.58 -3.31 -39.94
C LYS A 393 42.62 -4.35 -39.41
N LYS A 394 43.16 -5.44 -38.88
CA LYS A 394 42.32 -6.49 -38.32
C LYS A 394 41.46 -5.86 -37.21
N LYS A 395 42.07 -5.00 -36.39
CA LYS A 395 41.35 -4.34 -35.30
C LYS A 395 40.15 -3.62 -35.88
N ASP A 396 40.42 -2.88 -36.94
CA ASP A 396 39.42 -2.10 -37.63
C ASP A 396 38.34 -3.00 -38.21
N LEU A 397 38.74 -4.06 -38.89
CA LEU A 397 37.79 -4.99 -39.48
C LEU A 397 37.01 -5.69 -38.39
N PHE A 398 37.67 -5.89 -37.24
CA PHE A 398 37.04 -6.55 -36.10
C PHE A 398 35.93 -5.65 -35.56
N LEU A 399 36.23 -4.35 -35.46
CA LEU A 399 35.25 -3.39 -34.99
C LEU A 399 34.06 -3.36 -35.95
N ASP A 400 34.32 -3.66 -37.23
CA ASP A 400 33.25 -3.68 -38.20
C ASP A 400 32.44 -4.94 -37.97
N LEU A 401 33.11 -6.01 -37.55
CA LEU A 401 32.44 -7.28 -37.29
C LEU A 401 31.31 -7.05 -36.28
N ILE A 402 31.68 -6.54 -35.12
CA ILE A 402 30.70 -6.29 -34.06
C ILE A 402 29.63 -5.31 -34.50
N ALA A 403 30.06 -4.15 -34.99
CA ALA A 403 29.14 -3.12 -35.47
C ALA A 403 28.09 -3.68 -36.45
N ASP A 404 28.43 -4.68 -37.25
CA ASP A 404 27.48 -5.23 -38.18
C ASP A 404 26.43 -6.11 -37.50
N VAL A 405 26.87 -6.95 -36.56
CA VAL A 405 25.97 -7.84 -35.84
C VAL A 405 25.03 -7.10 -34.90
N MET A 406 25.50 -5.98 -34.35
CA MET A 406 24.68 -5.22 -33.44
C MET A 406 23.74 -4.24 -34.09
N PHE A 407 24.17 -3.61 -35.17
CA PHE A 407 23.32 -2.62 -35.84
C PHE A 407 23.11 -2.84 -37.33
N GLY A 408 24.22 -2.97 -38.05
CA GLY A 408 24.14 -3.18 -39.49
C GLY A 408 23.11 -4.20 -39.96
N VAL A 409 23.40 -5.48 -39.79
CA VAL A 409 22.49 -6.51 -40.23
C VAL A 409 21.08 -6.42 -39.63
N PRO A 410 20.98 -6.23 -38.30
CA PRO A 410 19.67 -6.14 -37.63
C PRO A 410 18.79 -5.06 -38.26
N SER A 411 19.36 -3.86 -38.41
CA SER A 411 18.65 -2.73 -38.97
C SER A 411 18.07 -2.99 -40.33
N VAL A 412 18.90 -3.50 -41.23
CA VAL A 412 18.44 -3.79 -42.58
C VAL A 412 17.36 -4.87 -42.57
N ILE A 413 17.55 -5.91 -41.77
CA ILE A 413 16.56 -6.97 -41.70
C ILE A 413 15.19 -6.39 -41.28
N VAL A 414 15.20 -5.51 -40.29
CA VAL A 414 13.97 -4.88 -39.82
C VAL A 414 13.33 -4.06 -40.92
N ALA A 415 14.16 -3.27 -41.60
CA ALA A 415 13.74 -2.39 -42.68
C ALA A 415 13.06 -3.17 -43.79
N ARG A 416 13.65 -4.29 -44.16
CA ARG A 416 13.09 -5.12 -45.20
C ARG A 416 11.73 -5.62 -44.81
N ASN A 417 11.60 -6.17 -43.61
CA ASN A 417 10.30 -6.69 -43.15
C ASN A 417 9.23 -5.61 -43.08
N HIS A 418 9.61 -4.40 -42.68
CA HIS A 418 8.66 -3.31 -42.59
C HIS A 418 8.18 -2.99 -44.00
N ARG A 419 9.12 -3.13 -44.93
CA ARG A 419 8.86 -2.88 -46.35
C ARG A 419 7.91 -3.96 -46.85
N ASP A 420 8.33 -5.21 -46.76
CA ASP A 420 7.50 -6.34 -47.22
C ASP A 420 6.14 -6.35 -46.55
N ALA A 421 6.03 -5.67 -45.42
CA ALA A 421 4.77 -5.59 -44.67
C ALA A 421 3.82 -4.69 -45.47
N GLY A 422 4.39 -3.75 -46.21
CA GLY A 422 3.59 -2.85 -47.03
C GLY A 422 3.56 -1.42 -46.54
N ALA A 423 4.52 -1.06 -45.72
CA ALA A 423 4.55 0.30 -45.18
C ALA A 423 5.78 1.05 -45.66
N PRO A 424 5.63 2.38 -45.79
CA PRO A 424 6.71 3.27 -46.24
C PRO A 424 7.98 3.07 -45.43
N THR A 425 9.03 2.56 -46.07
CA THR A 425 10.28 2.34 -45.36
C THR A 425 11.40 3.21 -45.92
N TYR A 426 12.30 3.66 -45.07
CA TYR A 426 13.43 4.50 -45.48
C TYR A 426 14.68 4.14 -44.68
N MET A 427 15.83 4.13 -45.34
CA MET A 427 17.07 3.81 -44.63
C MET A 427 18.15 4.83 -44.95
N TYR A 428 19.16 4.91 -44.08
CA TYR A 428 20.26 5.84 -44.30
C TYR A 428 21.53 5.36 -43.62
N GLU A 429 22.64 5.95 -43.99
CA GLU A 429 23.90 5.58 -43.38
C GLU A 429 24.67 6.86 -43.16
N PHE A 430 24.65 7.34 -41.92
CA PHE A 430 25.34 8.57 -41.55
C PHE A 430 26.84 8.33 -41.56
N GLN A 431 27.53 9.14 -42.34
CA GLN A 431 28.97 9.03 -42.48
C GLN A 431 29.59 10.41 -42.33
N TYR A 432 29.86 10.83 -41.10
CA TYR A 432 30.46 12.13 -40.87
C TYR A 432 31.04 12.18 -39.47
N ARG A 433 32.14 12.91 -39.28
CA ARG A 433 32.74 13.02 -37.96
C ARG A 433 32.50 14.41 -37.40
N PRO A 434 31.54 14.55 -36.49
CA PRO A 434 31.23 15.86 -35.91
C PRO A 434 32.42 16.51 -35.20
N SER A 435 32.45 17.83 -35.27
CA SER A 435 33.52 18.60 -34.65
C SER A 435 33.31 18.59 -33.15
N PHE A 436 32.11 18.19 -32.72
CA PHE A 436 31.79 18.16 -31.30
C PHE A 436 32.19 16.84 -30.65
N SER A 437 32.94 16.01 -31.38
CA SER A 437 33.39 14.72 -30.86
C SER A 437 34.33 14.91 -29.67
N SER A 438 34.64 13.80 -29.01
CA SER A 438 35.54 13.81 -27.87
C SER A 438 36.98 13.98 -28.33
N ASP A 439 37.82 14.48 -27.45
CA ASP A 439 39.22 14.68 -27.77
C ASP A 439 39.93 13.33 -27.79
N MET A 440 39.41 12.38 -27.03
CA MET A 440 40.04 11.07 -26.96
C MET A 440 39.55 10.18 -28.09
N LYS A 441 38.85 10.80 -29.04
CA LYS A 441 38.32 10.08 -30.19
C LYS A 441 39.25 10.23 -31.39
N PRO A 442 39.76 9.13 -31.94
CA PRO A 442 40.66 9.21 -33.10
C PRO A 442 40.06 9.95 -34.29
N LYS A 443 40.86 10.74 -34.99
CA LYS A 443 40.32 11.49 -36.10
C LYS A 443 40.16 10.67 -37.35
N THR A 444 40.29 9.35 -37.23
CA THR A 444 40.14 8.46 -38.37
C THR A 444 38.77 7.77 -38.33
N VAL A 445 38.04 7.99 -37.23
CA VAL A 445 36.70 7.40 -37.03
C VAL A 445 35.55 8.29 -37.48
N ILE A 446 34.94 7.91 -38.58
CA ILE A 446 33.82 8.65 -39.12
C ILE A 446 32.50 7.86 -39.05
N GLY A 447 31.49 8.51 -38.48
CA GLY A 447 30.18 7.91 -38.32
C GLY A 447 30.17 7.02 -37.09
N ASP A 448 30.77 7.50 -36.01
CA ASP A 448 30.81 6.74 -34.77
C ASP A 448 29.36 6.62 -34.29
N HIS A 449 29.18 5.91 -33.19
CA HIS A 449 27.87 5.71 -32.62
C HIS A 449 27.37 7.06 -32.08
N GLY A 450 26.16 7.44 -32.51
CA GLY A 450 25.56 8.68 -32.06
C GLY A 450 26.08 9.96 -32.67
N ASP A 451 26.96 9.85 -33.65
CA ASP A 451 27.50 11.03 -34.32
C ASP A 451 26.43 11.86 -35.04
N GLU A 452 25.33 11.22 -35.43
CA GLU A 452 24.29 11.96 -36.14
C GLU A 452 23.44 12.80 -35.21
N LEU A 453 23.52 12.48 -33.92
CA LEU A 453 22.77 13.20 -32.92
C LEU A 453 23.03 14.70 -32.94
N PHE A 454 24.19 15.12 -33.44
CA PHE A 454 24.51 16.56 -33.47
C PHE A 454 23.84 17.27 -34.62
N SER A 455 23.66 16.55 -35.72
CA SER A 455 23.01 17.09 -36.90
C SER A 455 21.50 17.08 -36.65
N VAL A 456 20.99 15.96 -36.14
CA VAL A 456 19.57 15.80 -35.83
C VAL A 456 19.08 16.82 -34.83
N PHE A 457 19.92 17.18 -33.86
CA PHE A 457 19.49 18.16 -32.88
C PHE A 457 20.13 19.53 -33.08
N GLY A 458 20.53 19.84 -34.31
CA GLY A 458 21.15 21.13 -34.60
C GLY A 458 22.16 21.61 -33.58
N ALA A 459 23.09 20.73 -33.21
CA ALA A 459 24.12 21.09 -32.25
C ALA A 459 24.89 22.32 -32.73
N PRO A 460 25.15 22.41 -34.05
CA PRO A 460 25.88 23.56 -34.58
C PRO A 460 25.24 24.89 -34.24
N PHE A 461 23.94 24.88 -33.98
CA PHE A 461 23.25 26.13 -33.66
C PHE A 461 23.18 26.39 -32.16
N LEU A 462 23.85 25.56 -31.35
CA LEU A 462 23.85 25.74 -29.89
C LEU A 462 25.28 25.78 -29.37
N LYS A 463 26.14 24.96 -29.96
CA LYS A 463 27.55 24.92 -29.56
C LYS A 463 28.32 25.87 -30.44
N GLU A 464 29.64 25.87 -30.31
CA GLU A 464 30.48 26.76 -31.12
C GLU A 464 31.58 26.04 -31.90
N GLY A 465 32.03 26.70 -32.96
CA GLY A 465 33.10 26.15 -33.79
C GLY A 465 32.69 25.34 -35.00
N ALA A 466 31.39 25.07 -35.14
CA ALA A 466 30.90 24.30 -36.25
C ALA A 466 31.19 25.02 -37.55
N SER A 467 31.79 24.31 -38.50
CA SER A 467 32.12 24.89 -39.81
C SER A 467 30.85 25.07 -40.62
N GLU A 468 30.92 25.87 -41.67
CA GLU A 468 29.75 26.08 -42.49
C GLU A 468 29.28 24.77 -43.08
N GLU A 469 30.19 23.81 -43.18
CA GLU A 469 29.83 22.51 -43.73
C GLU A 469 28.92 21.76 -42.77
N GLU A 470 29.30 21.80 -41.50
CA GLU A 470 28.56 21.14 -40.44
C GLU A 470 27.22 21.87 -40.21
N ILE A 471 27.28 23.20 -40.21
CA ILE A 471 26.07 24.03 -40.04
C ILE A 471 25.07 23.70 -41.13
N ARG A 472 25.58 23.39 -42.31
CA ARG A 472 24.73 23.05 -43.43
C ARG A 472 24.17 21.63 -43.29
N LEU A 473 25.05 20.69 -42.95
CA LEU A 473 24.66 19.29 -42.79
C LEU A 473 23.51 19.22 -41.80
N SER A 474 23.67 19.91 -40.68
CA SER A 474 22.65 19.92 -39.66
C SER A 474 21.31 20.39 -40.24
N LYS A 475 21.33 21.52 -40.93
CA LYS A 475 20.12 22.07 -41.52
C LYS A 475 19.44 21.03 -42.38
N MET A 476 20.24 20.27 -43.12
CA MET A 476 19.68 19.25 -43.99
C MET A 476 19.00 18.15 -43.22
N VAL A 477 19.73 17.49 -42.34
CA VAL A 477 19.17 16.39 -41.55
C VAL A 477 17.86 16.79 -40.88
N MET A 478 17.86 17.92 -40.20
CA MET A 478 16.64 18.38 -39.57
C MET A 478 15.51 18.49 -40.59
N LYS A 479 15.80 19.05 -41.77
CA LYS A 479 14.77 19.18 -42.82
C LYS A 479 14.19 17.81 -43.10
N PHE A 480 15.09 16.85 -43.34
CA PHE A 480 14.69 15.50 -43.63
C PHE A 480 13.81 14.93 -42.52
N TRP A 481 14.33 14.97 -41.29
CA TRP A 481 13.61 14.46 -40.14
C TRP A 481 12.25 15.14 -40.00
N ALA A 482 12.26 16.46 -40.00
CA ALA A 482 11.02 17.21 -39.86
C ALA A 482 10.05 16.83 -40.98
N ASN A 483 10.52 16.86 -42.23
CA ASN A 483 9.67 16.50 -43.38
C ASN A 483 9.03 15.15 -43.19
N PHE A 484 9.81 14.19 -42.67
CA PHE A 484 9.32 12.85 -42.44
C PHE A 484 8.19 12.91 -41.42
N ALA A 485 8.43 13.61 -40.30
CA ALA A 485 7.44 13.76 -39.25
C ALA A 485 6.14 14.30 -39.82
N ARG A 486 6.28 15.19 -40.79
CA ARG A 486 5.15 15.81 -41.45
C ARG A 486 4.43 14.86 -42.38
N ASN A 487 5.04 14.54 -43.51
CA ASN A 487 4.38 13.68 -44.48
C ASN A 487 4.73 12.20 -44.44
N GLY A 488 5.58 11.79 -43.52
CA GLY A 488 5.96 10.38 -43.50
C GLY A 488 6.87 10.12 -44.70
N ASN A 489 7.50 11.20 -45.18
CA ASN A 489 8.41 11.15 -46.31
C ASN A 489 9.47 12.22 -46.09
N PRO A 490 10.75 11.84 -46.02
CA PRO A 490 11.86 12.77 -45.80
C PRO A 490 12.07 13.81 -46.89
N ASN A 491 11.73 13.45 -48.11
CA ASN A 491 11.91 14.34 -49.25
C ASN A 491 11.22 15.69 -49.17
N GLY A 492 11.76 16.63 -49.92
CA GLY A 492 11.22 17.97 -49.96
C GLY A 492 12.16 18.84 -50.77
N GLU A 493 11.61 19.78 -51.53
CA GLU A 493 12.46 20.61 -52.35
C GLU A 493 13.54 21.31 -51.53
N GLY A 494 14.77 21.22 -52.02
CA GLY A 494 15.89 21.83 -51.33
C GLY A 494 16.77 20.76 -50.69
N LEU A 495 16.42 19.50 -50.91
CA LEU A 495 17.15 18.39 -50.35
C LEU A 495 17.39 17.31 -51.39
N PRO A 496 18.51 16.58 -51.27
CA PRO A 496 18.86 15.51 -52.22
C PRO A 496 17.70 14.53 -52.23
N HIS A 497 17.58 13.75 -53.29
CA HIS A 497 16.50 12.80 -53.33
C HIS A 497 16.81 11.60 -52.45
N TRP A 498 15.85 11.25 -51.61
CA TRP A 498 15.97 10.13 -50.70
C TRP A 498 15.03 9.04 -51.21
N PRO A 499 15.59 8.02 -51.85
CA PRO A 499 14.74 6.94 -52.36
C PRO A 499 14.09 6.16 -51.24
N GLU A 500 12.95 5.55 -51.54
CA GLU A 500 12.23 4.74 -50.56
C GLU A 500 12.83 3.34 -50.54
N TYR A 501 13.09 2.82 -49.35
CA TYR A 501 13.66 1.49 -49.23
C TYR A 501 12.68 0.40 -49.69
N ASN A 502 12.51 0.27 -51.01
CA ASN A 502 11.62 -0.74 -51.58
C ASN A 502 12.43 -1.93 -52.06
N GLN A 503 12.03 -2.52 -53.19
CA GLN A 503 12.73 -3.67 -53.71
C GLN A 503 14.16 -3.34 -54.13
N LYS A 504 14.35 -2.17 -54.73
CA LYS A 504 15.69 -1.73 -55.16
C LYS A 504 16.58 -1.52 -53.95
N GLU A 505 15.96 -1.43 -52.77
CA GLU A 505 16.67 -1.24 -51.52
C GLU A 505 17.52 0.03 -51.55
N GLY A 506 16.97 1.08 -52.14
CA GLY A 506 17.67 2.34 -52.20
C GLY A 506 17.69 3.00 -50.84
N TYR A 507 18.81 3.62 -50.51
CA TYR A 507 18.94 4.30 -49.22
C TYR A 507 19.82 5.53 -49.41
N LEU A 508 19.70 6.49 -48.50
CA LEU A 508 20.48 7.71 -48.60
C LEU A 508 21.75 7.65 -47.76
N GLN A 509 22.85 8.08 -48.36
CA GLN A 509 24.13 8.12 -47.68
C GLN A 509 24.28 9.55 -47.19
N ILE A 510 24.07 9.74 -45.89
CA ILE A 510 24.17 11.08 -45.31
C ILE A 510 25.59 11.40 -44.86
N GLY A 511 25.99 12.66 -45.08
CA GLY A 511 27.31 13.09 -44.69
C GLY A 511 27.77 14.29 -45.49
N ALA A 512 29.09 14.53 -45.51
CA ALA A 512 29.63 15.66 -46.28
C ALA A 512 29.16 15.53 -47.72
N ASN A 513 29.06 14.30 -48.17
CA ASN A 513 28.59 14.01 -49.52
C ASN A 513 27.31 13.21 -49.42
N THR A 514 26.18 13.89 -49.52
CA THR A 514 24.91 13.19 -49.43
C THR A 514 24.35 12.78 -50.79
N GLN A 515 24.13 11.48 -50.97
CA GLN A 515 23.58 10.96 -52.21
C GLN A 515 23.01 9.55 -52.01
N ALA A 516 22.04 9.18 -52.84
CA ALA A 516 21.44 7.87 -52.71
C ALA A 516 22.42 6.75 -53.04
N ALA A 517 21.99 5.51 -52.79
CA ALA A 517 22.76 4.29 -53.05
C ALA A 517 21.80 3.12 -52.94
N GLN A 518 22.30 1.89 -53.04
CA GLN A 518 21.42 0.72 -52.96
C GLN A 518 21.96 -0.44 -52.11
N LYS A 519 21.06 -1.37 -51.78
CA LYS A 519 21.41 -2.54 -50.98
C LYS A 519 22.46 -2.28 -49.89
N LEU A 520 22.00 -1.75 -48.76
CA LEU A 520 22.85 -1.44 -47.62
C LEU A 520 23.12 -2.72 -46.85
N LYS A 521 24.39 -2.98 -46.57
CA LYS A 521 24.81 -4.17 -45.83
C LYS A 521 24.22 -5.44 -46.41
N ASP A 522 23.88 -5.39 -47.70
CA ASP A 522 23.28 -6.53 -48.36
C ASP A 522 24.13 -7.79 -48.23
N LYS A 523 25.42 -7.65 -48.51
CA LYS A 523 26.36 -8.76 -48.41
C LYS A 523 26.32 -9.32 -46.99
N GLU A 524 26.54 -8.42 -46.04
CA GLU A 524 26.56 -8.76 -44.62
C GLU A 524 25.33 -9.52 -44.17
N VAL A 525 24.15 -8.94 -44.39
CA VAL A 525 22.91 -9.59 -44.00
C VAL A 525 22.90 -11.03 -44.46
N ALA A 526 23.20 -11.23 -45.74
CA ALA A 526 23.24 -12.56 -46.33
C ALA A 526 24.17 -13.51 -45.57
N PHE A 527 25.44 -13.10 -45.45
CA PHE A 527 26.43 -13.91 -44.76
C PHE A 527 25.98 -14.33 -43.36
N TRP A 528 25.78 -13.34 -42.51
CA TRP A 528 25.37 -13.58 -41.14
C TRP A 528 24.12 -14.43 -41.02
N THR A 529 23.21 -14.28 -41.96
CA THR A 529 21.98 -15.08 -41.92
C THR A 529 22.31 -16.56 -42.04
N ASN A 530 23.23 -16.88 -42.95
CA ASN A 530 23.65 -18.26 -43.17
C ASN A 530 24.40 -18.80 -41.97
N LEU A 531 25.48 -18.10 -41.60
CA LEU A 531 26.30 -18.49 -40.47
C LEU A 531 25.45 -18.76 -39.22
N PHE A 532 24.63 -17.78 -38.86
CA PHE A 532 23.75 -17.90 -37.69
C PHE A 532 22.75 -19.03 -37.83
N ALA A 533 22.43 -19.42 -39.06
CA ALA A 533 21.49 -20.51 -39.27
C ALA A 533 22.30 -21.80 -39.13
N LYS A 534 23.50 -21.63 -38.59
CA LYS A 534 24.49 -22.68 -38.33
C LYS A 534 25.15 -23.19 -39.60
N SER B 3 -29.94 1.35 34.16
CA SER B 3 -30.69 0.21 33.62
C SER B 3 -29.88 -0.64 32.62
N SER B 4 -29.99 -0.33 31.31
CA SER B 4 -29.24 -1.09 30.32
C SER B 4 -28.44 -0.16 29.42
N PRO B 5 -27.15 -0.47 29.21
CA PRO B 5 -26.25 0.34 28.38
C PRO B 5 -26.87 0.70 27.03
N PRO B 6 -26.72 1.98 26.62
CA PRO B 6 -27.25 2.49 25.36
C PRO B 6 -26.63 1.83 24.15
N VAL B 7 -27.47 1.34 23.24
CA VAL B 7 -26.97 0.71 22.04
C VAL B 7 -27.61 1.36 20.82
N VAL B 8 -26.86 2.21 20.13
CA VAL B 8 -27.37 2.87 18.95
C VAL B 8 -26.90 2.13 17.72
N ASP B 9 -27.61 2.31 16.62
CA ASP B 9 -27.24 1.67 15.38
C ASP B 9 -26.78 2.75 14.41
N THR B 10 -25.53 2.67 13.99
CA THR B 10 -25.00 3.65 13.06
C THR B 10 -24.83 3.00 11.70
N VAL B 11 -24.50 3.81 10.70
CA VAL B 11 -24.32 3.30 9.35
C VAL B 11 -23.30 2.16 9.29
N HIS B 12 -22.21 2.29 10.05
CA HIS B 12 -21.17 1.28 10.07
C HIS B 12 -21.36 0.14 11.09
N GLY B 13 -22.40 0.24 11.90
CA GLY B 13 -22.64 -0.81 12.87
C GLY B 13 -23.07 -0.32 14.23
N LYS B 14 -23.61 -1.24 15.03
CA LYS B 14 -24.08 -0.93 16.36
C LYS B 14 -22.99 -0.39 17.28
N VAL B 15 -23.37 0.58 18.11
CA VAL B 15 -22.44 1.19 19.05
C VAL B 15 -22.98 1.07 20.46
N LEU B 16 -22.12 0.76 21.41
CA LEU B 16 -22.50 0.61 22.80
C LEU B 16 -21.94 1.76 23.66
N GLY B 17 -22.80 2.39 24.44
CA GLY B 17 -22.33 3.48 25.30
C GLY B 17 -22.66 3.24 26.77
N LYS B 18 -22.66 4.29 27.56
CA LYS B 18 -22.98 4.19 28.98
C LYS B 18 -23.85 5.37 29.39
N PHE B 19 -24.69 5.17 30.39
CA PHE B 19 -25.56 6.24 30.88
C PHE B 19 -24.90 6.97 32.02
N VAL B 20 -25.09 8.28 32.05
CA VAL B 20 -24.54 9.09 33.12
C VAL B 20 -25.55 10.17 33.46
N SER B 21 -25.91 10.25 34.74
CA SER B 21 -26.88 11.23 35.19
C SER B 21 -26.24 12.44 35.82
N LEU B 22 -26.68 13.62 35.41
CA LEU B 22 -26.18 14.86 35.98
C LEU B 22 -27.20 15.18 37.05
N GLU B 23 -26.75 15.21 38.30
CA GLU B 23 -27.66 15.49 39.40
C GLU B 23 -28.52 16.73 39.13
N GLY B 24 -29.81 16.58 39.37
CA GLY B 24 -30.73 17.67 39.13
C GLY B 24 -31.51 17.39 37.86
N PHE B 25 -31.06 16.39 37.12
CA PHE B 25 -31.74 16.02 35.88
C PHE B 25 -32.15 14.56 35.93
N ALA B 26 -33.38 14.29 35.51
CA ALA B 26 -33.88 12.93 35.52
C ALA B 26 -33.21 12.13 34.41
N GLN B 27 -33.65 12.39 33.17
CA GLN B 27 -33.11 11.70 32.00
C GLN B 27 -31.59 11.70 31.95
N PRO B 28 -30.98 10.54 32.20
CA PRO B 28 -29.52 10.44 32.19
C PRO B 28 -29.01 10.63 30.76
N VAL B 29 -27.81 11.17 30.64
CA VAL B 29 -27.23 11.38 29.32
C VAL B 29 -26.49 10.14 28.84
N ALA B 30 -26.65 9.82 27.56
CA ALA B 30 -25.99 8.66 26.95
C ALA B 30 -24.65 9.16 26.42
N ILE B 31 -23.56 8.59 26.92
CA ILE B 31 -22.21 8.98 26.52
C ILE B 31 -21.46 7.91 25.72
N PHE B 32 -21.03 8.29 24.54
CA PHE B 32 -20.28 7.40 23.66
C PHE B 32 -18.88 7.96 23.48
N LEU B 33 -17.89 7.16 23.85
CA LEU B 33 -16.50 7.58 23.76
C LEU B 33 -15.71 6.78 22.75
N GLY B 34 -15.18 7.45 21.74
CA GLY B 34 -14.36 6.73 20.79
C GLY B 34 -14.98 6.15 19.54
N ILE B 35 -16.05 6.76 19.07
CA ILE B 35 -16.70 6.29 17.87
C ILE B 35 -15.78 6.77 16.73
N PRO B 36 -15.23 5.83 15.93
CA PRO B 36 -14.35 6.17 14.81
C PRO B 36 -15.14 6.81 13.68
N PHE B 37 -14.66 7.91 13.11
CA PHE B 37 -15.40 8.54 12.00
C PHE B 37 -14.60 8.48 10.71
N ALA B 38 -13.43 7.86 10.79
CA ALA B 38 -12.56 7.72 9.66
C ALA B 38 -11.63 6.55 9.91
N LYS B 39 -11.06 6.06 8.83
CA LYS B 39 -10.14 4.94 8.88
C LYS B 39 -8.80 5.45 9.40
N PRO B 40 -8.22 4.76 10.39
CA PRO B 40 -6.93 5.14 10.97
C PRO B 40 -5.94 5.54 9.85
N PRO B 41 -5.54 6.83 9.81
CA PRO B 41 -4.61 7.37 8.81
C PRO B 41 -3.19 6.87 8.99
N LEU B 42 -3.06 5.56 9.13
CA LEU B 42 -1.76 4.93 9.33
C LEU B 42 -1.11 4.53 8.00
N GLY B 43 0.18 4.23 8.08
CA GLY B 43 0.93 3.83 6.91
C GLY B 43 0.84 4.81 5.75
N PRO B 44 0.57 4.32 4.54
CA PRO B 44 0.46 5.13 3.32
C PRO B 44 -0.69 6.12 3.37
N LEU B 45 -1.61 5.92 4.31
CA LEU B 45 -2.75 6.81 4.44
C LEU B 45 -2.34 8.12 5.08
N ARG B 46 -1.08 8.20 5.53
CA ARG B 46 -0.55 9.39 6.16
C ARG B 46 -0.38 10.48 5.11
N PHE B 47 -0.68 11.72 5.48
CA PHE B 47 -0.58 12.86 4.56
C PHE B 47 -1.53 12.65 3.37
N THR B 48 -2.73 12.18 3.66
CA THR B 48 -3.74 11.98 2.64
C THR B 48 -5.06 12.20 3.32
N PRO B 49 -6.08 12.52 2.53
CA PRO B 49 -7.41 12.76 3.09
C PRO B 49 -7.92 11.56 3.88
N PRO B 50 -8.83 11.80 4.83
CA PRO B 50 -9.39 10.71 5.63
C PRO B 50 -10.35 9.85 4.83
N GLN B 51 -10.28 8.53 5.03
CA GLN B 51 -11.17 7.61 4.34
C GLN B 51 -12.20 7.06 5.29
N PRO B 52 -13.35 6.61 4.76
CA PRO B 52 -14.44 6.06 5.57
C PRO B 52 -13.98 4.90 6.44
N ALA B 53 -14.64 4.72 7.57
CA ALA B 53 -14.31 3.65 8.48
C ALA B 53 -14.89 2.33 8.00
N GLU B 54 -14.26 1.23 8.41
CA GLU B 54 -14.70 -0.10 8.04
C GLU B 54 -15.83 -0.52 8.96
N PRO B 55 -16.85 -1.17 8.41
CA PRO B 55 -18.00 -1.60 9.21
C PRO B 55 -17.62 -2.71 10.17
N TRP B 56 -18.23 -2.74 11.34
CA TRP B 56 -17.97 -3.80 12.30
C TRP B 56 -19.11 -4.80 12.31
N SER B 57 -18.77 -6.06 12.60
CA SER B 57 -19.76 -7.13 12.60
C SER B 57 -20.71 -7.21 13.77
N PHE B 58 -20.29 -6.79 14.95
CA PHE B 58 -21.21 -6.87 16.09
C PHE B 58 -21.39 -5.55 16.78
N VAL B 59 -21.45 -5.57 18.11
CA VAL B 59 -21.61 -4.34 18.88
C VAL B 59 -20.25 -3.78 19.31
N LYS B 60 -19.97 -2.55 18.91
CA LYS B 60 -18.71 -1.88 19.27
C LYS B 60 -18.89 -1.09 20.56
N ASN B 61 -18.00 -1.31 21.53
CA ASN B 61 -18.08 -0.61 22.80
C ASN B 61 -17.42 0.76 22.78
N ALA B 62 -18.21 1.81 22.67
CA ALA B 62 -17.66 3.16 22.69
C ALA B 62 -17.67 3.60 24.13
N THR B 63 -16.89 2.92 24.96
CA THR B 63 -16.85 3.23 26.38
C THR B 63 -15.46 3.53 26.93
N SER B 64 -14.52 3.84 26.05
CA SER B 64 -13.15 4.15 26.47
C SER B 64 -12.61 5.34 25.70
N TYR B 65 -12.14 6.34 26.43
CA TYR B 65 -11.59 7.52 25.83
C TYR B 65 -10.57 7.18 24.76
N PRO B 66 -10.78 7.68 23.53
CA PRO B 66 -9.88 7.43 22.40
C PRO B 66 -8.57 8.17 22.58
N PRO B 67 -7.48 7.68 21.95
CA PRO B 67 -6.16 8.30 22.05
C PRO B 67 -6.23 9.72 21.50
N MET B 68 -5.22 10.53 21.78
CA MET B 68 -5.22 11.86 21.22
C MET B 68 -4.15 11.84 20.13
N CYS B 69 -4.36 12.59 19.06
CA CYS B 69 -3.40 12.58 17.98
C CYS B 69 -2.00 12.90 18.48
N THR B 70 -1.03 12.18 17.93
CA THR B 70 0.34 12.36 18.32
C THR B 70 0.64 13.85 18.46
N GLN B 71 1.25 14.20 19.59
CA GLN B 71 1.63 15.57 19.89
C GLN B 71 2.67 15.52 20.99
N ASP B 72 3.14 16.70 21.39
CA ASP B 72 4.11 16.82 22.46
C ASP B 72 3.37 16.50 23.75
N PRO B 73 3.53 15.27 24.27
CA PRO B 73 2.86 14.82 25.49
C PRO B 73 2.83 15.83 26.64
N LYS B 74 3.95 16.50 26.88
CA LYS B 74 4.01 17.47 27.97
C LYS B 74 3.04 18.61 27.73
N ALA B 75 3.31 19.36 26.67
CA ALA B 75 2.48 20.49 26.29
C ALA B 75 1.03 20.06 26.18
N GLY B 76 0.81 18.88 25.60
CA GLY B 76 -0.53 18.38 25.41
C GLY B 76 -1.30 18.19 26.70
N GLN B 77 -0.73 17.42 27.61
CA GLN B 77 -1.42 17.19 28.87
C GLN B 77 -1.55 18.50 29.63
N LEU B 78 -0.51 19.33 29.60
CA LEU B 78 -0.57 20.62 30.30
C LEU B 78 -1.83 21.38 29.89
N LEU B 79 -2.03 21.50 28.59
CA LEU B 79 -3.19 22.20 28.04
C LEU B 79 -4.49 21.49 28.42
N SER B 80 -4.47 20.16 28.35
CA SER B 80 -5.65 19.38 28.70
C SER B 80 -6.07 19.66 30.15
N GLU B 81 -5.10 19.89 31.03
CA GLU B 81 -5.41 20.15 32.43
C GLU B 81 -5.90 21.57 32.65
N LEU B 82 -5.41 22.51 31.85
CA LEU B 82 -5.81 23.91 31.97
C LEU B 82 -7.15 24.26 31.33
N PHE B 83 -7.61 23.42 30.40
CA PHE B 83 -8.87 23.66 29.70
C PHE B 83 -10.01 22.74 30.12
N THR B 84 -9.66 21.54 30.56
CA THR B 84 -10.66 20.58 30.99
C THR B 84 -11.68 21.22 31.92
N ASN B 85 -12.93 20.82 31.77
CA ASN B 85 -14.00 21.37 32.58
C ASN B 85 -14.49 20.33 33.55
N ARG B 86 -13.93 19.13 33.46
CA ARG B 86 -14.36 18.05 34.33
C ARG B 86 -13.55 18.07 35.61
N LYS B 87 -14.03 17.32 36.60
CA LYS B 87 -13.38 17.19 37.90
C LYS B 87 -11.91 16.78 37.76
N GLU B 88 -11.70 15.52 37.37
CA GLU B 88 -10.36 14.96 37.20
C GLU B 88 -9.93 15.04 35.74
N ASN B 89 -8.64 15.28 35.53
CA ASN B 89 -8.12 15.33 34.18
C ASN B 89 -7.87 13.89 33.73
N ILE B 90 -8.41 13.55 32.57
CA ILE B 90 -8.26 12.21 32.02
C ILE B 90 -6.93 12.06 31.29
N PRO B 91 -6.04 11.19 31.79
CA PRO B 91 -4.74 10.96 31.17
C PRO B 91 -4.96 10.27 29.82
N LEU B 92 -4.55 10.95 28.75
CA LEU B 92 -4.74 10.41 27.41
C LEU B 92 -3.51 9.73 26.85
N LYS B 93 -3.75 8.90 25.85
CA LYS B 93 -2.69 8.15 25.17
C LYS B 93 -2.41 8.84 23.82
N LEU B 94 -1.21 8.65 23.29
CA LEU B 94 -0.84 9.24 22.02
C LEU B 94 -0.80 8.18 20.93
N SER B 95 -1.40 8.48 19.79
CA SER B 95 -1.40 7.53 18.69
C SER B 95 -1.83 8.20 17.41
N GLU B 96 -1.30 7.74 16.27
CA GLU B 96 -1.69 8.31 14.98
C GLU B 96 -3.14 7.93 14.77
N ASP B 97 -3.55 6.84 15.42
CA ASP B 97 -4.92 6.33 15.36
C ASP B 97 -5.74 7.17 16.34
N CYS B 98 -6.21 8.32 15.86
CA CYS B 98 -6.92 9.24 16.72
C CYS B 98 -8.19 9.84 16.12
N LEU B 99 -8.49 9.48 14.88
CA LEU B 99 -9.69 10.02 14.24
C LEU B 99 -10.97 9.47 14.83
N TYR B 100 -11.30 9.95 16.04
CA TYR B 100 -12.52 9.53 16.73
C TYR B 100 -13.32 10.74 17.19
N LEU B 101 -14.53 10.49 17.67
CA LEU B 101 -15.36 11.56 18.21
C LEU B 101 -16.17 11.02 19.39
N ASN B 102 -16.50 11.92 20.31
CA ASN B 102 -17.28 11.55 21.48
C ASN B 102 -18.65 12.20 21.37
N ILE B 103 -19.70 11.48 21.77
CA ILE B 103 -21.05 12.02 21.73
C ILE B 103 -21.70 12.06 23.12
N TYR B 104 -22.43 13.14 23.38
CA TYR B 104 -23.15 13.34 24.62
C TYR B 104 -24.58 13.69 24.24
N THR B 105 -25.49 12.73 24.33
CA THR B 105 -26.88 12.98 23.97
C THR B 105 -27.81 12.90 25.18
N PRO B 106 -28.58 13.96 25.43
CA PRO B 106 -29.52 13.98 26.56
C PRO B 106 -30.88 13.43 26.13
N ALA B 107 -31.02 13.16 24.83
CA ALA B 107 -32.26 12.66 24.30
C ALA B 107 -32.58 11.24 24.77
N ASP B 108 -33.86 10.95 24.98
CA ASP B 108 -34.28 9.61 25.37
C ASP B 108 -34.27 8.76 24.10
N LEU B 109 -33.15 8.08 23.90
CA LEU B 109 -32.93 7.24 22.73
C LEU B 109 -34.06 6.28 22.41
N THR B 110 -34.88 5.97 23.41
CA THR B 110 -35.99 5.05 23.24
C THR B 110 -37.04 5.65 22.32
N LYS B 111 -37.03 6.97 22.19
CA LYS B 111 -38.01 7.62 21.34
C LYS B 111 -37.29 8.46 20.28
N LYS B 112 -38.00 8.77 19.21
CA LYS B 112 -37.46 9.57 18.11
C LYS B 112 -37.22 10.99 18.59
N ASN B 113 -35.96 11.39 18.60
CA ASN B 113 -35.60 12.74 19.03
C ASN B 113 -34.72 13.36 17.98
N ARG B 114 -34.89 14.66 17.78
CA ARG B 114 -34.09 15.38 16.80
C ARG B 114 -33.68 16.71 17.39
N LEU B 115 -32.84 16.67 18.42
CA LEU B 115 -32.36 17.88 19.10
C LEU B 115 -31.26 18.54 18.31
N PRO B 116 -31.01 19.83 18.59
CA PRO B 116 -29.94 20.48 17.83
C PRO B 116 -28.58 19.84 18.16
N VAL B 117 -27.68 19.82 17.19
CA VAL B 117 -26.37 19.23 17.39
C VAL B 117 -25.29 20.30 17.46
N MET B 118 -24.35 20.13 18.38
CA MET B 118 -23.26 21.08 18.52
C MET B 118 -21.92 20.34 18.47
N VAL B 119 -21.20 20.53 17.36
CA VAL B 119 -19.91 19.88 17.17
C VAL B 119 -18.79 20.78 17.68
N TRP B 120 -18.01 20.29 18.62
CA TRP B 120 -16.92 21.08 19.18
C TRP B 120 -15.54 20.74 18.60
N ILE B 121 -14.84 21.78 18.18
CA ILE B 121 -13.51 21.63 17.62
C ILE B 121 -12.54 22.21 18.63
N HIS B 122 -11.78 21.35 19.29
CA HIS B 122 -10.84 21.79 20.31
C HIS B 122 -9.73 22.61 19.70
N GLY B 123 -9.07 23.43 20.53
CA GLY B 123 -7.97 24.26 20.06
C GLY B 123 -6.64 23.67 20.50
N GLY B 124 -5.55 24.40 20.26
CA GLY B 124 -4.23 23.90 20.62
C GLY B 124 -3.24 24.22 19.51
N GLY B 125 -3.47 25.35 18.84
CA GLY B 125 -2.60 25.81 17.75
C GLY B 125 -2.39 24.79 16.64
N LEU B 126 -3.35 23.89 16.46
CA LEU B 126 -3.23 22.85 15.45
C LEU B 126 -1.97 21.99 15.70
N MET B 127 -1.38 22.09 16.90
CA MET B 127 -0.18 21.33 17.27
C MET B 127 -0.39 20.34 18.42
N VAL B 128 -1.36 20.64 19.27
CA VAL B 128 -1.69 19.82 20.44
C VAL B 128 -3.20 19.86 20.67
N GLY B 129 -3.72 18.95 21.48
CA GLY B 129 -5.15 18.96 21.73
C GLY B 129 -5.86 17.62 21.64
N ALA B 130 -7.06 17.55 22.23
CA ALA B 130 -7.85 16.33 22.23
C ALA B 130 -9.31 16.63 22.49
N ALA B 131 -10.20 15.76 22.04
CA ALA B 131 -11.61 15.99 22.23
C ALA B 131 -12.04 15.59 23.65
N SER B 132 -11.48 14.51 24.18
CA SER B 132 -11.83 14.04 25.51
C SER B 132 -11.63 15.08 26.63
N THR B 133 -10.83 16.10 26.36
CA THR B 133 -10.57 17.17 27.33
C THR B 133 -11.85 17.89 27.70
N TYR B 134 -12.72 18.07 26.72
CA TYR B 134 -13.98 18.76 26.95
C TYR B 134 -15.15 17.80 27.20
N ASP B 135 -15.67 17.84 28.42
CA ASP B 135 -16.78 16.97 28.78
C ASP B 135 -18.08 17.68 28.41
N GLY B 136 -18.96 16.97 27.71
CA GLY B 136 -20.21 17.57 27.31
C GLY B 136 -21.42 17.25 28.17
N LEU B 137 -21.23 16.43 29.20
CA LEU B 137 -22.34 16.05 30.07
C LEU B 137 -23.22 17.20 30.51
N ALA B 138 -22.62 18.28 31.01
CA ALA B 138 -23.37 19.43 31.51
C ALA B 138 -24.14 20.15 30.41
N LEU B 139 -23.43 20.61 29.39
CA LEU B 139 -24.09 21.33 28.30
C LEU B 139 -25.24 20.53 27.68
N ALA B 140 -24.99 19.24 27.45
CA ALA B 140 -26.00 18.39 26.84
C ALA B 140 -27.29 18.34 27.67
N ALA B 141 -27.14 18.16 28.99
CA ALA B 141 -28.30 18.08 29.89
C ALA B 141 -28.93 19.45 30.13
N HIS B 142 -28.10 20.39 30.55
CA HIS B 142 -28.56 21.74 30.86
C HIS B 142 -29.28 22.45 29.74
N GLU B 143 -28.87 22.24 28.49
CA GLU B 143 -29.55 22.92 27.37
C GLU B 143 -30.23 21.98 26.40
N ASN B 144 -30.25 20.71 26.76
CA ASN B 144 -30.91 19.70 25.95
C ASN B 144 -30.56 19.80 24.49
N VAL B 145 -29.28 19.52 24.21
CA VAL B 145 -28.72 19.53 22.86
C VAL B 145 -27.68 18.43 22.80
N VAL B 146 -27.46 17.88 21.61
CA VAL B 146 -26.46 16.82 21.46
C VAL B 146 -25.08 17.43 21.28
N VAL B 147 -24.17 17.13 22.19
CA VAL B 147 -22.82 17.67 22.11
C VAL B 147 -21.87 16.63 21.51
N VAL B 148 -21.13 17.05 20.48
CA VAL B 148 -20.17 16.18 19.80
C VAL B 148 -18.78 16.78 19.83
N THR B 149 -17.84 16.08 20.44
CA THR B 149 -16.46 16.56 20.49
C THR B 149 -15.62 15.73 19.53
N ILE B 150 -15.10 16.37 18.49
CA ILE B 150 -14.30 15.65 17.50
C ILE B 150 -12.81 15.91 17.62
N GLN B 151 -12.03 15.08 16.93
CA GLN B 151 -10.59 15.21 16.91
C GLN B 151 -10.11 15.24 15.46
N TYR B 152 -8.90 15.73 15.25
CA TYR B 152 -8.35 15.84 13.91
C TYR B 152 -6.83 15.83 13.97
N ARG B 153 -6.21 15.27 12.93
CA ARG B 153 -4.77 15.19 12.89
C ARG B 153 -4.11 16.53 13.23
N LEU B 154 -3.04 16.46 14.02
CA LEU B 154 -2.32 17.67 14.45
C LEU B 154 -0.91 17.71 13.93
N GLY B 155 -0.30 18.90 14.03
CA GLY B 155 1.07 19.08 13.60
C GLY B 155 1.39 18.49 12.25
N ILE B 156 2.55 17.83 12.16
CA ILE B 156 3.01 17.22 10.91
C ILE B 156 1.93 16.32 10.31
N TRP B 157 1.42 15.41 11.13
CA TRP B 157 0.40 14.48 10.71
C TRP B 157 -0.80 15.11 10.05
N GLY B 158 -1.18 16.30 10.49
CA GLY B 158 -2.35 16.95 9.90
C GLY B 158 -2.15 18.22 9.11
N PHE B 159 -0.92 18.72 8.98
CA PHE B 159 -0.71 19.96 8.23
C PHE B 159 0.56 20.07 7.40
N PHE B 160 1.25 18.96 7.21
CA PHE B 160 2.47 18.97 6.41
C PHE B 160 2.12 19.16 4.92
N SER B 161 2.57 20.25 4.35
CA SER B 161 2.29 20.51 2.95
C SER B 161 3.53 20.80 2.15
N THR B 162 3.64 20.20 0.97
CA THR B 162 4.80 20.44 0.12
C THR B 162 4.48 21.51 -0.90
N GLY B 163 3.30 22.11 -0.76
CA GLY B 163 2.90 23.15 -1.68
C GLY B 163 2.31 22.67 -2.99
N ASP B 164 2.37 21.37 -3.24
CA ASP B 164 1.81 20.80 -4.47
C ASP B 164 0.92 19.59 -4.25
N GLU B 165 0.52 18.95 -5.35
CA GLU B 165 -0.36 17.79 -5.30
C GLU B 165 0.23 16.58 -4.56
N HIS B 166 1.54 16.57 -4.34
CA HIS B 166 2.15 15.45 -3.66
C HIS B 166 1.88 15.44 -2.17
N SER B 167 1.33 16.54 -1.67
CA SER B 167 0.96 16.66 -0.26
C SER B 167 0.39 18.04 0.02
N ARG B 168 -0.72 18.35 -0.62
CA ARG B 168 -1.39 19.63 -0.45
C ARG B 168 -1.44 20.12 0.98
N GLY B 169 -1.86 19.25 1.90
CA GLY B 169 -1.94 19.66 3.29
C GLY B 169 -3.37 19.85 3.79
N ASN B 170 -3.51 20.49 4.94
CA ASN B 170 -4.83 20.70 5.55
C ASN B 170 -5.52 19.39 5.88
N TRP B 171 -4.73 18.32 6.02
CA TRP B 171 -5.28 17.03 6.34
C TRP B 171 -6.21 17.16 7.53
N GLY B 172 -5.75 17.90 8.53
CA GLY B 172 -6.53 18.12 9.76
C GLY B 172 -7.90 18.72 9.49
N HIS B 173 -7.93 19.74 8.64
CA HIS B 173 -9.17 20.40 8.28
C HIS B 173 -10.10 19.41 7.56
N LEU B 174 -9.52 18.54 6.74
CA LEU B 174 -10.32 17.55 6.04
C LEU B 174 -10.89 16.54 7.04
N ASP B 175 -10.16 16.28 8.13
CA ASP B 175 -10.65 15.36 9.14
C ASP B 175 -11.90 15.95 9.80
N GLN B 176 -11.86 17.26 10.06
CA GLN B 176 -12.97 17.98 10.68
C GLN B 176 -14.17 17.90 9.74
N VAL B 177 -13.93 18.07 8.45
CA VAL B 177 -15.03 17.98 7.51
C VAL B 177 -15.59 16.57 7.51
N ALA B 178 -14.69 15.60 7.55
CA ALA B 178 -15.06 14.19 7.56
C ALA B 178 -15.91 13.91 8.79
N ALA B 179 -15.52 14.47 9.93
CA ALA B 179 -16.29 14.25 11.14
C ALA B 179 -17.67 14.87 10.94
N LEU B 180 -17.74 15.99 10.22
CA LEU B 180 -19.02 16.64 9.99
C LEU B 180 -19.94 15.81 9.10
N ARG B 181 -19.36 15.17 8.08
CA ARG B 181 -20.16 14.32 7.19
C ARG B 181 -20.71 13.14 8.01
N TRP B 182 -19.89 12.60 8.92
CA TRP B 182 -20.32 11.47 9.74
C TRP B 182 -21.57 11.86 10.54
N VAL B 183 -21.56 13.07 11.10
CA VAL B 183 -22.67 13.59 11.85
C VAL B 183 -23.92 13.63 10.99
N GLN B 184 -23.79 14.10 9.76
CA GLN B 184 -24.94 14.17 8.87
C GLN B 184 -25.50 12.81 8.56
N ASP B 185 -24.67 11.78 8.67
CA ASP B 185 -25.16 10.44 8.34
C ASP B 185 -25.42 9.55 9.53
N ASN B 186 -25.29 10.09 10.73
CA ASN B 186 -25.47 9.24 11.89
C ASN B 186 -26.10 9.88 13.11
N ILE B 187 -25.82 11.17 13.32
CA ILE B 187 -26.31 11.85 14.51
C ILE B 187 -27.81 11.62 14.78
N ALA B 188 -28.57 11.43 13.70
CA ALA B 188 -30.00 11.19 13.82
C ALA B 188 -30.30 9.96 14.68
N SER B 189 -29.33 9.05 14.78
CA SER B 189 -29.47 7.82 15.59
C SER B 189 -29.10 8.10 17.04
N PHE B 190 -28.71 9.33 17.32
CA PHE B 190 -28.34 9.69 18.68
C PHE B 190 -29.28 10.79 19.16
N GLY B 191 -30.47 10.82 18.56
CA GLY B 191 -31.50 11.79 18.90
C GLY B 191 -31.15 13.20 18.50
N GLY B 192 -30.21 13.31 17.57
CA GLY B 192 -29.78 14.60 17.09
C GLY B 192 -30.35 14.89 15.73
N ASN B 193 -30.58 16.17 15.46
CA ASN B 193 -31.13 16.59 14.17
C ASN B 193 -30.03 16.99 13.20
N PRO B 194 -29.76 16.14 12.21
CA PRO B 194 -28.73 16.44 11.23
C PRO B 194 -29.00 17.72 10.47
N GLY B 195 -30.23 18.21 10.57
CA GLY B 195 -30.58 19.44 9.89
C GLY B 195 -30.25 20.68 10.69
N SER B 196 -29.85 20.50 11.95
CA SER B 196 -29.52 21.61 12.81
C SER B 196 -28.18 21.35 13.52
N VAL B 197 -27.09 21.42 12.77
CA VAL B 197 -25.76 21.19 13.31
C VAL B 197 -25.01 22.52 13.43
N THR B 198 -24.56 22.83 14.64
CA THR B 198 -23.82 24.06 14.90
C THR B 198 -22.36 23.70 15.21
N ILE B 199 -21.40 24.32 14.51
CA ILE B 199 -20.01 24.04 14.80
C ILE B 199 -19.47 25.19 15.64
N PHE B 200 -18.61 24.86 16.61
CA PHE B 200 -18.01 25.88 17.46
C PHE B 200 -16.72 25.34 18.05
N GLY B 201 -15.76 26.24 18.23
CA GLY B 201 -14.48 25.85 18.77
C GLY B 201 -13.76 27.03 19.36
N GLU B 202 -12.68 26.78 20.09
CA GLU B 202 -11.94 27.85 20.70
C GLU B 202 -10.51 27.84 20.16
N SER B 203 -9.92 29.03 20.10
CA SER B 203 -8.57 29.17 19.59
C SER B 203 -8.49 28.53 18.20
N ALA B 204 -7.52 27.63 17.97
CA ALA B 204 -7.36 26.96 16.68
C ALA B 204 -8.68 26.38 16.21
N GLY B 205 -9.49 25.95 17.16
CA GLY B 205 -10.79 25.41 16.85
C GLY B 205 -11.65 26.51 16.24
N GLY B 206 -11.44 27.73 16.71
CA GLY B 206 -12.19 28.87 16.20
C GLY B 206 -11.74 29.20 14.80
N GLU B 207 -10.42 29.14 14.62
CA GLU B 207 -9.82 29.41 13.32
C GLU B 207 -10.33 28.35 12.34
N SER B 208 -10.49 27.11 12.83
CA SER B 208 -10.98 26.01 12.01
C SER B 208 -12.43 26.30 11.63
N VAL B 209 -13.23 26.67 12.62
CA VAL B 209 -14.63 27.00 12.38
C VAL B 209 -14.73 28.09 11.32
N SER B 210 -13.81 29.06 11.41
CA SER B 210 -13.77 30.14 10.45
C SER B 210 -13.39 29.64 9.05
N VAL B 211 -12.48 28.69 9.01
CA VAL B 211 -12.00 28.10 7.75
C VAL B 211 -13.09 27.25 7.13
N LEU B 212 -13.77 26.46 7.95
CA LEU B 212 -14.84 25.63 7.43
C LEU B 212 -15.90 26.54 6.83
N VAL B 213 -16.07 27.71 7.40
CA VAL B 213 -17.08 28.66 6.92
C VAL B 213 -16.74 29.15 5.50
N LEU B 214 -15.45 29.28 5.22
CA LEU B 214 -14.99 29.76 3.91
C LEU B 214 -14.79 28.61 2.93
N SER B 215 -14.63 27.40 3.44
CA SER B 215 -14.41 26.24 2.59
C SER B 215 -15.66 25.75 1.88
N PRO B 216 -15.53 25.45 0.58
CA PRO B 216 -16.66 24.95 -0.22
C PRO B 216 -17.00 23.54 0.21
N LEU B 217 -16.00 22.81 0.71
CA LEU B 217 -16.22 21.43 1.14
C LEU B 217 -17.16 21.31 2.31
N ALA B 218 -17.10 22.29 3.20
CA ALA B 218 -17.93 22.27 4.40
C ALA B 218 -19.37 22.69 4.13
N LYS B 219 -19.64 23.21 2.94
CA LYS B 219 -20.98 23.65 2.59
C LYS B 219 -22.02 22.58 2.88
N ASN B 220 -23.08 22.96 3.58
CA ASN B 220 -24.19 22.06 3.90
C ASN B 220 -23.90 20.99 4.95
N LEU B 221 -22.79 21.16 5.68
CA LEU B 221 -22.42 20.20 6.72
C LEU B 221 -22.75 20.74 8.10
N PHE B 222 -23.06 22.04 8.15
CA PHE B 222 -23.44 22.75 9.38
C PHE B 222 -24.36 23.94 9.04
N HIS B 223 -25.15 24.38 10.02
CA HIS B 223 -26.09 25.47 9.78
C HIS B 223 -25.89 26.70 10.64
N ARG B 224 -24.86 26.66 11.50
CA ARG B 224 -24.52 27.75 12.41
C ARG B 224 -23.08 27.56 12.81
N ALA B 225 -22.38 28.67 13.03
CA ALA B 225 -20.97 28.59 13.41
C ALA B 225 -20.62 29.58 14.50
N ILE B 226 -19.73 29.16 15.40
CA ILE B 226 -19.28 30.02 16.48
C ILE B 226 -17.75 29.97 16.61
N SER B 227 -17.10 31.12 16.60
CA SER B 227 -15.65 31.18 16.75
C SER B 227 -15.30 31.85 18.05
N GLU B 228 -14.58 31.13 18.90
CA GLU B 228 -14.16 31.67 20.18
C GLU B 228 -12.67 31.98 20.22
N SER B 229 -12.33 33.26 20.14
CA SER B 229 -10.93 33.67 20.20
C SER B 229 -10.13 33.00 19.10
N GLY B 230 -10.45 33.30 17.84
CA GLY B 230 -9.71 32.70 16.74
C GLY B 230 -10.48 32.64 15.44
N VAL B 231 -9.90 33.20 14.39
CA VAL B 231 -10.54 33.19 13.08
C VAL B 231 -9.52 32.92 11.97
N ALA B 232 -9.99 32.95 10.72
CA ALA B 232 -9.13 32.70 9.56
C ALA B 232 -8.19 33.88 9.26
N LEU B 233 -8.39 34.99 9.96
CA LEU B 233 -7.53 36.16 9.78
C LEU B 233 -6.41 36.19 10.83
N THR B 234 -6.38 35.15 11.68
CA THR B 234 -5.36 34.99 12.73
C THR B 234 -4.12 34.42 12.03
N SER B 235 -3.46 35.28 11.29
CA SER B 235 -2.28 34.92 10.52
C SER B 235 -1.46 33.75 11.09
N VAL B 236 -1.04 33.86 12.35
CA VAL B 236 -0.22 32.82 12.96
C VAL B 236 -0.63 31.37 12.67
N LEU B 237 -1.87 31.17 12.22
CA LEU B 237 -2.36 29.82 11.93
C LEU B 237 -2.54 29.52 10.44
N VAL B 238 -2.55 30.56 9.61
CA VAL B 238 -2.73 30.39 8.17
C VAL B 238 -1.44 30.69 7.42
N LYS B 239 -0.84 29.67 6.82
CA LYS B 239 0.41 29.87 6.09
C LYS B 239 0.21 30.36 4.65
N LYS B 240 0.81 31.49 4.32
CA LYS B 240 0.68 32.04 2.98
C LYS B 240 2.04 32.05 2.32
N GLY B 241 2.05 32.10 0.99
CA GLY B 241 3.33 32.10 0.31
C GLY B 241 3.80 30.69 -0.01
N ASP B 242 5.09 30.53 -0.23
CA ASP B 242 5.63 29.23 -0.55
C ASP B 242 5.95 28.45 0.72
N VAL B 243 5.25 27.33 0.91
CA VAL B 243 5.45 26.48 2.08
C VAL B 243 6.55 25.46 1.85
N LYS B 244 6.97 25.35 0.59
CA LYS B 244 8.01 24.41 0.17
C LYS B 244 9.22 24.42 1.10
N PRO B 245 9.70 25.62 1.47
CA PRO B 245 10.85 25.74 2.37
C PRO B 245 10.58 25.10 3.73
N LEU B 246 9.36 25.26 4.25
CA LEU B 246 9.05 24.67 5.56
C LEU B 246 9.07 23.15 5.44
N ALA B 247 8.49 22.66 4.35
CA ALA B 247 8.43 21.23 4.11
C ALA B 247 9.85 20.67 4.15
N GLU B 248 10.72 21.28 3.35
CA GLU B 248 12.10 20.86 3.24
C GLU B 248 12.83 20.88 4.59
N GLN B 249 12.54 21.90 5.40
CA GLN B 249 13.19 22.02 6.69
C GLN B 249 12.76 20.87 7.62
N ILE B 250 11.51 20.46 7.51
CA ILE B 250 10.97 19.37 8.31
C ILE B 250 11.59 18.06 7.85
N ALA B 251 11.59 17.88 6.52
CA ALA B 251 12.14 16.69 5.87
C ALA B 251 13.55 16.42 6.38
N ILE B 252 14.39 17.44 6.32
CA ILE B 252 15.76 17.32 6.77
C ILE B 252 15.78 16.96 8.24
N THR B 253 15.03 17.72 9.05
CA THR B 253 14.96 17.50 10.49
C THR B 253 14.52 16.07 10.80
N ALA B 254 13.79 15.49 9.85
CA ALA B 254 13.30 14.13 10.00
C ALA B 254 14.31 13.18 9.39
N GLY B 255 15.41 13.72 8.87
CA GLY B 255 16.43 12.89 8.28
C GLY B 255 16.04 12.38 6.90
N CYS B 256 15.35 13.23 6.15
CA CYS B 256 14.89 12.87 4.82
C CYS B 256 15.54 13.70 3.75
N LYS B 257 15.49 13.20 2.52
CA LYS B 257 16.07 13.93 1.40
C LYS B 257 15.02 14.94 0.94
N THR B 258 15.43 15.89 0.12
CA THR B 258 14.47 16.87 -0.35
C THR B 258 14.57 17.03 -1.86
N THR B 259 15.03 15.97 -2.53
CA THR B 259 15.20 15.99 -3.98
C THR B 259 13.94 16.51 -4.67
N THR B 260 12.79 15.99 -4.27
CA THR B 260 11.51 16.45 -4.85
C THR B 260 10.42 16.27 -3.81
N SER B 261 9.31 16.94 -4.03
CA SER B 261 8.20 16.83 -3.12
C SER B 261 7.87 15.36 -2.86
N ALA B 262 7.57 14.63 -3.93
CA ALA B 262 7.25 13.22 -3.83
C ALA B 262 8.25 12.48 -2.95
N VAL B 263 9.54 12.72 -3.20
CA VAL B 263 10.54 12.06 -2.39
C VAL B 263 10.35 12.37 -0.91
N MET B 264 10.15 13.64 -0.59
CA MET B 264 9.95 14.05 0.80
C MET B 264 8.77 13.31 1.43
N VAL B 265 7.63 13.38 0.75
CA VAL B 265 6.42 12.75 1.25
C VAL B 265 6.61 11.26 1.46
N HIS B 266 7.27 10.61 0.51
CA HIS B 266 7.49 9.18 0.60
C HIS B 266 8.37 8.85 1.80
N CYS B 267 9.41 9.64 1.97
CA CYS B 267 10.34 9.41 3.07
C CYS B 267 9.63 9.57 4.41
N LEU B 268 8.86 10.64 4.55
CA LEU B 268 8.16 10.86 5.80
C LEU B 268 7.15 9.75 6.09
N ARG B 269 6.56 9.17 5.04
CA ARG B 269 5.59 8.11 5.27
C ARG B 269 6.29 6.88 5.82
N GLN B 270 7.61 6.84 5.66
CA GLN B 270 8.41 5.73 6.12
C GLN B 270 8.75 5.93 7.58
N LYS B 271 8.84 7.17 8.02
CA LYS B 271 9.17 7.44 9.41
C LYS B 271 8.14 6.84 10.35
N THR B 272 8.56 6.52 11.56
CA THR B 272 7.65 5.95 12.53
C THR B 272 6.98 7.09 13.24
N GLU B 273 5.80 6.80 13.82
CA GLU B 273 5.06 7.82 14.57
C GLU B 273 6.03 8.45 15.53
N GLU B 274 6.86 7.60 16.12
CA GLU B 274 7.83 8.07 17.09
C GLU B 274 8.89 8.96 16.49
N GLU B 275 9.40 8.61 15.31
CA GLU B 275 10.43 9.43 14.69
C GLU B 275 9.90 10.84 14.38
N LEU B 276 8.66 10.92 13.88
CA LEU B 276 8.05 12.20 13.55
C LEU B 276 7.73 13.01 14.82
N LEU B 277 7.53 12.30 15.93
CA LEU B 277 7.22 12.97 17.19
C LEU B 277 8.47 13.67 17.69
N GLU B 278 9.61 13.00 17.51
CA GLU B 278 10.88 13.58 17.92
C GLU B 278 11.16 14.78 17.03
N THR B 279 10.89 14.61 15.74
CA THR B 279 11.12 15.69 14.80
C THR B 279 10.35 16.90 15.32
N THR B 280 9.09 16.67 15.69
CA THR B 280 8.20 17.71 16.18
C THR B 280 8.84 18.50 17.29
N LEU B 281 9.37 17.78 18.27
CA LEU B 281 10.03 18.41 19.40
C LEU B 281 11.24 19.19 18.93
N LYS B 282 12.02 18.61 18.02
CA LYS B 282 13.21 19.30 17.53
C LYS B 282 12.88 20.65 16.91
N MET B 283 11.84 20.65 16.08
CA MET B 283 11.38 21.87 15.40
C MET B 283 10.88 22.90 16.43
N LYS B 284 10.82 22.49 17.69
CA LYS B 284 10.37 23.38 18.77
C LYS B 284 9.26 24.34 18.39
N PHE B 285 8.07 23.81 18.17
CA PHE B 285 6.93 24.64 17.82
C PHE B 285 6.27 25.14 19.10
N LEU B 286 5.26 26.00 18.98
CA LEU B 286 4.56 26.54 20.15
C LEU B 286 5.44 27.27 21.17
N SER B 287 6.69 27.57 20.79
CA SER B 287 7.61 28.28 21.67
C SER B 287 8.35 29.35 20.85
N LEU B 288 8.35 30.58 21.35
CA LEU B 288 8.94 31.72 20.64
C LEU B 288 10.45 31.79 20.63
N ASP B 289 11.03 31.77 19.43
CA ASP B 289 12.48 31.86 19.30
C ASP B 289 12.92 33.28 19.67
N LEU B 290 13.98 33.38 20.47
CA LEU B 290 14.46 34.70 20.89
C LEU B 290 15.57 35.28 20.01
N GLN B 291 16.46 34.41 19.53
CA GLN B 291 17.57 34.86 18.70
C GLN B 291 17.33 34.57 17.21
N GLY B 292 18.34 34.85 16.39
CA GLY B 292 18.21 34.61 14.97
C GLY B 292 17.29 35.64 14.34
N ASP B 293 16.80 35.32 13.15
CA ASP B 293 15.90 36.21 12.42
C ASP B 293 14.47 35.83 12.72
N PRO B 294 13.70 36.76 13.32
CA PRO B 294 12.28 36.56 13.68
C PRO B 294 11.40 36.07 12.52
N ARG B 295 11.80 36.40 11.29
CA ARG B 295 11.04 36.02 10.10
C ARG B 295 11.36 34.61 9.63
N GLU B 296 12.18 33.89 10.39
CA GLU B 296 12.55 32.52 10.07
C GLU B 296 12.13 31.54 11.17
N SER B 297 11.59 32.07 12.27
CA SER B 297 11.15 31.22 13.37
C SER B 297 9.74 30.73 13.05
N GLN B 298 9.62 29.68 12.25
CA GLN B 298 8.31 29.14 11.91
C GLN B 298 7.59 28.70 13.20
N PRO B 299 6.43 29.30 13.49
CA PRO B 299 5.52 29.09 14.63
C PRO B 299 4.97 27.69 14.86
N LEU B 300 4.14 27.27 13.91
CA LEU B 300 3.49 25.98 13.92
C LEU B 300 2.73 25.74 12.60
N LEU B 301 3.10 24.66 11.92
CA LEU B 301 2.47 24.26 10.66
C LEU B 301 1.02 24.65 10.77
N GLY B 302 0.37 24.98 9.66
CA GLY B 302 -1.02 25.33 9.77
C GLY B 302 -1.82 25.23 8.50
N THR B 303 -2.94 25.94 8.47
CA THR B 303 -3.84 26.00 7.34
C THR B 303 -3.12 26.60 6.14
N VAL B 304 -3.24 25.98 4.97
CA VAL B 304 -2.61 26.50 3.76
C VAL B 304 -3.72 26.64 2.73
N ILE B 305 -3.38 27.16 1.57
CA ILE B 305 -4.38 27.31 0.52
C ILE B 305 -4.21 26.15 -0.44
N ASP B 306 -4.64 24.96 -0.05
CA ASP B 306 -4.48 23.77 -0.88
C ASP B 306 -5.19 23.77 -2.23
N GLY B 307 -6.27 24.54 -2.36
CA GLY B 307 -6.98 24.55 -3.62
C GLY B 307 -8.15 23.58 -3.55
N MET B 308 -8.24 22.83 -2.47
CA MET B 308 -9.34 21.88 -2.26
C MET B 308 -10.28 22.41 -1.16
N LEU B 309 -9.74 22.63 0.03
CA LEU B 309 -10.50 23.14 1.17
C LEU B 309 -10.67 24.64 1.03
N LEU B 310 -9.57 25.33 0.71
CA LEU B 310 -9.58 26.77 0.51
C LEU B 310 -9.03 27.08 -0.87
N LEU B 311 -9.85 27.74 -1.68
CA LEU B 311 -9.49 28.12 -3.05
C LEU B 311 -8.57 29.34 -3.08
N LYS B 312 -8.51 30.07 -1.98
CA LYS B 312 -7.66 31.22 -1.88
C LYS B 312 -7.60 31.72 -0.45
N THR B 313 -6.72 32.66 -0.17
CA THR B 313 -6.58 33.17 1.17
C THR B 313 -7.88 33.66 1.76
N PRO B 314 -8.04 33.51 3.08
CA PRO B 314 -9.25 33.95 3.77
C PRO B 314 -9.64 35.37 3.38
N GLU B 315 -8.67 36.27 3.44
CA GLU B 315 -8.91 37.65 3.08
C GLU B 315 -9.64 37.75 1.74
N GLU B 316 -9.11 37.09 0.72
CA GLU B 316 -9.74 37.12 -0.60
C GLU B 316 -11.16 36.57 -0.54
N LEU B 317 -11.30 35.42 0.11
CA LEU B 317 -12.59 34.75 0.21
C LEU B 317 -13.68 35.62 0.85
N GLN B 318 -13.41 36.17 2.02
CA GLN B 318 -14.39 37.00 2.72
C GLN B 318 -14.75 38.26 1.93
N ALA B 319 -13.95 38.56 0.91
CA ALA B 319 -14.20 39.72 0.08
C ALA B 319 -15.23 39.40 -0.98
N GLU B 320 -16.07 38.41 -0.71
CA GLU B 320 -17.10 38.00 -1.64
C GLU B 320 -18.43 37.71 -0.93
N ARG B 321 -19.53 38.04 -1.59
CA ARG B 321 -20.87 37.80 -1.05
C ARG B 321 -21.61 36.77 -1.93
N ASN B 322 -20.83 35.92 -2.60
CA ASN B 322 -21.37 34.88 -3.47
C ASN B 322 -21.04 33.48 -2.93
N PHE B 323 -21.63 33.14 -1.80
CA PHE B 323 -21.40 31.85 -1.17
C PHE B 323 -22.52 31.54 -0.16
N HIS B 324 -22.50 30.34 0.41
CA HIS B 324 -23.48 29.91 1.40
C HIS B 324 -23.19 30.60 2.75
N THR B 325 -24.17 31.34 3.27
CA THR B 325 -24.02 32.07 4.53
C THR B 325 -24.87 31.47 5.65
N VAL B 326 -24.36 31.52 6.87
CA VAL B 326 -25.09 30.98 8.02
C VAL B 326 -24.84 31.87 9.23
N PRO B 327 -25.69 31.77 10.26
CA PRO B 327 -25.52 32.59 11.47
C PRO B 327 -24.13 32.33 12.02
N TYR B 328 -23.38 33.39 12.23
CA TYR B 328 -22.01 33.26 12.73
C TYR B 328 -21.81 34.08 13.99
N MET B 329 -21.29 33.45 15.04
CA MET B 329 -21.03 34.16 16.29
C MET B 329 -19.52 34.19 16.53
N VAL B 330 -18.93 35.38 16.48
CA VAL B 330 -17.49 35.53 16.69
C VAL B 330 -17.20 36.34 17.94
N GLY B 331 -16.44 35.79 18.88
CA GLY B 331 -16.18 36.56 20.07
C GLY B 331 -14.75 36.48 20.53
N ILE B 332 -14.41 37.34 21.49
CA ILE B 332 -13.07 37.38 22.06
C ILE B 332 -13.13 37.60 23.57
N ASN B 333 -11.98 37.53 24.23
CA ASN B 333 -11.90 37.73 25.67
C ASN B 333 -11.12 39.01 25.98
N LYS B 334 -11.39 39.61 27.13
CA LYS B 334 -10.75 40.87 27.53
C LYS B 334 -9.24 40.87 27.36
N GLN B 335 -8.58 39.84 27.85
CA GLN B 335 -7.13 39.75 27.75
C GLN B 335 -6.70 38.45 27.09
N GLU B 336 -6.76 38.40 25.77
CA GLU B 336 -6.39 37.20 25.03
C GLU B 336 -4.95 36.77 25.28
N PHE B 337 -4.05 37.74 25.40
CA PHE B 337 -2.64 37.42 25.63
C PHE B 337 -2.30 37.71 27.09
N GLY B 338 -3.28 37.52 27.96
CA GLY B 338 -3.09 37.78 29.36
C GLY B 338 -2.06 36.96 30.10
N TRP B 339 -2.18 35.64 30.06
CA TRP B 339 -1.23 34.78 30.76
C TRP B 339 -0.98 33.45 30.05
N LEU B 340 -2.07 32.75 29.70
CA LEU B 340 -2.02 31.43 29.05
C LEU B 340 -1.01 31.28 27.94
N ILE B 341 -1.32 31.86 26.79
CA ILE B 341 -0.42 31.78 25.66
C ILE B 341 0.99 32.26 25.97
N PRO B 342 1.15 33.49 26.50
CA PRO B 342 2.48 34.03 26.84
C PRO B 342 3.34 33.05 27.64
N MET B 343 2.74 32.49 28.68
CA MET B 343 3.39 31.51 29.56
C MET B 343 3.84 30.29 28.76
N LEU B 344 2.91 29.65 28.08
CA LEU B 344 3.21 28.47 27.28
C LEU B 344 4.36 28.69 26.31
N MET B 345 4.27 29.77 25.55
CA MET B 345 5.31 30.08 24.59
C MET B 345 6.59 30.44 25.25
N SER B 346 6.59 30.46 26.57
CA SER B 346 7.79 30.77 27.31
C SER B 346 8.24 32.19 27.01
N TYR B 347 7.32 33.16 27.06
CA TYR B 347 7.67 34.55 26.79
C TYR B 347 8.65 35.09 27.83
N PRO B 348 9.56 35.99 27.40
CA PRO B 348 10.60 36.64 28.22
C PRO B 348 10.10 37.63 29.30
N LEU B 349 8.80 37.86 29.37
CA LEU B 349 8.22 38.82 30.32
C LEU B 349 8.51 38.55 31.80
N SER B 350 9.31 37.53 32.07
CA SER B 350 9.68 37.13 33.44
C SER B 350 9.99 38.22 34.50
N GLU B 351 10.29 39.44 34.04
CA GLU B 351 10.67 40.57 34.89
C GLU B 351 9.54 41.25 35.66
N GLY B 352 8.38 41.36 35.03
CA GLY B 352 7.23 41.98 35.67
C GLY B 352 6.82 43.26 35.00
N GLN B 353 7.78 43.91 34.34
CA GLN B 353 7.53 45.17 33.64
C GLN B 353 8.26 45.17 32.30
N LEU B 354 8.09 46.24 31.54
CA LEU B 354 8.71 46.35 30.23
C LEU B 354 8.85 47.82 29.85
N ASP B 355 9.88 48.14 29.08
CA ASP B 355 10.14 49.51 28.65
C ASP B 355 10.06 49.62 27.12
N GLN B 356 9.80 50.84 26.64
CA GLN B 356 9.68 51.10 25.20
C GLN B 356 10.71 50.36 24.33
N LYS B 357 11.96 50.37 24.78
CA LYS B 357 13.05 49.73 24.04
C LYS B 357 12.94 48.22 23.97
N THR B 358 12.80 47.57 25.13
CA THR B 358 12.68 46.12 25.16
C THR B 358 11.38 45.69 24.50
N ALA B 359 10.42 46.60 24.51
CA ALA B 359 9.12 46.36 23.91
C ALA B 359 9.29 46.14 22.42
N MET B 360 9.85 47.14 21.73
CA MET B 360 10.05 47.03 20.29
C MET B 360 10.87 45.80 19.93
N SER B 361 11.68 45.35 20.89
CA SER B 361 12.52 44.17 20.70
C SER B 361 11.65 42.91 20.66
N LEU B 362 10.89 42.70 21.73
CA LEU B 362 9.99 41.56 21.85
C LEU B 362 8.97 41.54 20.72
N LEU B 363 8.41 42.68 20.39
CA LEU B 363 7.42 42.76 19.31
C LEU B 363 8.05 42.25 18.01
N TRP B 364 9.34 42.48 17.85
CA TRP B 364 10.06 42.03 16.66
C TRP B 364 10.17 40.51 16.70
N LYS B 365 10.73 39.97 17.78
CA LYS B 365 10.90 38.52 17.90
C LYS B 365 9.54 37.81 17.87
N SER B 366 8.49 38.57 18.14
CA SER B 366 7.13 38.03 18.14
C SER B 366 6.56 38.11 16.74
N TYR B 367 7.45 38.26 15.76
CA TYR B 367 7.05 38.37 14.36
C TYR B 367 6.15 37.22 13.89
N PRO B 368 6.55 35.96 14.18
CA PRO B 368 5.75 34.82 13.76
C PRO B 368 4.34 34.77 14.34
N LEU B 369 4.02 35.75 15.19
CA LEU B 369 2.70 35.82 15.83
C LEU B 369 1.89 37.04 15.40
N VAL B 370 2.56 38.17 15.26
CA VAL B 370 1.88 39.39 14.87
C VAL B 370 2.20 39.81 13.45
N CYS B 371 3.32 39.33 12.93
CA CYS B 371 3.78 39.64 11.58
C CYS B 371 3.84 41.15 11.35
N ILE B 372 4.61 41.85 12.19
CA ILE B 372 4.74 43.30 12.08
C ILE B 372 6.13 43.66 11.55
N ALA B 373 6.17 44.28 10.38
CA ALA B 373 7.42 44.69 9.75
C ALA B 373 8.27 45.43 10.78
N LYS B 374 9.58 45.24 10.72
CA LYS B 374 10.45 45.91 11.70
C LYS B 374 10.38 47.42 11.59
N GLU B 375 9.93 47.89 10.43
CA GLU B 375 9.81 49.33 10.18
C GLU B 375 8.56 49.91 10.84
N LEU B 376 7.59 49.04 11.10
CA LEU B 376 6.33 49.42 11.72
C LEU B 376 6.40 49.27 13.24
N ILE B 377 7.30 48.41 13.71
CA ILE B 377 7.47 48.15 15.14
C ILE B 377 7.40 49.42 15.99
N PRO B 378 8.16 50.45 15.61
CA PRO B 378 8.16 51.72 16.36
C PRO B 378 6.76 52.33 16.55
N GLU B 379 6.08 52.60 15.43
CA GLU B 379 4.74 53.19 15.45
C GLU B 379 3.79 52.40 16.34
N ALA B 380 3.72 51.09 16.11
CA ALA B 380 2.83 50.22 16.89
C ALA B 380 3.15 50.34 18.38
N THR B 381 4.42 50.20 18.72
CA THR B 381 4.83 50.28 20.12
C THR B 381 4.35 51.58 20.75
N GLU B 382 4.60 52.68 20.06
CA GLU B 382 4.22 54.01 20.55
C GLU B 382 2.72 54.16 20.73
N LYS B 383 1.95 53.66 19.76
CA LYS B 383 0.50 53.76 19.82
C LYS B 383 -0.09 53.06 21.05
N TYR B 384 0.62 52.06 21.57
CA TYR B 384 0.14 51.31 22.73
C TYR B 384 0.84 51.65 24.05
N LEU B 385 2.17 51.62 24.05
CA LEU B 385 2.92 51.92 25.26
C LEU B 385 3.26 53.41 25.45
N GLY B 386 3.03 54.20 24.41
CA GLY B 386 3.32 55.62 24.49
C GLY B 386 2.60 56.33 25.62
N GLY B 387 1.71 55.61 26.31
CA GLY B 387 0.97 56.17 27.42
C GLY B 387 1.82 56.40 28.66
N THR B 388 1.33 55.96 29.81
CA THR B 388 2.05 56.13 31.07
C THR B 388 3.51 55.68 30.94
N ASP B 389 4.37 56.27 31.77
CA ASP B 389 5.80 55.96 31.78
C ASP B 389 6.01 54.78 32.70
N ASP B 390 4.90 54.25 33.23
CA ASP B 390 4.94 53.12 34.13
C ASP B 390 5.40 51.87 33.37
N THR B 391 6.60 51.40 33.70
CA THR B 391 7.17 50.23 33.06
C THR B 391 6.26 49.02 33.18
N VAL B 392 5.65 48.87 34.35
CA VAL B 392 4.76 47.75 34.61
C VAL B 392 3.52 47.83 33.73
N LYS B 393 3.01 49.04 33.51
CA LYS B 393 1.83 49.21 32.68
C LYS B 393 2.14 49.00 31.20
N LYS B 394 3.34 49.40 30.77
CA LYS B 394 3.74 49.21 29.37
C LYS B 394 3.66 47.73 29.04
N LYS B 395 4.05 46.89 30.01
CA LYS B 395 4.03 45.44 29.86
C LYS B 395 2.60 44.96 29.65
N ASP B 396 1.67 45.62 30.34
CA ASP B 396 0.26 45.29 30.26
C ASP B 396 -0.34 45.81 28.97
N LEU B 397 0.13 46.96 28.55
CA LEU B 397 -0.34 47.54 27.30
C LEU B 397 0.28 46.76 26.15
N PHE B 398 1.48 46.22 26.39
CA PHE B 398 2.18 45.43 25.38
C PHE B 398 1.41 44.15 25.12
N LEU B 399 0.93 43.53 26.21
CA LEU B 399 0.15 42.30 26.11
C LEU B 399 -1.14 42.59 25.36
N ASP B 400 -1.62 43.82 25.47
CA ASP B 400 -2.83 44.21 24.77
C ASP B 400 -2.49 44.35 23.29
N LEU B 401 -1.26 44.80 23.02
CA LEU B 401 -0.82 45.00 21.64
C LEU B 401 -0.96 43.70 20.88
N ILE B 402 -0.29 42.66 21.38
CA ILE B 402 -0.33 41.36 20.74
C ILE B 402 -1.75 40.79 20.66
N ALA B 403 -2.43 40.77 21.81
CA ALA B 403 -3.80 40.27 21.89
C ALA B 403 -4.69 40.90 20.83
N ASP B 404 -4.46 42.16 20.49
CA ASP B 404 -5.29 42.81 19.48
C ASP B 404 -4.99 42.32 18.08
N VAL B 405 -3.71 42.18 17.76
CA VAL B 405 -3.31 41.75 16.42
C VAL B 405 -3.67 40.28 16.17
N MET B 406 -3.63 39.47 17.21
CA MET B 406 -3.95 38.06 17.04
C MET B 406 -5.42 37.73 17.08
N PHE B 407 -6.19 38.42 17.93
CA PHE B 407 -7.62 38.11 18.02
C PHE B 407 -8.53 39.30 17.86
N GLY B 408 -8.27 40.35 18.63
CA GLY B 408 -9.11 41.54 18.58
C GLY B 408 -9.48 42.01 17.17
N VAL B 409 -8.53 42.65 16.50
CA VAL B 409 -8.78 43.18 15.17
C VAL B 409 -9.24 42.13 14.16
N PRO B 410 -8.57 40.96 14.10
CA PRO B 410 -8.96 39.90 13.15
C PRO B 410 -10.42 39.49 13.29
N SER B 411 -10.84 39.25 14.52
CA SER B 411 -12.21 38.83 14.84
C SER B 411 -13.25 39.81 14.38
N VAL B 412 -13.04 41.08 14.70
CA VAL B 412 -13.99 42.11 14.32
C VAL B 412 -14.06 42.24 12.78
N ILE B 413 -12.89 42.22 12.13
CA ILE B 413 -12.83 42.31 10.68
C ILE B 413 -13.67 41.20 10.03
N VAL B 414 -13.51 39.98 10.54
CA VAL B 414 -14.26 38.84 10.03
C VAL B 414 -15.75 39.03 10.23
N ALA B 415 -16.12 39.48 11.42
CA ALA B 415 -17.51 39.70 11.80
C ALA B 415 -18.18 40.71 10.88
N ARG B 416 -17.46 41.78 10.60
CA ARG B 416 -17.98 42.82 9.72
C ARG B 416 -18.28 42.25 8.35
N ASN B 417 -17.30 41.57 7.76
CA ASN B 417 -17.47 40.98 6.45
C ASN B 417 -18.63 39.97 6.39
N HIS B 418 -18.79 39.20 7.46
CA HIS B 418 -19.87 38.22 7.50
C HIS B 418 -21.19 38.98 7.52
N ARG B 419 -21.15 40.12 8.17
CA ARG B 419 -22.30 40.99 8.29
C ARG B 419 -22.60 41.56 6.91
N ASP B 420 -21.63 42.29 6.34
CA ASP B 420 -21.80 42.91 5.03
C ASP B 420 -22.19 41.87 3.97
N ALA B 421 -21.88 40.61 4.24
CA ALA B 421 -22.20 39.53 3.32
C ALA B 421 -23.70 39.34 3.31
N GLY B 422 -24.33 39.66 4.44
CA GLY B 422 -25.78 39.54 4.54
C GLY B 422 -26.26 38.40 5.42
N ALA B 423 -25.39 37.95 6.30
CA ALA B 423 -25.76 36.86 7.17
C ALA B 423 -25.75 37.30 8.63
N PRO B 424 -26.63 36.69 9.44
CA PRO B 424 -26.75 37.00 10.86
C PRO B 424 -25.41 36.92 11.57
N THR B 425 -24.94 38.08 12.05
CA THR B 425 -23.67 38.11 12.75
C THR B 425 -23.84 38.52 14.21
N TYR B 426 -23.01 37.95 15.09
CA TYR B 426 -23.06 38.25 16.53
C TYR B 426 -21.67 38.27 17.12
N MET B 427 -21.40 39.22 18.00
CA MET B 427 -20.10 39.32 18.64
C MET B 427 -20.22 39.47 20.13
N TYR B 428 -19.16 39.12 20.87
CA TYR B 428 -19.17 39.26 22.32
C TYR B 428 -17.76 39.43 22.85
N GLU B 429 -17.65 39.87 24.09
CA GLU B 429 -16.36 40.04 24.70
C GLU B 429 -16.43 39.52 26.13
N PHE B 430 -15.95 38.28 26.31
CA PHE B 430 -15.96 37.62 27.60
C PHE B 430 -14.98 38.31 28.54
N GLN B 431 -15.50 38.78 29.65
CA GLN B 431 -14.70 39.48 30.65
C GLN B 431 -14.99 38.89 32.02
N TYR B 432 -14.29 37.83 32.40
CA TYR B 432 -14.52 37.20 33.70
C TYR B 432 -13.34 36.31 34.03
N ARG B 433 -12.98 36.21 35.31
CA ARG B 433 -11.86 35.37 35.71
C ARG B 433 -12.38 34.14 36.43
N PRO B 434 -12.47 33.00 35.72
CA PRO B 434 -12.98 31.76 36.34
C PRO B 434 -12.19 31.34 37.58
N SER B 435 -12.91 30.70 38.50
CA SER B 435 -12.32 30.24 39.74
C SER B 435 -11.49 28.99 39.43
N PHE B 436 -11.70 28.42 38.26
CA PHE B 436 -10.98 27.23 37.88
C PHE B 436 -9.66 27.53 37.23
N SER B 437 -9.25 28.81 37.28
CA SER B 437 -7.97 29.20 36.68
C SER B 437 -6.79 28.54 37.38
N SER B 438 -5.61 28.72 36.79
CA SER B 438 -4.39 28.16 37.35
C SER B 438 -3.94 28.97 38.56
N ASP B 439 -3.17 28.34 39.43
CA ASP B 439 -2.67 29.02 40.62
C ASP B 439 -1.57 29.98 40.22
N MET B 440 -0.88 29.68 39.13
CA MET B 440 0.21 30.53 38.69
C MET B 440 -0.30 31.67 37.82
N LYS B 441 -1.62 31.83 37.73
CA LYS B 441 -2.21 32.90 36.94
C LYS B 441 -2.44 34.08 37.89
N PRO B 442 -1.82 35.25 37.61
CA PRO B 442 -2.01 36.40 38.49
C PRO B 442 -3.46 36.80 38.71
N LYS B 443 -3.75 37.19 39.95
CA LYS B 443 -5.09 37.58 40.36
C LYS B 443 -5.56 38.74 39.49
N THR B 444 -4.60 39.45 38.91
CA THR B 444 -4.94 40.59 38.07
C THR B 444 -5.56 40.18 36.73
N VAL B 445 -4.95 39.21 36.05
CA VAL B 445 -5.42 38.73 34.74
C VAL B 445 -6.86 38.20 34.79
N ILE B 446 -7.76 38.98 34.18
CA ILE B 446 -9.17 38.62 34.11
C ILE B 446 -9.62 38.57 32.65
N GLY B 447 -10.08 37.39 32.22
CA GLY B 447 -10.54 37.24 30.85
C GLY B 447 -9.44 36.79 29.93
N ASP B 448 -8.63 35.87 30.43
CA ASP B 448 -7.51 35.32 29.69
C ASP B 448 -8.03 34.34 28.63
N HIS B 449 -7.11 33.90 27.78
CA HIS B 449 -7.39 32.98 26.69
C HIS B 449 -8.00 31.65 27.14
N GLY B 450 -9.22 31.37 26.68
CA GLY B 450 -9.88 30.13 27.05
C GLY B 450 -10.72 30.26 28.30
N ASP B 451 -10.73 31.42 28.95
CA ASP B 451 -11.51 31.58 30.17
C ASP B 451 -13.02 31.32 30.02
N GLU B 452 -13.57 31.52 28.83
CA GLU B 452 -15.01 31.33 28.65
C GLU B 452 -15.37 29.86 28.52
N LEU B 453 -14.35 29.04 28.24
CA LEU B 453 -14.55 27.61 28.09
C LEU B 453 -15.22 26.95 29.30
N PHE B 454 -15.07 27.55 30.48
CA PHE B 454 -15.68 26.98 31.69
C PHE B 454 -17.17 27.28 31.80
N SER B 455 -17.57 28.44 31.28
CA SER B 455 -18.96 28.83 31.30
C SER B 455 -19.65 28.07 30.17
N VAL B 456 -19.02 28.05 28.99
CA VAL B 456 -19.56 27.36 27.81
C VAL B 456 -19.76 25.86 28.06
N PHE B 457 -18.88 25.25 28.82
CA PHE B 457 -19.04 23.83 29.08
C PHE B 457 -19.53 23.51 30.49
N GLY B 458 -20.22 24.47 31.10
CA GLY B 458 -20.74 24.27 32.44
C GLY B 458 -19.78 23.62 33.42
N ALA B 459 -18.54 24.12 33.46
CA ALA B 459 -17.54 23.59 34.36
C ALA B 459 -18.04 23.64 35.80
N PRO B 460 -18.78 24.71 36.17
CA PRO B 460 -19.30 24.82 37.54
C PRO B 460 -20.17 23.66 37.94
N PHE B 461 -20.74 22.97 36.96
CA PHE B 461 -21.59 21.83 37.27
C PHE B 461 -20.85 20.51 37.29
N LEU B 462 -19.53 20.54 37.14
CA LEU B 462 -18.71 19.33 37.13
C LEU B 462 -17.59 19.44 38.15
N LYS B 463 -17.02 20.63 38.27
CA LYS B 463 -15.94 20.86 39.22
C LYS B 463 -16.56 21.37 40.53
N GLU B 464 -15.72 21.75 41.48
CA GLU B 464 -16.21 22.24 42.76
C GLU B 464 -15.66 23.61 43.15
N GLY B 465 -16.41 24.29 44.01
CA GLY B 465 -16.00 25.61 44.48
C GLY B 465 -16.57 26.80 43.74
N ALA B 466 -17.25 26.55 42.63
CA ALA B 466 -17.84 27.64 41.84
C ALA B 466 -18.87 28.40 42.68
N SER B 467 -18.75 29.72 42.73
CA SER B 467 -19.68 30.55 43.48
C SER B 467 -21.01 30.62 42.75
N GLU B 468 -22.06 31.05 43.44
CA GLU B 468 -23.37 31.14 42.81
C GLU B 468 -23.28 32.09 41.62
N GLU B 469 -22.31 32.99 41.66
CA GLU B 469 -22.14 33.94 40.56
C GLU B 469 -21.67 33.21 39.31
N GLU B 470 -20.68 32.36 39.49
CA GLU B 470 -20.12 31.59 38.40
C GLU B 470 -21.13 30.54 37.90
N ILE B 471 -21.82 29.90 38.84
CA ILE B 471 -22.82 28.90 38.50
C ILE B 471 -23.91 29.54 37.64
N ARG B 472 -24.19 30.81 37.91
CA ARG B 472 -25.20 31.52 37.17
C ARG B 472 -24.68 31.93 35.81
N LEU B 473 -23.47 32.48 35.76
CA LEU B 473 -22.84 32.91 34.51
C LEU B 473 -22.86 31.75 33.53
N SER B 474 -22.40 30.59 34.00
CA SER B 474 -22.38 29.40 33.17
C SER B 474 -23.75 29.10 32.59
N LYS B 475 -24.77 29.10 33.44
CA LYS B 475 -26.13 28.83 32.99
C LYS B 475 -26.53 29.75 31.86
N MET B 476 -26.12 31.01 31.98
CA MET B 476 -26.45 31.99 30.95
C MET B 476 -25.76 31.68 29.64
N VAL B 477 -24.43 31.62 29.65
CA VAL B 477 -23.66 31.36 28.45
C VAL B 477 -24.20 30.15 27.69
N MET B 478 -24.42 29.05 28.41
CA MET B 478 -24.94 27.86 27.77
C MET B 478 -26.29 28.16 27.12
N LYS B 479 -27.15 28.93 27.79
CA LYS B 479 -28.47 29.31 27.24
C LYS B 479 -28.26 30.01 25.92
N PHE B 480 -27.39 31.01 25.94
CA PHE B 480 -27.08 31.76 24.75
C PHE B 480 -26.60 30.83 23.64
N TRP B 481 -25.52 30.09 23.91
CA TRP B 481 -24.96 29.17 22.92
C TRP B 481 -26.01 28.20 22.38
N ALA B 482 -26.71 27.52 23.27
CA ALA B 482 -27.73 26.58 22.86
C ALA B 482 -28.79 27.29 22.01
N ASN B 483 -29.29 28.43 22.48
CA ASN B 483 -30.31 29.18 21.75
C ASN B 483 -29.84 29.48 20.34
N PHE B 484 -28.57 29.87 20.23
CA PHE B 484 -27.98 30.16 18.94
C PHE B 484 -28.03 28.90 18.06
N ALA B 485 -27.56 27.77 18.61
CA ALA B 485 -27.57 26.51 17.89
C ALA B 485 -28.97 26.20 17.37
N ARG B 486 -29.96 26.56 18.16
CA ARG B 486 -31.33 26.34 17.81
C ARG B 486 -31.81 27.29 16.71
N ASN B 487 -32.03 28.54 17.07
CA ASN B 487 -32.53 29.49 16.09
C ASN B 487 -31.52 30.34 15.34
N GLY B 488 -30.24 30.15 15.60
CA GLY B 488 -29.26 30.98 14.92
C GLY B 488 -29.35 32.38 15.51
N ASN B 489 -29.87 32.46 16.73
CA ASN B 489 -30.03 33.72 17.47
C ASN B 489 -29.85 33.41 18.95
N PRO B 490 -28.85 34.01 19.60
CA PRO B 490 -28.57 33.78 21.02
C PRO B 490 -29.69 34.16 21.99
N ASN B 491 -30.45 35.18 21.61
CA ASN B 491 -31.53 35.69 22.44
C ASN B 491 -32.59 34.68 22.86
N GLY B 492 -33.24 34.98 23.97
CA GLY B 492 -34.27 34.13 24.50
C GLY B 492 -34.73 34.71 25.83
N GLU B 493 -36.02 34.61 26.13
CA GLU B 493 -36.50 35.16 27.39
C GLU B 493 -35.76 34.56 28.58
N GLY B 494 -35.28 35.44 29.46
CA GLY B 494 -34.54 35.02 30.63
C GLY B 494 -33.07 35.36 30.48
N LEU B 495 -32.73 36.04 29.40
CA LEU B 495 -31.34 36.43 29.13
C LEU B 495 -31.27 37.87 28.64
N PRO B 496 -30.19 38.58 28.99
CA PRO B 496 -30.02 39.97 28.58
C PRO B 496 -30.18 40.02 27.08
N HIS B 497 -30.46 41.21 26.55
CA HIS B 497 -30.63 41.32 25.11
C HIS B 497 -29.28 41.35 24.44
N TRP B 498 -29.13 40.52 23.42
CA TRP B 498 -27.89 40.44 22.67
C TRP B 498 -28.18 41.04 21.31
N PRO B 499 -27.68 42.25 21.06
CA PRO B 499 -27.91 42.90 19.77
C PRO B 499 -27.15 42.18 18.65
N GLU B 500 -27.68 42.28 17.43
CA GLU B 500 -27.06 41.66 16.29
C GLU B 500 -25.97 42.58 15.78
N TYR B 501 -24.80 42.02 15.49
CA TYR B 501 -23.68 42.82 15.00
C TYR B 501 -23.95 43.37 13.60
N ASN B 502 -24.81 44.38 13.50
CA ASN B 502 -25.13 45.00 12.23
C ASN B 502 -24.34 46.28 12.04
N GLN B 503 -24.95 47.30 11.45
CA GLN B 503 -24.26 48.56 11.23
C GLN B 503 -23.89 49.26 12.53
N LYS B 504 -24.77 49.18 13.53
CA LYS B 504 -24.51 49.80 14.83
C LYS B 504 -23.33 49.11 15.50
N GLU B 505 -23.04 47.91 15.02
CA GLU B 505 -21.94 47.10 15.56
C GLU B 505 -22.16 46.79 17.03
N GLY B 506 -23.40 46.52 17.39
CA GLY B 506 -23.70 46.19 18.76
C GLY B 506 -23.21 44.82 19.10
N TYR B 507 -22.67 44.66 20.31
CA TYR B 507 -22.15 43.37 20.75
C TYR B 507 -22.40 43.22 22.25
N LEU B 508 -22.46 41.98 22.71
CA LEU B 508 -22.71 41.70 24.13
C LEU B 508 -21.43 41.57 24.95
N GLN B 509 -21.40 42.25 26.09
CA GLN B 509 -20.26 42.18 26.99
C GLN B 509 -20.62 41.12 28.03
N ILE B 510 -20.05 39.93 27.88
CA ILE B 510 -20.32 38.85 28.81
C ILE B 510 -19.39 38.87 30.02
N GLY B 511 -19.97 38.57 31.18
CA GLY B 511 -19.19 38.56 32.41
C GLY B 511 -20.07 38.74 33.65
N ALA B 512 -19.46 39.15 34.76
CA ALA B 512 -20.20 39.36 36.00
C ALA B 512 -21.30 40.35 35.71
N ASN B 513 -21.00 41.29 34.82
CA ASN B 513 -21.96 42.30 34.41
C ASN B 513 -22.20 42.14 32.92
N THR B 514 -23.28 41.46 32.56
CA THR B 514 -23.58 41.24 31.15
C THR B 514 -24.53 42.30 30.60
N GLN B 515 -24.09 43.00 29.56
CA GLN B 515 -24.91 44.04 28.93
C GLN B 515 -24.35 44.39 27.55
N ALA B 516 -25.23 44.84 26.66
CA ALA B 516 -24.80 45.20 25.32
C ALA B 516 -23.84 46.39 25.29
N ALA B 517 -23.27 46.64 24.12
CA ALA B 517 -22.33 47.73 23.87
C ALA B 517 -22.21 47.89 22.35
N GLN B 518 -21.32 48.78 21.90
CA GLN B 518 -21.14 48.98 20.46
C GLN B 518 -19.70 49.12 20.01
N LYS B 519 -19.51 48.99 18.70
CA LYS B 519 -18.19 49.10 18.09
C LYS B 519 -17.05 48.53 18.92
N LEU B 520 -16.89 47.20 18.83
CA LEU B 520 -15.85 46.47 19.55
C LEU B 520 -14.53 46.62 18.83
N LYS B 521 -13.49 47.02 19.56
CA LYS B 521 -12.16 47.20 19.00
C LYS B 521 -12.18 48.09 17.76
N ASP B 522 -13.21 48.93 17.64
CA ASP B 522 -13.37 49.80 16.49
C ASP B 522 -12.13 50.66 16.24
N LYS B 523 -11.63 51.27 17.31
CA LYS B 523 -10.45 52.11 17.23
C LYS B 523 -9.29 51.28 16.70
N GLU B 524 -9.06 50.16 17.38
CA GLU B 524 -7.98 49.24 17.03
C GLU B 524 -7.98 48.81 15.57
N VAL B 525 -9.11 48.27 15.13
CA VAL B 525 -9.23 47.82 13.75
C VAL B 525 -8.74 48.93 12.81
N ALA B 526 -9.28 50.13 13.01
CA ALA B 526 -8.92 51.27 12.20
C ALA B 526 -7.41 51.49 12.17
N PHE B 527 -6.82 51.68 13.34
CA PHE B 527 -5.39 51.92 13.45
C PHE B 527 -4.55 50.87 12.71
N TRP B 528 -4.67 49.63 13.15
CA TRP B 528 -3.91 48.54 12.56
C TRP B 528 -4.11 48.41 11.06
N THR B 529 -5.30 48.74 10.58
CA THR B 529 -5.54 48.64 9.15
C THR B 529 -4.63 49.60 8.40
N ASN B 530 -4.51 50.82 8.92
CA ASN B 530 -3.67 51.83 8.29
C ASN B 530 -2.19 51.46 8.38
N LEU B 531 -1.73 51.22 9.60
CA LEU B 531 -0.34 50.85 9.84
C LEU B 531 0.08 49.70 8.93
N PHE B 532 -0.69 48.61 8.95
CA PHE B 532 -0.40 47.43 8.13
C PHE B 532 -0.46 47.72 6.64
N ALA B 533 -1.21 48.75 6.24
CA ALA B 533 -1.30 49.12 4.84
C ALA B 533 -0.04 49.90 4.49
N LYS B 534 0.98 49.66 5.31
CA LYS B 534 2.28 50.28 5.18
C LYS B 534 2.13 51.80 5.10
N SER C 3 3.86 -39.56 -21.83
CA SER C 3 3.52 -38.68 -22.94
C SER C 3 3.92 -37.20 -22.71
N SER C 4 3.44 -36.31 -23.57
CA SER C 4 3.71 -34.87 -23.49
C SER C 4 3.09 -34.29 -22.20
N PRO C 5 3.84 -33.43 -21.49
CA PRO C 5 3.37 -32.81 -20.25
C PRO C 5 1.97 -32.24 -20.36
N PRO C 6 1.14 -32.49 -19.34
CA PRO C 6 -0.25 -32.02 -19.28
C PRO C 6 -0.34 -30.50 -19.23
N VAL C 7 -1.15 -29.93 -20.11
CA VAL C 7 -1.33 -28.49 -20.14
C VAL C 7 -2.81 -28.15 -20.07
N VAL C 8 -3.26 -27.75 -18.89
CA VAL C 8 -4.66 -27.39 -18.70
C VAL C 8 -4.82 -25.88 -18.80
N ASP C 9 -6.03 -25.45 -19.13
CA ASP C 9 -6.32 -24.03 -19.25
C ASP C 9 -7.24 -23.61 -18.12
N THR C 10 -6.75 -22.74 -17.24
CA THR C 10 -7.56 -22.29 -16.12
C THR C 10 -8.00 -20.86 -16.38
N VAL C 11 -8.89 -20.36 -15.53
CA VAL C 11 -9.40 -19.01 -15.65
C VAL C 11 -8.30 -17.98 -15.73
N HIS C 12 -7.27 -18.17 -14.93
CA HIS C 12 -6.14 -17.23 -14.89
C HIS C 12 -5.00 -17.53 -15.86
N GLY C 13 -5.10 -18.63 -16.60
CA GLY C 13 -4.06 -18.95 -17.55
C GLY C 13 -3.67 -20.40 -17.61
N LYS C 14 -3.00 -20.77 -18.69
CA LYS C 14 -2.56 -22.14 -18.90
C LYS C 14 -1.63 -22.64 -17.79
N VAL C 15 -1.81 -23.91 -17.41
CA VAL C 15 -0.97 -24.53 -16.38
C VAL C 15 -0.32 -25.78 -16.93
N LEU C 16 0.95 -25.97 -16.59
CA LEU C 16 1.71 -27.13 -17.05
C LEU C 16 1.99 -28.10 -15.90
N GLY C 17 1.73 -29.38 -16.10
CA GLY C 17 1.99 -30.35 -15.04
C GLY C 17 2.88 -31.49 -15.54
N LYS C 18 2.84 -32.62 -14.85
CA LYS C 18 3.63 -33.78 -15.26
C LYS C 18 2.78 -35.04 -15.08
N PHE C 19 3.06 -36.06 -15.89
CA PHE C 19 2.34 -37.33 -15.80
C PHE C 19 3.06 -38.28 -14.86
N VAL C 20 2.31 -39.03 -14.09
CA VAL C 20 2.90 -40.00 -13.19
C VAL C 20 2.01 -41.22 -13.15
N SER C 21 2.61 -42.38 -13.44
CA SER C 21 1.86 -43.63 -13.47
C SER C 21 2.01 -44.43 -12.19
N LEU C 22 0.89 -44.89 -11.66
CA LEU C 22 0.92 -45.72 -10.46
C LEU C 22 0.86 -47.12 -11.03
N GLU C 23 1.91 -47.91 -10.79
CA GLU C 23 1.99 -49.27 -11.31
C GLU C 23 0.71 -50.06 -11.05
N GLY C 24 0.22 -50.70 -12.10
CA GLY C 24 -1.01 -51.46 -11.99
C GLY C 24 -2.14 -50.70 -12.67
N PHE C 25 -1.87 -49.43 -12.98
CA PHE C 25 -2.86 -48.58 -13.63
C PHE C 25 -2.32 -48.08 -14.95
N ALA C 26 -3.14 -48.14 -15.98
CA ALA C 26 -2.71 -47.68 -17.29
C ALA C 26 -2.69 -46.16 -17.29
N GLN C 27 -3.86 -45.55 -17.35
CA GLN C 27 -3.96 -44.09 -17.38
C GLN C 27 -3.13 -43.45 -16.30
N PRO C 28 -2.07 -42.75 -16.71
CA PRO C 28 -1.20 -42.07 -15.74
C PRO C 28 -1.92 -40.86 -15.16
N VAL C 29 -1.61 -40.54 -13.92
CA VAL C 29 -2.25 -39.40 -13.27
C VAL C 29 -1.48 -38.11 -13.58
N ALA C 30 -2.24 -37.04 -13.85
CA ALA C 30 -1.68 -35.73 -14.16
C ALA C 30 -1.52 -35.00 -12.82
N ILE C 31 -0.29 -34.63 -12.48
CA ILE C 31 0.02 -33.95 -11.23
C ILE C 31 0.46 -32.49 -11.39
N PHE C 32 -0.28 -31.61 -10.75
CA PHE C 32 0.01 -30.18 -10.78
C PHE C 32 0.41 -29.73 -9.38
N LEU C 33 1.60 -29.17 -9.29
CA LEU C 33 2.13 -28.72 -8.00
C LEU C 33 2.34 -27.23 -7.94
N GLY C 34 1.62 -26.57 -7.04
CA GLY C 34 1.84 -25.15 -6.89
C GLY C 34 0.95 -24.21 -7.65
N ILE C 35 -0.25 -24.62 -7.97
CA ILE C 35 -1.16 -23.73 -8.68
C ILE C 35 -1.63 -22.74 -7.62
N PRO C 36 -1.36 -21.43 -7.82
CA PRO C 36 -1.75 -20.36 -6.89
C PRO C 36 -3.26 -20.12 -6.95
N PHE C 37 -3.93 -20.05 -5.80
CA PHE C 37 -5.37 -19.83 -5.82
C PHE C 37 -5.73 -18.49 -5.23
N ALA C 38 -4.71 -17.75 -4.87
CA ALA C 38 -4.90 -16.44 -4.28
C ALA C 38 -3.62 -15.66 -4.44
N LYS C 39 -3.74 -14.35 -4.29
CA LYS C 39 -2.62 -13.45 -4.41
C LYS C 39 -1.80 -13.52 -3.14
N PRO C 40 -0.47 -13.70 -3.27
CA PRO C 40 0.43 -13.79 -2.12
C PRO C 40 0.06 -12.74 -1.06
N PRO C 41 -0.40 -13.19 0.13
CA PRO C 41 -0.79 -12.30 1.24
C PRO C 41 0.39 -11.58 1.89
N LEU C 42 1.22 -10.98 1.05
CA LEU C 42 2.39 -10.25 1.51
C LEU C 42 2.09 -8.78 1.77
N GLY C 43 3.01 -8.14 2.50
CA GLY C 43 2.88 -6.72 2.82
C GLY C 43 1.58 -6.36 3.50
N PRO C 44 0.91 -5.32 3.01
CA PRO C 44 -0.37 -4.86 3.58
C PRO C 44 -1.49 -5.87 3.46
N LEU C 45 -1.30 -6.87 2.61
CA LEU C 45 -2.32 -7.89 2.43
C LEU C 45 -2.35 -8.86 3.60
N ARG C 46 -1.40 -8.70 4.51
CA ARG C 46 -1.31 -9.57 5.67
C ARG C 46 -2.45 -9.23 6.63
N PHE C 47 -3.03 -10.26 7.26
CA PHE C 47 -4.15 -10.07 8.19
C PHE C 47 -5.34 -9.48 7.45
N THR C 48 -5.56 -9.95 6.24
CA THR C 48 -6.68 -9.50 5.43
C THR C 48 -7.11 -10.69 4.62
N PRO C 49 -8.36 -10.68 4.14
CA PRO C 49 -8.88 -11.79 3.34
C PRO C 49 -8.04 -12.01 2.08
N PRO C 50 -8.07 -13.24 1.55
CA PRO C 50 -7.29 -13.54 0.35
C PRO C 50 -7.90 -12.92 -0.90
N GLN C 51 -7.05 -12.38 -1.76
CA GLN C 51 -7.50 -11.77 -3.01
C GLN C 51 -7.18 -12.66 -4.19
N PRO C 52 -7.96 -12.53 -5.29
CA PRO C 52 -7.75 -13.32 -6.49
C PRO C 52 -6.33 -13.20 -7.03
N ALA C 53 -5.86 -14.26 -7.68
CA ALA C 53 -4.52 -14.27 -8.24
C ALA C 53 -4.49 -13.49 -9.55
N GLU C 54 -3.30 -13.01 -9.89
CA GLU C 54 -3.11 -12.28 -11.13
C GLU C 54 -2.94 -13.25 -12.28
N PRO C 55 -3.52 -12.92 -13.43
CA PRO C 55 -3.42 -13.79 -14.61
C PRO C 55 -2.01 -13.82 -15.17
N TRP C 56 -1.59 -14.96 -15.71
CA TRP C 56 -0.27 -15.04 -16.30
C TRP C 56 -0.39 -15.05 -17.82
N SER C 57 0.62 -14.50 -18.48
CA SER C 57 0.61 -14.39 -19.92
C SER C 57 0.87 -15.65 -20.74
N PHE C 58 1.65 -16.59 -20.23
CA PHE C 58 1.91 -17.79 -21.02
C PHE C 58 1.57 -19.06 -20.27
N VAL C 59 2.44 -20.06 -20.37
CA VAL C 59 2.19 -21.32 -19.67
C VAL C 59 2.95 -21.35 -18.34
N LYS C 60 2.22 -21.54 -17.25
CA LYS C 60 2.84 -21.59 -15.93
C LYS C 60 3.16 -23.04 -15.54
N ASN C 61 4.40 -23.28 -15.12
CA ASN C 61 4.83 -24.62 -14.76
C ASN C 61 4.48 -25.02 -13.34
N ALA C 62 3.40 -25.78 -13.17
CA ALA C 62 3.03 -26.24 -11.84
C ALA C 62 3.75 -27.55 -11.61
N THR C 63 5.08 -27.50 -11.60
CA THR C 63 5.88 -28.71 -11.43
C THR C 63 6.86 -28.69 -10.26
N SER C 64 6.64 -27.79 -9.32
CA SER C 64 7.52 -27.68 -8.15
C SER C 64 6.71 -27.46 -6.89
N TYR C 65 6.95 -28.29 -5.90
CA TYR C 65 6.25 -28.20 -4.63
C TYR C 65 6.29 -26.79 -4.08
N PRO C 66 5.12 -26.20 -3.81
CA PRO C 66 5.02 -24.84 -3.28
C PRO C 66 5.52 -24.78 -1.84
N PRO C 67 5.93 -23.60 -1.38
CA PRO C 67 6.41 -23.42 -0.01
C PRO C 67 5.30 -23.74 0.97
N MET C 68 5.64 -23.92 2.23
CA MET C 68 4.58 -24.16 3.20
C MET C 68 4.50 -22.88 4.00
N CYS C 69 3.30 -22.53 4.45
CA CYS C 69 3.15 -21.30 5.21
C CYS C 69 4.09 -21.22 6.42
N THR C 70 4.66 -20.05 6.62
CA THR C 70 5.57 -19.83 7.72
C THR C 70 5.04 -20.55 8.96
N GLN C 71 5.92 -21.31 9.61
CA GLN C 71 5.58 -22.08 10.81
C GLN C 71 6.88 -22.55 11.45
N ASP C 72 6.76 -23.22 12.60
CA ASP C 72 7.93 -23.74 13.29
C ASP C 72 8.56 -24.73 12.32
N PRO C 73 9.74 -24.42 11.81
CA PRO C 73 10.36 -25.35 10.88
C PRO C 73 10.54 -26.77 11.45
N LYS C 74 11.02 -26.84 12.69
CA LYS C 74 11.25 -28.13 13.32
C LYS C 74 9.97 -28.93 13.41
N ALA C 75 9.04 -28.40 14.21
CA ALA C 75 7.75 -29.03 14.43
C ALA C 75 7.08 -29.33 13.10
N GLY C 76 7.20 -28.40 12.17
CA GLY C 76 6.59 -28.59 10.87
C GLY C 76 7.09 -29.79 10.11
N GLN C 77 8.41 -29.86 9.93
CA GLN C 77 8.96 -30.98 9.21
C GLN C 77 8.72 -32.26 9.99
N LEU C 78 8.82 -32.19 11.30
CA LEU C 78 8.59 -33.39 12.11
C LEU C 78 7.23 -34.01 11.77
N LEU C 79 6.19 -33.18 11.80
CA LEU C 79 4.83 -33.61 11.50
C LEU C 79 4.73 -34.08 10.05
N SER C 80 5.36 -33.36 9.13
CA SER C 80 5.34 -33.74 7.73
C SER C 80 5.90 -35.15 7.55
N GLU C 81 6.91 -35.51 8.32
CA GLU C 81 7.50 -36.83 8.20
C GLU C 81 6.64 -37.93 8.83
N LEU C 82 5.91 -37.58 9.88
CA LEU C 82 5.05 -38.54 10.59
C LEU C 82 3.70 -38.79 9.92
N PHE C 83 3.26 -37.88 9.06
CA PHE C 83 1.97 -38.00 8.38
C PHE C 83 2.09 -38.35 6.90
N THR C 84 3.21 -37.95 6.29
CA THR C 84 3.41 -38.21 4.87
C THR C 84 3.11 -39.66 4.54
N ASN C 85 2.51 -39.88 3.38
CA ASN C 85 2.17 -41.22 2.96
C ASN C 85 3.05 -41.64 1.80
N ARG C 86 3.91 -40.74 1.36
CA ARG C 86 4.79 -41.03 0.25
C ARG C 86 6.07 -41.67 0.77
N LYS C 87 6.84 -42.26 -0.15
CA LYS C 87 8.11 -42.91 0.14
C LYS C 87 9.05 -41.98 0.90
N GLU C 88 9.57 -40.98 0.20
CA GLU C 88 10.49 -40.00 0.77
C GLU C 88 9.78 -38.74 1.22
N ASN C 89 10.23 -38.15 2.32
CA ASN C 89 9.61 -36.93 2.81
C ASN C 89 10.21 -35.77 2.02
N ILE C 90 9.33 -34.96 1.44
CA ILE C 90 9.75 -33.82 0.64
C ILE C 90 10.09 -32.63 1.52
N PRO C 91 11.36 -32.19 1.51
CA PRO C 91 11.81 -31.04 2.31
C PRO C 91 11.15 -29.78 1.76
N LEU C 92 10.34 -29.13 2.58
CA LEU C 92 9.64 -27.94 2.15
C LEU C 92 10.31 -26.63 2.59
N LYS C 93 9.96 -25.57 1.89
CA LYS C 93 10.49 -24.25 2.16
C LYS C 93 9.42 -23.45 2.92
N LEU C 94 9.84 -22.45 3.69
CA LEU C 94 8.91 -21.63 4.43
C LEU C 94 8.77 -20.27 3.77
N SER C 95 7.53 -19.81 3.62
CA SER C 95 7.30 -18.49 3.02
C SER C 95 5.89 -18.02 3.25
N GLU C 96 5.70 -16.72 3.39
CA GLU C 96 4.36 -16.17 3.59
C GLU C 96 3.58 -16.43 2.29
N ASP C 97 4.34 -16.57 1.21
CA ASP C 97 3.79 -16.85 -0.10
C ASP C 97 3.54 -18.36 -0.17
N CYS C 98 2.38 -18.75 0.36
CA CYS C 98 2.07 -20.15 0.44
C CYS C 98 0.65 -20.54 0.00
N LEU C 99 -0.14 -19.58 -0.44
CA LEU C 99 -1.50 -19.87 -0.86
C LEU C 99 -1.57 -20.60 -2.19
N TYR C 100 -1.21 -21.88 -2.16
CA TYR C 100 -1.22 -22.72 -3.36
C TYR C 100 -1.98 -24.00 -3.11
N LEU C 101 -2.21 -24.76 -4.17
CA LEU C 101 -2.90 -26.05 -4.04
C LEU C 101 -2.32 -27.01 -5.08
N ASN C 102 -2.34 -28.29 -4.75
CA ASN C 102 -1.84 -29.32 -5.63
C ASN C 102 -3.00 -30.13 -6.12
N ILE C 103 -2.97 -30.53 -7.40
CA ILE C 103 -4.04 -31.34 -7.97
C ILE C 103 -3.53 -32.69 -8.50
N TYR C 104 -4.31 -33.73 -8.25
CA TYR C 104 -4.01 -35.08 -8.69
C TYR C 104 -5.24 -35.59 -9.44
N THR C 105 -5.19 -35.57 -10.78
CA THR C 105 -6.33 -36.01 -11.59
C THR C 105 -6.02 -37.25 -12.38
N PRO C 106 -6.85 -38.30 -12.20
CA PRO C 106 -6.66 -39.57 -12.91
C PRO C 106 -7.42 -39.55 -14.24
N ALA C 107 -8.21 -38.50 -14.45
CA ALA C 107 -8.98 -38.36 -15.66
C ALA C 107 -8.14 -38.13 -16.90
N ASP C 108 -8.57 -38.71 -18.02
CA ASP C 108 -7.86 -38.54 -19.28
C ASP C 108 -8.24 -37.15 -19.78
N LEU C 109 -7.37 -36.18 -19.47
CA LEU C 109 -7.57 -34.78 -19.83
C LEU C 109 -7.91 -34.54 -21.27
N THR C 110 -7.55 -35.48 -22.15
CA THR C 110 -7.82 -35.35 -23.58
C THR C 110 -9.33 -35.41 -23.86
N LYS C 111 -10.09 -35.95 -22.91
CA LYS C 111 -11.52 -36.05 -23.10
C LYS C 111 -12.24 -35.38 -21.95
N LYS C 112 -13.50 -35.02 -22.17
CA LYS C 112 -14.32 -34.36 -21.15
C LYS C 112 -14.61 -35.30 -20.01
N ASN C 113 -14.09 -34.98 -18.84
CA ASN C 113 -14.31 -35.83 -17.67
C ASN C 113 -14.82 -34.97 -16.54
N ARG C 114 -15.70 -35.53 -15.72
CA ARG C 114 -16.25 -34.80 -14.59
C ARG C 114 -16.33 -35.74 -13.40
N LEU C 115 -15.16 -36.15 -12.91
CA LEU C 115 -15.08 -37.07 -11.77
C LEU C 115 -15.31 -36.33 -10.46
N PRO C 116 -15.64 -37.07 -9.39
CA PRO C 116 -15.86 -36.38 -8.13
C PRO C 116 -14.56 -35.75 -7.62
N VAL C 117 -14.69 -34.60 -6.97
CA VAL C 117 -13.51 -33.90 -6.45
C VAL C 117 -13.43 -34.02 -4.94
N MET C 118 -12.22 -34.24 -4.45
CA MET C 118 -12.00 -34.34 -3.01
C MET C 118 -10.91 -33.36 -2.59
N VAL C 119 -11.31 -32.32 -1.87
CA VAL C 119 -10.38 -31.30 -1.40
C VAL C 119 -9.90 -31.65 0.00
N TRP C 120 -8.59 -31.78 0.17
CA TRP C 120 -8.03 -32.14 1.47
C TRP C 120 -7.46 -30.97 2.24
N ILE C 121 -7.90 -30.85 3.49
CA ILE C 121 -7.42 -29.79 4.36
C ILE C 121 -6.52 -30.44 5.41
N HIS C 122 -5.22 -30.22 5.28
CA HIS C 122 -4.25 -30.79 6.20
C HIS C 122 -4.46 -30.25 7.61
N GLY C 123 -3.96 -30.98 8.60
CA GLY C 123 -4.08 -30.56 9.98
C GLY C 123 -2.75 -30.05 10.50
N GLY C 124 -2.69 -29.77 11.80
CA GLY C 124 -1.46 -29.25 12.40
C GLY C 124 -1.77 -28.14 13.39
N GLY C 125 -2.90 -28.28 14.08
CA GLY C 125 -3.32 -27.30 15.06
C GLY C 125 -3.39 -25.88 14.56
N LEU C 126 -3.46 -25.72 13.24
CA LEU C 126 -3.53 -24.41 12.60
C LEU C 126 -2.24 -23.66 12.80
N MET C 127 -1.25 -24.36 13.35
CA MET C 127 0.07 -23.77 13.62
C MET C 127 1.14 -24.26 12.64
N VAL C 128 1.01 -25.49 12.17
CA VAL C 128 1.97 -26.06 11.26
C VAL C 128 1.22 -26.88 10.22
N GLY C 129 1.96 -27.47 9.27
CA GLY C 129 1.34 -28.27 8.24
C GLY C 129 1.64 -27.79 6.83
N ALA C 130 1.27 -28.60 5.83
CA ALA C 130 1.50 -28.27 4.43
C ALA C 130 0.67 -29.22 3.59
N ALA C 131 0.33 -28.81 2.36
CA ALA C 131 -0.44 -29.69 1.50
C ALA C 131 0.43 -30.74 0.83
N SER C 132 1.65 -30.36 0.45
CA SER C 132 2.57 -31.29 -0.20
C SER C 132 2.86 -32.57 0.61
N THR C 133 2.61 -32.52 1.91
CA THR C 133 2.84 -33.67 2.78
C THR C 133 2.00 -34.86 2.34
N TYR C 134 0.76 -34.60 1.92
CA TYR C 134 -0.16 -35.65 1.50
C TYR C 134 -0.15 -35.85 0.00
N ASP C 135 0.31 -37.02 -0.44
CA ASP C 135 0.38 -37.34 -1.87
C ASP C 135 -0.93 -37.97 -2.30
N GLY C 136 -1.52 -37.44 -3.37
CA GLY C 136 -2.79 -37.98 -3.83
C GLY C 136 -2.75 -38.98 -4.96
N LEU C 137 -1.56 -39.28 -5.46
CA LEU C 137 -1.40 -40.22 -6.57
C LEU C 137 -2.20 -41.53 -6.42
N ALA C 138 -2.06 -42.18 -5.26
CA ALA C 138 -2.77 -43.44 -5.03
C ALA C 138 -4.27 -43.27 -4.99
N LEU C 139 -4.79 -42.41 -4.11
CA LEU C 139 -6.23 -42.22 -4.01
C LEU C 139 -6.86 -41.81 -5.34
N ALA C 140 -6.20 -40.92 -6.06
CA ALA C 140 -6.73 -40.47 -7.34
C ALA C 140 -6.89 -41.62 -8.32
N ALA C 141 -5.86 -42.45 -8.43
CA ALA C 141 -5.90 -43.59 -9.34
C ALA C 141 -6.80 -44.73 -8.87
N HIS C 142 -6.57 -45.17 -7.63
CA HIS C 142 -7.32 -46.25 -7.04
C HIS C 142 -8.83 -46.08 -6.99
N GLU C 143 -9.29 -44.86 -6.78
CA GLU C 143 -10.75 -44.64 -6.72
C GLU C 143 -11.29 -43.74 -7.82
N ASN C 144 -10.39 -43.36 -8.73
CA ASN C 144 -10.76 -42.53 -9.87
C ASN C 144 -11.55 -41.30 -9.48
N VAL C 145 -10.87 -40.43 -8.74
CA VAL C 145 -11.42 -39.18 -8.25
C VAL C 145 -10.31 -38.15 -8.28
N VAL C 146 -10.67 -36.87 -8.43
CA VAL C 146 -9.67 -35.83 -8.46
C VAL C 146 -9.36 -35.41 -7.03
N VAL C 147 -8.09 -35.53 -6.65
CA VAL C 147 -7.67 -35.16 -5.30
C VAL C 147 -7.00 -33.81 -5.31
N VAL C 148 -7.48 -32.93 -4.44
CA VAL C 148 -6.93 -31.59 -4.32
C VAL C 148 -6.44 -31.31 -2.91
N THR C 149 -5.14 -31.01 -2.78
CA THR C 149 -4.59 -30.70 -1.46
C THR C 149 -4.33 -29.21 -1.41
N ILE C 150 -5.04 -28.52 -0.53
CA ILE C 150 -4.87 -27.07 -0.39
C ILE C 150 -4.09 -26.66 0.85
N GLN C 151 -3.68 -25.40 0.86
CA GLN C 151 -2.96 -24.83 1.98
C GLN C 151 -3.66 -23.56 2.44
N TYR C 152 -3.35 -23.11 3.65
CA TYR C 152 -3.96 -21.93 4.20
C TYR C 152 -3.05 -21.32 5.26
N ARG C 153 -3.10 -20.00 5.40
CA ARG C 153 -2.26 -19.32 6.37
C ARG C 153 -2.36 -19.97 7.75
N LEU C 154 -1.22 -20.06 8.43
CA LEU C 154 -1.16 -20.68 9.75
C LEU C 154 -0.72 -19.70 10.80
N GLY C 155 -0.91 -20.11 12.04
CA GLY C 155 -0.52 -19.28 13.17
C GLY C 155 -0.92 -17.83 13.09
N ILE C 156 0.00 -16.95 13.45
CA ILE C 156 -0.25 -15.52 13.43
C ILE C 156 -0.80 -15.09 12.06
N TRP C 157 -0.07 -15.44 11.02
CA TRP C 157 -0.43 -15.11 9.65
C TRP C 157 -1.85 -15.43 9.25
N GLY C 158 -2.41 -16.50 9.81
CA GLY C 158 -3.78 -16.87 9.46
C GLY C 158 -4.83 -16.82 10.55
N PHE C 159 -4.47 -16.45 11.78
CA PHE C 159 -5.46 -16.41 12.86
C PHE C 159 -5.35 -15.31 13.88
N PHE C 160 -4.55 -14.30 13.58
CA PHE C 160 -4.39 -13.18 14.50
C PHE C 160 -5.64 -12.30 14.48
N SER C 161 -6.32 -12.21 15.61
CA SER C 161 -7.52 -11.41 15.66
C SER C 161 -7.48 -10.43 16.82
N THR C 162 -7.88 -9.19 16.54
CA THR C 162 -7.91 -8.15 17.56
C THR C 162 -9.31 -8.05 18.15
N GLY C 163 -10.19 -8.96 17.72
CA GLY C 163 -11.55 -8.95 18.21
C GLY C 163 -12.50 -7.98 17.54
N ASP C 164 -11.96 -7.11 16.69
CA ASP C 164 -12.77 -6.13 15.99
C ASP C 164 -12.48 -6.07 14.48
N GLU C 165 -13.10 -5.10 13.81
CA GLU C 165 -12.95 -4.93 12.37
C GLU C 165 -11.53 -4.63 11.89
N HIS C 166 -10.63 -4.25 12.81
CA HIS C 166 -9.26 -3.94 12.42
C HIS C 166 -8.44 -5.18 12.13
N SER C 167 -8.97 -6.35 12.49
CA SER C 167 -8.34 -7.64 12.22
C SER C 167 -9.20 -8.78 12.77
N ARG C 168 -10.40 -8.90 12.22
CA ARG C 168 -11.32 -9.95 12.63
C ARG C 168 -10.65 -11.29 12.85
N GLY C 169 -9.87 -11.74 11.87
CA GLY C 169 -9.21 -13.03 12.01
C GLY C 169 -9.78 -14.11 11.10
N ASN C 170 -9.47 -15.36 11.41
CA ASN C 170 -9.93 -16.49 10.61
C ASN C 170 -9.41 -16.39 9.16
N TRP C 171 -8.34 -15.62 8.98
CA TRP C 171 -7.76 -15.47 7.64
C TRP C 171 -7.59 -16.85 7.02
N GLY C 172 -7.06 -17.78 7.81
CA GLY C 172 -6.83 -19.13 7.35
C GLY C 172 -8.06 -19.80 6.79
N HIS C 173 -9.15 -19.70 7.54
CA HIS C 173 -10.42 -20.28 7.13
C HIS C 173 -10.89 -19.63 5.83
N LEU C 174 -10.65 -18.32 5.68
CA LEU C 174 -11.05 -17.64 4.47
C LEU C 174 -10.20 -18.14 3.31
N ASP C 175 -8.97 -18.55 3.59
CA ASP C 175 -8.10 -19.05 2.52
C ASP C 175 -8.67 -20.36 2.02
N GLN C 176 -9.17 -21.18 2.94
CA GLN C 176 -9.75 -22.48 2.60
C GLN C 176 -11.01 -22.23 1.73
N VAL C 177 -11.79 -21.24 2.10
CA VAL C 177 -12.97 -20.96 1.32
C VAL C 177 -12.55 -20.52 -0.07
N ALA C 178 -11.54 -19.66 -0.11
CA ALA C 178 -10.99 -19.14 -1.36
C ALA C 178 -10.52 -20.29 -2.25
N ALA C 179 -9.85 -21.26 -1.66
CA ALA C 179 -9.38 -22.40 -2.41
C ALA C 179 -10.58 -23.18 -2.94
N LEU C 180 -11.68 -23.20 -2.17
CA LEU C 180 -12.89 -23.90 -2.61
C LEU C 180 -13.55 -23.19 -3.79
N ARG C 181 -13.58 -21.87 -3.75
CA ARG C 181 -14.14 -21.10 -4.86
C ARG C 181 -13.31 -21.37 -6.11
N TRP C 182 -11.99 -21.44 -5.96
CA TRP C 182 -11.12 -21.68 -7.12
C TRP C 182 -11.48 -23.00 -7.78
N VAL C 183 -11.77 -24.00 -6.96
CA VAL C 183 -12.16 -25.33 -7.42
C VAL C 183 -13.45 -25.23 -8.25
N GLN C 184 -14.42 -24.47 -7.75
CA GLN C 184 -15.68 -24.31 -8.47
C GLN C 184 -15.48 -23.63 -9.82
N ASP C 185 -14.43 -22.84 -9.96
CA ASP C 185 -14.22 -22.15 -11.20
C ASP C 185 -13.12 -22.72 -12.07
N ASN C 186 -12.55 -23.85 -11.69
CA ASN C 186 -11.45 -24.39 -12.48
C ASN C 186 -11.35 -25.89 -12.54
N ILE C 187 -11.73 -26.57 -11.47
CA ILE C 187 -11.58 -28.03 -11.41
C ILE C 187 -12.13 -28.75 -12.66
N ALA C 188 -13.16 -28.19 -13.26
CA ALA C 188 -13.75 -28.77 -14.46
C ALA C 188 -12.71 -28.92 -15.58
N SER C 189 -11.66 -28.12 -15.55
CA SER C 189 -10.61 -28.18 -16.56
C SER C 189 -9.60 -29.26 -16.16
N PHE C 190 -9.82 -29.91 -15.04
CA PHE C 190 -8.93 -30.96 -14.61
C PHE C 190 -9.68 -32.28 -14.53
N GLY C 191 -10.75 -32.36 -15.32
CA GLY C 191 -11.58 -33.55 -15.38
C GLY C 191 -12.39 -33.78 -14.13
N GLY C 192 -12.51 -32.72 -13.33
CA GLY C 192 -13.26 -32.81 -12.09
C GLY C 192 -14.62 -32.16 -12.21
N ASN C 193 -15.58 -32.69 -11.47
CA ASN C 193 -16.93 -32.17 -11.50
C ASN C 193 -17.17 -31.15 -10.39
N PRO C 194 -17.21 -29.87 -10.75
CA PRO C 194 -17.43 -28.84 -9.74
C PRO C 194 -18.72 -29.02 -8.97
N GLY C 195 -19.60 -29.86 -9.48
CA GLY C 195 -20.87 -30.07 -8.82
C GLY C 195 -20.82 -31.16 -7.76
N SER C 196 -19.67 -31.84 -7.68
CA SER C 196 -19.49 -32.91 -6.71
C SER C 196 -18.15 -32.75 -6.04
N VAL C 197 -18.06 -31.77 -5.15
CA VAL C 197 -16.84 -31.50 -4.41
C VAL C 197 -17.03 -31.95 -2.96
N THR C 198 -16.14 -32.79 -2.48
CA THR C 198 -16.21 -33.30 -1.11
C THR C 198 -15.01 -32.74 -0.34
N ILE C 199 -15.24 -32.11 0.80
CA ILE C 199 -14.10 -31.60 1.58
C ILE C 199 -13.85 -32.59 2.70
N PHE C 200 -12.59 -32.77 3.06
CA PHE C 200 -12.23 -33.67 4.14
C PHE C 200 -10.86 -33.31 4.66
N GLY C 201 -10.65 -33.48 5.96
CA GLY C 201 -9.38 -33.16 6.57
C GLY C 201 -9.19 -33.88 7.89
N GLU C 202 -7.98 -33.82 8.45
CA GLU C 202 -7.69 -34.48 9.70
C GLU C 202 -7.21 -33.45 10.72
N SER C 203 -7.50 -33.71 12.02
CA SER C 203 -7.14 -32.81 13.11
C SER C 203 -7.69 -31.39 12.87
N ALA C 204 -6.85 -30.38 12.76
CA ALA C 204 -7.39 -29.05 12.52
C ALA C 204 -8.11 -29.07 11.16
N GLY C 205 -7.66 -29.92 10.25
CA GLY C 205 -8.32 -29.97 8.96
C GLY C 205 -9.77 -30.39 9.15
N GLY C 206 -10.00 -31.27 10.13
CA GLY C 206 -11.35 -31.73 10.41
C GLY C 206 -12.16 -30.62 11.05
N GLU C 207 -11.54 -29.94 12.01
CA GLU C 207 -12.17 -28.82 12.69
C GLU C 207 -12.53 -27.77 11.63
N SER C 208 -11.66 -27.61 10.63
CA SER C 208 -11.89 -26.66 9.56
C SER C 208 -13.10 -27.12 8.76
N VAL C 209 -13.10 -28.39 8.37
CA VAL C 209 -14.20 -28.95 7.61
C VAL C 209 -15.50 -28.71 8.39
N SER C 210 -15.42 -28.90 9.70
CA SER C 210 -16.58 -28.69 10.55
C SER C 210 -17.02 -27.21 10.59
N VAL C 211 -16.04 -26.30 10.54
CA VAL C 211 -16.31 -24.86 10.56
C VAL C 211 -16.90 -24.44 9.22
N LEU C 212 -16.33 -24.95 8.14
CA LEU C 212 -16.85 -24.61 6.82
C LEU C 212 -18.30 -25.05 6.73
N VAL C 213 -18.63 -26.16 7.40
CA VAL C 213 -20.00 -26.68 7.38
C VAL C 213 -20.96 -25.71 8.07
N LEU C 214 -20.48 -25.01 9.09
CA LEU C 214 -21.32 -24.06 9.81
C LEU C 214 -21.27 -22.65 9.21
N SER C 215 -20.23 -22.39 8.43
CA SER C 215 -20.07 -21.07 7.83
C SER C 215 -20.98 -20.83 6.64
N PRO C 216 -21.60 -19.64 6.60
CA PRO C 216 -22.50 -19.25 5.51
C PRO C 216 -21.66 -19.02 4.23
N LEU C 217 -20.43 -18.59 4.40
CA LEU C 217 -19.58 -18.33 3.26
C LEU C 217 -19.28 -19.56 2.44
N ALA C 218 -19.15 -20.70 3.10
CA ALA C 218 -18.82 -21.94 2.43
C ALA C 218 -20.00 -22.57 1.72
N LYS C 219 -21.20 -22.05 1.98
CA LYS C 219 -22.40 -22.59 1.36
C LYS C 219 -22.22 -22.71 -0.15
N ASN C 220 -22.58 -23.87 -0.70
CA ASN C 220 -22.51 -24.12 -2.14
C ASN C 220 -21.12 -24.27 -2.72
N LEU C 221 -20.12 -24.43 -1.86
CA LEU C 221 -18.75 -24.59 -2.31
C LEU C 221 -18.31 -26.05 -2.25
N PHE C 222 -19.14 -26.85 -1.59
CA PHE C 222 -18.94 -28.29 -1.42
C PHE C 222 -20.27 -29.02 -1.23
N HIS C 223 -20.29 -30.32 -1.53
CA HIS C 223 -21.54 -31.09 -1.44
C HIS C 223 -21.48 -32.27 -0.50
N ARG C 224 -20.33 -32.46 0.13
CA ARG C 224 -20.08 -33.54 1.10
C ARG C 224 -18.90 -33.14 1.96
N ALA C 225 -18.95 -33.54 3.23
CA ALA C 225 -17.90 -33.21 4.17
C ALA C 225 -17.52 -34.40 5.06
N ILE C 226 -16.23 -34.50 5.36
CA ILE C 226 -15.71 -35.56 6.22
C ILE C 226 -14.75 -34.96 7.23
N SER C 227 -14.98 -35.25 8.51
CA SER C 227 -14.10 -34.77 9.58
C SER C 227 -13.41 -35.93 10.25
N GLU C 228 -12.09 -35.93 10.19
CA GLU C 228 -11.28 -36.97 10.79
C GLU C 228 -10.58 -36.54 12.07
N SER C 229 -11.11 -36.95 13.20
CA SER C 229 -10.47 -36.60 14.46
C SER C 229 -10.39 -35.09 14.63
N GLY C 230 -11.56 -34.43 14.70
CA GLY C 230 -11.55 -32.99 14.86
C GLY C 230 -12.80 -32.30 14.34
N VAL C 231 -13.47 -31.53 15.20
CA VAL C 231 -14.67 -30.82 14.82
C VAL C 231 -14.67 -29.40 15.43
N ALA C 232 -15.75 -28.66 15.18
CA ALA C 232 -15.87 -27.31 15.69
C ALA C 232 -16.12 -27.26 17.19
N LEU C 233 -16.39 -28.42 17.79
CA LEU C 233 -16.61 -28.50 19.23
C LEU C 233 -15.33 -28.84 19.99
N THR C 234 -14.22 -28.94 19.25
CA THR C 234 -12.90 -29.23 19.82
C THR C 234 -12.32 -27.89 20.32
N SER C 235 -12.78 -27.48 21.50
CA SER C 235 -12.39 -26.21 22.15
C SER C 235 -10.97 -25.67 21.97
N VAL C 236 -9.98 -26.56 21.96
CA VAL C 236 -8.61 -26.10 21.84
C VAL C 236 -8.35 -25.33 20.55
N LEU C 237 -9.24 -25.49 19.55
CA LEU C 237 -9.08 -24.80 18.27
C LEU C 237 -10.03 -23.64 18.01
N VAL C 238 -10.87 -23.31 18.98
CA VAL C 238 -11.83 -22.22 18.82
C VAL C 238 -11.67 -21.28 20.02
N LYS C 239 -11.39 -20.00 19.75
CA LYS C 239 -11.23 -19.04 20.84
C LYS C 239 -12.53 -18.29 21.08
N LYS C 240 -13.10 -18.49 22.25
CA LYS C 240 -14.33 -17.81 22.60
C LYS C 240 -14.00 -16.73 23.63
N GLY C 241 -14.85 -15.74 23.74
CA GLY C 241 -14.60 -14.69 24.71
C GLY C 241 -13.84 -13.56 24.06
N ASP C 242 -13.16 -12.76 24.89
CA ASP C 242 -12.42 -11.64 24.36
C ASP C 242 -11.00 -12.09 23.95
N VAL C 243 -10.70 -11.97 22.65
CA VAL C 243 -9.40 -12.36 22.15
C VAL C 243 -8.41 -11.22 22.25
N LYS C 244 -8.93 -10.03 22.52
CA LYS C 244 -8.14 -8.80 22.65
C LYS C 244 -6.86 -9.00 23.47
N PRO C 245 -6.97 -9.68 24.61
CA PRO C 245 -5.81 -9.93 25.47
C PRO C 245 -4.73 -10.75 24.75
N LEU C 246 -5.13 -11.75 23.97
CA LEU C 246 -4.16 -12.57 23.25
C LEU C 246 -3.46 -11.73 22.20
N ALA C 247 -4.23 -10.91 21.50
CA ALA C 247 -3.68 -10.05 20.47
C ALA C 247 -2.59 -9.19 21.09
N GLU C 248 -2.92 -8.53 22.18
CA GLU C 248 -2.00 -7.65 22.88
C GLU C 248 -0.74 -8.38 23.34
N GLN C 249 -0.90 -9.61 23.80
CA GLN C 249 0.25 -10.38 24.27
C GLN C 249 1.19 -10.68 23.11
N ILE C 250 0.62 -10.94 21.95
CA ILE C 250 1.40 -11.22 20.75
C ILE C 250 2.14 -9.96 20.31
N ALA C 251 1.37 -8.86 20.27
CA ALA C 251 1.88 -7.54 19.86
C ALA C 251 3.12 -7.20 20.62
N ILE C 252 3.03 -7.31 21.94
CA ILE C 252 4.14 -7.02 22.80
C ILE C 252 5.30 -7.96 22.49
N THR C 253 4.99 -9.25 22.42
CA THR C 253 6.01 -10.26 22.14
C THR C 253 6.68 -9.97 20.82
N ALA C 254 5.96 -9.28 19.95
CA ALA C 254 6.48 -8.93 18.65
C ALA C 254 7.16 -7.57 18.74
N GLY C 255 7.16 -6.98 19.92
CA GLY C 255 7.77 -5.67 20.09
C GLY C 255 6.92 -4.56 19.54
N CYS C 256 5.61 -4.70 19.70
CA CYS C 256 4.67 -3.73 19.21
C CYS C 256 3.92 -3.04 20.33
N LYS C 257 3.37 -1.87 20.02
CA LYS C 257 2.58 -1.14 21.00
C LYS C 257 1.18 -1.74 20.96
N THR C 258 0.39 -1.44 21.98
CA THR C 258 -0.96 -1.95 22.01
C THR C 258 -1.95 -0.83 22.29
N THR C 259 -1.59 0.40 21.89
CA THR C 259 -2.46 1.55 22.11
C THR C 259 -3.87 1.28 21.62
N THR C 260 -4.00 0.77 20.39
CA THR C 260 -5.31 0.44 19.86
C THR C 260 -5.15 -0.73 18.91
N SER C 261 -6.27 -1.37 18.60
CA SER C 261 -6.25 -2.50 17.67
C SER C 261 -5.51 -2.11 16.39
N ALA C 262 -5.99 -1.05 15.74
CA ALA C 262 -5.39 -0.55 14.51
C ALA C 262 -3.89 -0.42 14.66
N VAL C 263 -3.45 0.16 15.76
CA VAL C 263 -2.03 0.31 15.98
C VAL C 263 -1.34 -1.04 15.96
N MET C 264 -1.88 -2.00 16.71
CA MET C 264 -1.31 -3.34 16.75
C MET C 264 -1.18 -3.95 15.37
N VAL C 265 -2.29 -3.98 14.64
CA VAL C 265 -2.31 -4.55 13.30
C VAL C 265 -1.28 -3.88 12.37
N HIS C 266 -1.21 -2.55 12.43
CA HIS C 266 -0.29 -1.82 11.59
C HIS C 266 1.13 -2.19 11.92
N CYS C 267 1.43 -2.27 13.21
CA CYS C 267 2.77 -2.60 13.65
C CYS C 267 3.17 -3.98 13.16
N LEU C 268 2.31 -4.97 13.36
CA LEU C 268 2.62 -6.32 12.94
C LEU C 268 2.81 -6.41 11.43
N ARG C 269 2.08 -5.60 10.67
CA ARG C 269 2.23 -5.65 9.21
C ARG C 269 3.60 -5.14 8.81
N GLN C 270 4.24 -4.43 9.73
CA GLN C 270 5.58 -3.90 9.50
C GLN C 270 6.61 -4.97 9.79
N LYS C 271 6.31 -5.87 10.71
CA LYS C 271 7.26 -6.92 11.05
C LYS C 271 7.61 -7.77 9.83
N THR C 272 8.81 -8.33 9.82
CA THR C 272 9.22 -9.17 8.72
C THR C 272 8.70 -10.56 8.98
N GLU C 273 8.55 -11.36 7.93
CA GLU C 273 8.08 -12.74 8.06
C GLU C 273 8.93 -13.39 9.14
N GLU C 274 10.23 -13.08 9.10
CA GLU C 274 11.14 -13.63 10.05
C GLU C 274 10.90 -13.17 11.48
N GLU C 275 10.61 -11.89 11.69
CA GLU C 275 10.36 -11.39 13.03
C GLU C 275 9.14 -12.07 13.64
N LEU C 276 8.07 -12.25 12.85
CA LEU C 276 6.86 -12.90 13.34
C LEU C 276 7.09 -14.40 13.58
N LEU C 277 8.07 -14.97 12.88
CA LEU C 277 8.38 -16.38 13.07
C LEU C 277 9.06 -16.58 14.41
N GLU C 278 9.92 -15.62 14.78
CA GLU C 278 10.59 -15.69 16.06
C GLU C 278 9.55 -15.48 17.15
N THR C 279 8.64 -14.54 16.91
CA THR C 279 7.60 -14.26 17.88
C THR C 279 6.89 -15.57 18.19
N THR C 280 6.63 -16.33 17.13
CA THR C 280 5.96 -17.61 17.23
C THR C 280 6.73 -18.59 18.13
N LEU C 281 8.05 -18.66 17.96
CA LEU C 281 8.83 -19.57 18.77
C LEU C 281 8.79 -19.16 20.22
N LYS C 282 8.81 -17.85 20.46
CA LYS C 282 8.76 -17.31 21.81
C LYS C 282 7.46 -17.72 22.50
N MET C 283 6.34 -17.50 21.82
CA MET C 283 5.03 -17.84 22.34
C MET C 283 4.99 -19.30 22.73
N LYS C 284 5.82 -20.11 22.08
CA LYS C 284 5.90 -21.53 22.39
C LYS C 284 4.59 -22.29 22.34
N PHE C 285 3.86 -22.16 21.23
CA PHE C 285 2.59 -22.87 21.04
C PHE C 285 2.97 -24.35 20.90
N LEU C 286 1.97 -25.24 20.79
CA LEU C 286 2.23 -26.67 20.63
C LEU C 286 2.86 -27.33 21.85
N SER C 287 3.21 -26.53 22.85
CA SER C 287 3.84 -27.07 24.04
C SER C 287 3.06 -26.70 25.28
N LEU C 288 2.67 -27.73 26.02
CA LEU C 288 1.90 -27.55 27.24
C LEU C 288 2.72 -26.93 28.35
N ASP C 289 2.30 -25.76 28.82
CA ASP C 289 3.00 -25.09 29.92
C ASP C 289 2.75 -25.90 31.20
N LEU C 290 3.80 -26.10 31.99
CA LEU C 290 3.66 -26.87 33.23
C LEU C 290 3.42 -26.02 34.47
N GLN C 291 4.05 -24.85 34.53
CA GLN C 291 3.89 -23.96 35.68
C GLN C 291 2.96 -22.80 35.39
N GLY C 292 2.84 -21.90 36.35
CA GLY C 292 1.96 -20.75 36.19
C GLY C 292 0.50 -21.17 36.28
N ASP C 293 -0.38 -20.32 35.77
CA ASP C 293 -1.80 -20.59 35.80
C ASP C 293 -2.23 -21.24 34.50
N PRO C 294 -2.74 -22.48 34.56
CA PRO C 294 -3.20 -23.25 33.39
C PRO C 294 -4.19 -22.51 32.51
N ARG C 295 -4.92 -21.56 33.08
CA ARG C 295 -5.92 -20.80 32.35
C ARG C 295 -5.32 -19.60 31.61
N GLU C 296 -4.01 -19.48 31.66
CA GLU C 296 -3.31 -18.39 30.99
C GLU C 296 -2.34 -18.93 29.93
N SER C 297 -2.21 -20.24 29.86
CA SER C 297 -1.32 -20.86 28.87
C SER C 297 -2.07 -20.97 27.55
N GLN C 298 -2.11 -19.89 26.78
CA GLN C 298 -2.78 -19.92 25.48
C GLN C 298 -2.10 -20.98 24.63
N PRO C 299 -2.83 -22.05 24.26
CA PRO C 299 -2.36 -23.19 23.45
C PRO C 299 -1.95 -22.86 22.01
N LEU C 300 -2.80 -22.13 21.30
CA LEU C 300 -2.52 -21.75 19.92
C LEU C 300 -3.64 -20.86 19.37
N LEU C 301 -3.27 -19.95 18.46
CA LEU C 301 -4.21 -19.04 17.83
C LEU C 301 -5.20 -19.88 17.00
N GLY C 302 -6.49 -19.55 17.05
CA GLY C 302 -7.42 -20.35 16.28
C GLY C 302 -8.64 -19.67 15.72
N THR C 303 -9.66 -20.49 15.46
CA THR C 303 -10.93 -20.05 14.92
C THR C 303 -11.61 -19.13 15.93
N VAL C 304 -12.10 -17.99 15.47
CA VAL C 304 -12.80 -17.06 16.33
C VAL C 304 -14.16 -16.82 15.70
N ILE C 305 -15.01 -16.04 16.36
CA ILE C 305 -16.34 -15.76 15.84
C ILE C 305 -16.27 -14.37 15.21
N ASP C 306 -15.64 -14.27 14.05
CA ASP C 306 -15.47 -12.98 13.37
C ASP C 306 -16.75 -12.26 12.96
N GLY C 307 -17.81 -12.99 12.72
CA GLY C 307 -19.03 -12.34 12.29
C GLY C 307 -19.15 -12.40 10.77
N MET C 308 -18.10 -12.90 10.12
CA MET C 308 -18.09 -13.05 8.67
C MET C 308 -18.18 -14.53 8.30
N LEU C 309 -17.21 -15.31 8.77
CA LEU C 309 -17.17 -16.76 8.54
C LEU C 309 -18.15 -17.47 9.48
N LEU C 310 -18.08 -17.12 10.76
CA LEU C 310 -18.95 -17.68 11.79
C LEU C 310 -19.71 -16.55 12.47
N LEU C 311 -21.04 -16.62 12.41
CA LEU C 311 -21.91 -15.62 13.01
C LEU C 311 -22.06 -15.82 14.50
N LYS C 312 -21.68 -16.99 14.97
CA LYS C 312 -21.73 -17.27 16.39
C LYS C 312 -21.03 -18.58 16.69
N THR C 313 -20.85 -18.88 17.97
CA THR C 313 -20.15 -20.10 18.36
C THR C 313 -20.75 -21.34 17.73
N PRO C 314 -19.89 -22.32 17.42
CA PRO C 314 -20.35 -23.56 16.82
C PRO C 314 -21.56 -24.14 17.57
N GLU C 315 -21.45 -24.18 18.89
CA GLU C 315 -22.51 -24.71 19.72
C GLU C 315 -23.85 -24.06 19.35
N GLU C 316 -23.88 -22.74 19.31
CA GLU C 316 -25.11 -22.05 18.96
C GLU C 316 -25.57 -22.41 17.55
N LEU C 317 -24.65 -22.38 16.61
CA LEU C 317 -24.96 -22.68 15.22
C LEU C 317 -25.60 -24.06 15.02
N GLN C 318 -24.96 -25.11 15.53
CA GLN C 318 -25.49 -26.47 15.38
C GLN C 318 -26.85 -26.65 16.07
N ALA C 319 -27.22 -25.69 16.90
CA ALA C 319 -28.49 -25.75 17.60
C ALA C 319 -29.60 -25.22 16.69
N GLU C 320 -29.38 -25.30 15.38
CA GLU C 320 -30.35 -24.82 14.41
C GLU C 320 -30.49 -25.77 13.23
N ARG C 321 -31.71 -25.91 12.71
CA ARG C 321 -31.98 -26.77 11.55
C ARG C 321 -32.43 -25.90 10.35
N ASN C 322 -32.00 -24.64 10.35
CA ASN C 322 -32.34 -23.69 9.28
C ASN C 322 -31.09 -23.27 8.50
N PHE C 323 -30.50 -24.23 7.79
CA PHE C 323 -29.29 -23.96 7.01
C PHE C 323 -29.11 -25.05 5.93
N HIS C 324 -28.11 -24.86 5.08
CA HIS C 324 -27.81 -25.82 4.03
C HIS C 324 -27.12 -27.05 4.65
N THR C 325 -27.70 -28.23 4.43
CA THR C 325 -27.17 -29.48 4.97
C THR C 325 -26.62 -30.40 3.89
N VAL C 326 -25.56 -31.14 4.21
CA VAL C 326 -24.95 -32.05 3.25
C VAL C 326 -24.48 -33.32 3.97
N PRO C 327 -24.21 -34.41 3.22
CA PRO C 327 -23.75 -35.64 3.84
C PRO C 327 -22.50 -35.34 4.62
N TYR C 328 -22.48 -35.72 5.88
CA TYR C 328 -21.33 -35.45 6.74
C TYR C 328 -20.82 -36.74 7.38
N MET C 329 -19.52 -37.00 7.27
CA MET C 329 -18.94 -38.19 7.88
C MET C 329 -17.93 -37.75 8.94
N VAL C 330 -18.24 -38.03 10.21
CA VAL C 330 -17.38 -37.64 11.32
C VAL C 330 -16.82 -38.87 12.00
N GLY C 331 -15.50 -38.97 12.11
CA GLY C 331 -14.96 -40.14 12.76
C GLY C 331 -13.83 -39.85 13.72
N ILE C 332 -13.45 -40.86 14.49
CA ILE C 332 -12.38 -40.76 15.46
C ILE C 332 -11.55 -42.05 15.48
N ASN C 333 -10.45 -42.02 16.20
CA ASN C 333 -9.56 -43.19 16.32
C ASN C 333 -9.60 -43.72 17.75
N LYS C 334 -9.32 -45.02 17.90
CA LYS C 334 -9.35 -45.67 19.21
C LYS C 334 -8.62 -44.87 20.29
N GLN C 335 -7.38 -44.48 20.03
CA GLN C 335 -6.60 -43.74 21.00
C GLN C 335 -6.11 -42.41 20.44
N GLU C 336 -6.99 -41.40 20.46
CA GLU C 336 -6.63 -40.08 19.92
C GLU C 336 -5.44 -39.44 20.62
N PHE C 337 -5.35 -39.63 21.94
CA PHE C 337 -4.24 -39.04 22.67
C PHE C 337 -3.25 -40.14 23.04
N GLY C 338 -3.13 -41.12 22.15
CA GLY C 338 -2.25 -42.25 22.39
C GLY C 338 -0.77 -41.97 22.51
N TRP C 339 -0.18 -41.34 21.51
CA TRP C 339 1.25 -41.07 21.53
C TRP C 339 1.63 -39.77 20.83
N LEU C 340 1.24 -39.63 19.56
CA LEU C 340 1.56 -38.47 18.73
C LEU C 340 1.36 -37.13 19.43
N ILE C 341 0.11 -36.80 19.72
CA ILE C 341 -0.14 -35.51 20.35
C ILE C 341 0.71 -35.23 21.59
N PRO C 342 0.70 -36.14 22.59
CA PRO C 342 1.47 -35.99 23.82
C PRO C 342 2.97 -35.82 23.54
N MET C 343 3.52 -36.73 22.75
CA MET C 343 4.93 -36.67 22.41
C MET C 343 5.32 -35.31 21.83
N LEU C 344 4.41 -34.68 21.10
CA LEU C 344 4.69 -33.38 20.48
C LEU C 344 4.65 -32.20 21.45
N MET C 345 3.68 -32.26 22.35
CA MET C 345 3.46 -31.23 23.35
C MET C 345 4.36 -31.41 24.55
N SER C 346 5.08 -32.52 24.57
CA SER C 346 6.00 -32.79 25.66
C SER C 346 5.28 -33.03 27.01
N TYR C 347 4.43 -34.05 27.06
CA TYR C 347 3.71 -34.39 28.27
C TYR C 347 4.60 -35.13 29.24
N PRO C 348 4.60 -34.73 30.52
CA PRO C 348 5.39 -35.30 31.61
C PRO C 348 4.97 -36.71 32.02
N LEU C 349 4.79 -37.56 31.02
CA LEU C 349 4.40 -38.92 31.30
C LEU C 349 5.52 -39.90 30.99
N SER C 350 6.73 -39.38 30.78
CA SER C 350 7.88 -40.25 30.47
C SER C 350 8.06 -41.32 31.53
N GLU C 351 7.52 -41.08 32.72
CA GLU C 351 7.64 -42.03 33.82
C GLU C 351 7.14 -43.41 33.44
N GLY C 352 6.02 -43.47 32.73
CA GLY C 352 5.47 -44.74 32.30
C GLY C 352 4.13 -45.04 32.94
N GLN C 353 3.91 -44.46 34.11
CA GLN C 353 2.67 -44.65 34.86
C GLN C 353 2.19 -43.34 35.46
N LEU C 354 1.05 -43.36 36.14
CA LEU C 354 0.51 -42.17 36.74
C LEU C 354 -0.41 -42.53 37.89
N ASP C 355 -0.49 -41.65 38.88
CA ASP C 355 -1.34 -41.90 40.05
C ASP C 355 -2.44 -40.85 40.16
N GLN C 356 -3.52 -41.19 40.86
CA GLN C 356 -4.64 -40.27 41.05
C GLN C 356 -4.25 -38.83 41.33
N LYS C 357 -3.26 -38.64 42.20
CA LYS C 357 -2.80 -37.31 42.56
C LYS C 357 -2.14 -36.54 41.43
N THR C 358 -1.14 -37.16 40.80
CA THR C 358 -0.45 -36.51 39.69
C THR C 358 -1.38 -36.37 38.50
N ALA C 359 -2.40 -37.22 38.46
CA ALA C 359 -3.37 -37.20 37.40
C ALA C 359 -4.13 -35.88 37.46
N MET C 360 -4.78 -35.63 38.58
CA MET C 360 -5.55 -34.40 38.75
C MET C 360 -4.68 -33.17 38.50
N SER C 361 -3.38 -33.32 38.69
CA SER C 361 -2.43 -32.23 38.47
C SER C 361 -2.30 -31.96 36.99
N LEU C 362 -1.93 -32.99 36.24
CA LEU C 362 -1.76 -32.89 34.79
C LEU C 362 -3.05 -32.43 34.12
N LEU C 363 -4.17 -33.01 34.54
CA LEU C 363 -5.46 -32.64 33.97
C LEU C 363 -5.69 -31.14 34.11
N TRP C 364 -5.19 -30.58 35.21
CA TRP C 364 -5.32 -29.15 35.46
C TRP C 364 -4.44 -28.36 34.49
N LYS C 365 -3.16 -28.69 34.44
CA LYS C 365 -2.25 -28.00 33.55
C LYS C 365 -2.66 -28.20 32.11
N SER C 366 -3.48 -29.23 31.87
CA SER C 366 -3.96 -29.56 30.52
C SER C 366 -5.23 -28.76 30.24
N TYR C 367 -5.46 -27.72 31.03
CA TYR C 367 -6.63 -26.87 30.91
C TYR C 367 -6.84 -26.33 29.51
N PRO C 368 -5.80 -25.75 28.89
CA PRO C 368 -5.93 -25.21 27.54
C PRO C 368 -6.31 -26.23 26.47
N LEU C 369 -6.43 -27.50 26.87
CA LEU C 369 -6.79 -28.58 25.94
C LEU C 369 -8.14 -29.19 26.25
N VAL C 370 -8.44 -29.35 27.53
CA VAL C 370 -9.71 -29.95 27.93
C VAL C 370 -10.66 -28.95 28.54
N CYS C 371 -10.12 -27.85 29.02
CA CYS C 371 -10.92 -26.80 29.64
C CYS C 371 -11.80 -27.34 30.73
N ILE C 372 -11.20 -28.00 31.73
CA ILE C 372 -11.95 -28.56 32.83
C ILE C 372 -11.70 -27.77 34.11
N ALA C 373 -12.75 -27.16 34.65
CA ALA C 373 -12.66 -26.36 35.87
C ALA C 373 -11.90 -27.15 36.93
N LYS C 374 -11.10 -26.46 37.73
CA LYS C 374 -10.33 -27.14 38.76
C LYS C 374 -11.23 -27.84 39.78
N GLU C 375 -12.47 -27.40 39.85
CA GLU C 375 -13.44 -27.97 40.79
C GLU C 375 -14.01 -29.28 40.27
N LEU C 376 -13.93 -29.45 38.95
CA LEU C 376 -14.42 -30.65 38.30
C LEU C 376 -13.32 -31.70 38.16
N ILE C 377 -12.06 -31.23 38.15
CA ILE C 377 -10.91 -32.12 38.01
C ILE C 377 -11.06 -33.43 38.79
N PRO C 378 -11.41 -33.34 40.09
CA PRO C 378 -11.58 -34.53 40.92
C PRO C 378 -12.55 -35.57 40.34
N GLU C 379 -13.79 -35.14 40.10
CA GLU C 379 -14.83 -36.02 39.57
C GLU C 379 -14.39 -36.70 38.28
N ALA C 380 -13.89 -35.92 37.33
CA ALA C 380 -13.44 -36.46 36.06
C ALA C 380 -12.36 -37.52 36.26
N THR C 381 -11.34 -37.17 37.05
CA THR C 381 -10.26 -38.09 37.32
C THR C 381 -10.78 -39.41 37.86
N GLU C 382 -11.66 -39.33 38.85
CA GLU C 382 -12.22 -40.51 39.49
C GLU C 382 -13.05 -41.35 38.51
N LYS C 383 -13.84 -40.70 37.67
CA LYS C 383 -14.66 -41.41 36.71
C LYS C 383 -13.85 -42.25 35.73
N TYR C 384 -12.60 -41.87 35.48
CA TYR C 384 -11.74 -42.58 34.55
C TYR C 384 -10.65 -43.45 35.21
N LEU C 385 -9.89 -42.87 36.14
CA LEU C 385 -8.83 -43.61 36.81
C LEU C 385 -9.28 -44.35 38.06
N GLY C 386 -10.49 -44.05 38.54
CA GLY C 386 -10.99 -44.69 39.74
C GLY C 386 -11.02 -46.20 39.64
N GLY C 387 -10.72 -46.73 38.46
CA GLY C 387 -10.72 -48.18 38.27
C GLY C 387 -9.54 -48.85 38.95
N THR C 388 -8.85 -49.73 38.23
CA THR C 388 -7.71 -50.45 38.79
C THR C 388 -6.75 -49.52 39.53
N ASP C 389 -6.03 -50.08 40.50
CA ASP C 389 -5.07 -49.33 41.29
C ASP C 389 -3.73 -49.37 40.57
N ASP C 390 -3.74 -49.97 39.38
CA ASP C 390 -2.55 -50.08 38.55
C ASP C 390 -2.14 -48.70 38.06
N THR C 391 -1.03 -48.21 38.58
CA THR C 391 -0.52 -46.89 38.19
C THR C 391 -0.32 -46.79 36.69
N VAL C 392 0.16 -47.85 36.08
CA VAL C 392 0.40 -47.85 34.64
C VAL C 392 -0.89 -47.75 33.85
N LYS C 393 -1.94 -48.41 34.34
CA LYS C 393 -3.23 -48.36 33.66
C LYS C 393 -3.89 -47.00 33.83
N LYS C 394 -3.67 -46.35 34.98
CA LYS C 394 -4.24 -45.03 35.21
C LYS C 394 -3.73 -44.03 34.16
N LYS C 395 -2.49 -44.20 33.71
CA LYS C 395 -1.90 -43.31 32.72
C LYS C 395 -2.67 -43.51 31.43
N ASP C 396 -2.90 -44.76 31.08
CA ASP C 396 -3.65 -45.03 29.88
C ASP C 396 -5.04 -44.49 30.04
N LEU C 397 -5.72 -44.86 31.12
CA LEU C 397 -7.07 -44.36 31.31
C LEU C 397 -7.07 -42.84 31.26
N PHE C 398 -5.98 -42.23 31.72
CA PHE C 398 -5.83 -40.79 31.73
C PHE C 398 -5.77 -40.29 30.29
N LEU C 399 -5.01 -41.00 29.46
CA LEU C 399 -4.88 -40.64 28.05
C LEU C 399 -6.24 -40.78 27.36
N ASP C 400 -7.08 -41.66 27.89
CA ASP C 400 -8.41 -41.84 27.33
C ASP C 400 -9.25 -40.65 27.78
N LEU C 401 -8.99 -40.16 28.98
CA LEU C 401 -9.73 -39.02 29.51
C LEU C 401 -9.61 -37.86 28.53
N ILE C 402 -8.39 -37.43 28.25
CA ILE C 402 -8.15 -36.32 27.36
C ILE C 402 -8.69 -36.58 25.96
N ALA C 403 -8.32 -37.73 25.40
CA ALA C 403 -8.78 -38.12 24.06
C ALA C 403 -10.30 -38.02 23.91
N ASP C 404 -11.06 -38.30 24.98
CA ASP C 404 -12.51 -38.21 24.91
C ASP C 404 -13.01 -36.78 24.86
N VAL C 405 -12.42 -35.92 25.70
CA VAL C 405 -12.84 -34.51 25.76
C VAL C 405 -12.45 -33.73 24.50
N MET C 406 -11.34 -34.12 23.88
CA MET C 406 -10.90 -33.42 22.69
C MET C 406 -11.52 -33.91 21.39
N PHE C 407 -11.75 -35.21 21.29
CA PHE C 407 -12.33 -35.74 20.06
C PHE C 407 -13.55 -36.61 20.25
N GLY C 408 -13.45 -37.61 21.12
CA GLY C 408 -14.57 -38.50 21.36
C GLY C 408 -15.92 -37.83 21.53
N VAL C 409 -16.16 -37.23 22.70
CA VAL C 409 -17.44 -36.58 22.98
C VAL C 409 -17.82 -35.49 21.96
N PRO C 410 -16.88 -34.59 21.62
CA PRO C 410 -17.17 -33.51 20.65
C PRO C 410 -17.70 -34.05 19.33
N SER C 411 -16.99 -35.02 18.78
CA SER C 411 -17.33 -35.63 17.51
C SER C 411 -18.72 -36.21 17.48
N VAL C 412 -19.04 -37.00 18.50
CA VAL C 412 -20.36 -37.60 18.56
C VAL C 412 -21.43 -36.52 18.70
N ILE C 413 -21.21 -35.55 19.55
CA ILE C 413 -22.18 -34.47 19.74
C ILE C 413 -22.49 -33.79 18.40
N VAL C 414 -21.45 -33.50 17.63
CA VAL C 414 -21.62 -32.86 16.33
C VAL C 414 -22.43 -33.76 15.40
N ALA C 415 -22.07 -35.03 15.35
CA ALA C 415 -22.72 -36.03 14.51
C ALA C 415 -24.22 -36.11 14.80
N ARG C 416 -24.56 -36.10 16.07
CA ARG C 416 -25.93 -36.18 16.48
C ARG C 416 -26.69 -34.98 15.96
N ASN C 417 -26.16 -33.79 16.21
CA ASN C 417 -26.84 -32.58 15.75
C ASN C 417 -27.00 -32.52 14.23
N HIS C 418 -26.01 -33.00 13.50
CA HIS C 418 -26.09 -33.00 12.05
C HIS C 418 -27.21 -33.95 11.64
N ARG C 419 -27.35 -35.01 12.43
CA ARG C 419 -28.37 -36.02 12.20
C ARG C 419 -29.74 -35.40 12.48
N ASP C 420 -29.93 -34.93 13.71
CA ASP C 420 -31.20 -34.32 14.10
C ASP C 420 -31.56 -33.15 13.19
N ALA C 421 -30.57 -32.60 12.49
CA ALA C 421 -30.79 -31.48 11.56
C ALA C 421 -31.54 -32.02 10.34
N GLY C 422 -31.32 -33.30 10.05
CA GLY C 422 -32.00 -33.92 8.93
C GLY C 422 -31.10 -34.24 7.76
N ALA C 423 -29.80 -34.33 8.01
CA ALA C 423 -28.87 -34.61 6.93
C ALA C 423 -28.16 -35.93 7.15
N PRO C 424 -27.82 -36.62 6.05
CA PRO C 424 -27.13 -37.90 6.09
C PRO C 424 -25.87 -37.83 6.96
N THR C 425 -25.88 -38.56 8.07
CA THR C 425 -24.74 -38.57 8.96
C THR C 425 -24.10 -39.95 9.04
N TYR C 426 -22.78 -39.99 9.17
CA TYR C 426 -22.04 -41.26 9.26
C TYR C 426 -20.89 -41.12 10.26
N MET C 427 -20.65 -42.15 11.06
CA MET C 427 -19.55 -42.11 12.02
C MET C 427 -18.70 -43.37 11.94
N TYR C 428 -17.46 -43.30 12.41
CA TYR C 428 -16.58 -44.47 12.41
C TYR C 428 -15.56 -44.36 13.51
N GLU C 429 -14.90 -45.47 13.80
CA GLU C 429 -13.87 -45.46 14.81
C GLU C 429 -12.72 -46.31 14.29
N PHE C 430 -11.70 -45.64 13.78
CA PHE C 430 -10.52 -46.31 13.24
C PHE C 430 -9.73 -46.95 14.36
N GLN C 431 -9.52 -48.26 14.24
CA GLN C 431 -8.78 -49.01 15.24
C GLN C 431 -7.75 -49.88 14.55
N TYR C 432 -6.58 -49.32 14.27
CA TYR C 432 -5.54 -50.10 13.61
C TYR C 432 -4.20 -49.42 13.81
N ARG C 433 -3.13 -50.19 13.89
CA ARG C 433 -1.80 -49.59 14.08
C ARG C 433 -1.01 -49.76 12.80
N PRO C 434 -0.91 -48.69 12.00
CA PRO C 434 -0.16 -48.76 10.73
C PRO C 434 1.30 -49.15 10.91
N SER C 435 1.82 -49.86 9.91
CA SER C 435 3.19 -50.31 9.92
C SER C 435 4.10 -49.13 9.64
N PHE C 436 3.50 -48.03 9.19
CA PHE C 436 4.28 -46.86 8.87
C PHE C 436 4.44 -45.94 10.09
N SER C 437 4.07 -46.43 11.26
CA SER C 437 4.17 -45.64 12.49
C SER C 437 5.63 -45.35 12.82
N SER C 438 5.81 -44.48 13.80
CA SER C 438 7.15 -44.12 14.25
C SER C 438 7.76 -45.24 15.06
N ASP C 439 9.08 -45.25 15.12
CA ASP C 439 9.78 -46.27 15.87
C ASP C 439 9.65 -45.98 17.36
N MET C 440 9.48 -44.70 17.70
CA MET C 440 9.35 -44.32 19.09
C MET C 440 7.93 -44.43 19.58
N LYS C 441 7.03 -44.93 18.74
CA LYS C 441 5.66 -45.10 19.15
C LYS C 441 5.56 -46.52 19.68
N PRO C 442 5.05 -46.68 20.91
CA PRO C 442 4.91 -47.99 21.53
C PRO C 442 3.97 -48.80 20.66
N LYS C 443 4.27 -50.09 20.54
CA LYS C 443 3.50 -51.03 19.73
C LYS C 443 2.16 -51.34 20.35
N THR C 444 1.98 -50.84 21.56
CA THR C 444 0.74 -51.07 22.28
C THR C 444 -0.34 -50.06 21.86
N VAL C 445 0.10 -48.90 21.38
CA VAL C 445 -0.84 -47.88 20.95
C VAL C 445 -1.41 -48.18 19.55
N ILE C 446 -2.70 -48.47 19.53
CA ILE C 446 -3.40 -48.80 18.29
C ILE C 446 -4.41 -47.69 17.98
N GLY C 447 -4.46 -47.26 16.74
CA GLY C 447 -5.42 -46.23 16.38
C GLY C 447 -5.14 -44.91 17.04
N ASP C 448 -3.90 -44.47 16.89
CA ASP C 448 -3.42 -43.22 17.44
C ASP C 448 -3.78 -42.12 16.43
N HIS C 449 -3.72 -40.88 16.88
CA HIS C 449 -4.02 -39.70 16.08
C HIS C 449 -3.33 -39.75 14.72
N GLY C 450 -4.11 -39.55 13.66
CA GLY C 450 -3.53 -39.57 12.34
C GLY C 450 -3.20 -40.94 11.77
N ASP C 451 -3.53 -42.02 12.48
CA ASP C 451 -3.24 -43.38 11.98
C ASP C 451 -4.05 -43.78 10.74
N GLU C 452 -5.25 -43.23 10.57
CA GLU C 452 -6.06 -43.59 9.43
C GLU C 452 -5.59 -42.93 8.16
N LEU C 453 -4.80 -41.88 8.33
CA LEU C 453 -4.26 -41.13 7.20
C LEU C 453 -3.53 -42.00 6.20
N PHE C 454 -2.99 -43.13 6.64
CA PHE C 454 -2.25 -44.02 5.74
C PHE C 454 -3.16 -44.88 4.89
N SER C 455 -4.32 -45.22 5.45
CA SER C 455 -5.29 -46.02 4.74
C SER C 455 -6.03 -45.09 3.77
N VAL C 456 -6.44 -43.93 4.27
CA VAL C 456 -7.15 -42.92 3.47
C VAL C 456 -6.35 -42.46 2.27
N PHE C 457 -5.03 -42.37 2.43
CA PHE C 457 -4.21 -41.93 1.31
C PHE C 457 -3.40 -43.04 0.67
N GLY C 458 -3.88 -44.27 0.81
CA GLY C 458 -3.19 -45.41 0.21
C GLY C 458 -1.69 -45.41 0.38
N ALA C 459 -1.23 -45.16 1.61
CA ALA C 459 0.20 -45.17 1.89
C ALA C 459 0.81 -46.51 1.46
N PRO C 460 0.11 -47.63 1.71
CA PRO C 460 0.65 -48.93 1.33
C PRO C 460 1.03 -49.01 -0.13
N PHE C 461 0.43 -48.18 -0.96
CA PHE C 461 0.73 -48.21 -2.39
C PHE C 461 1.84 -47.26 -2.80
N LEU C 462 2.45 -46.58 -1.83
CA LEU C 462 3.54 -45.62 -2.10
C LEU C 462 4.78 -45.97 -1.28
N LYS C 463 4.55 -46.43 -0.05
CA LYS C 463 5.65 -46.81 0.81
C LYS C 463 5.88 -48.31 0.65
N GLU C 464 6.77 -48.86 1.47
CA GLU C 464 7.09 -50.29 1.41
C GLU C 464 6.93 -51.03 2.72
N GLY C 465 6.70 -52.34 2.62
CA GLY C 465 6.56 -53.17 3.80
C GLY C 465 5.15 -53.42 4.28
N ALA C 466 4.18 -52.78 3.67
CA ALA C 466 2.79 -52.97 4.06
C ALA C 466 2.36 -54.41 3.81
N SER C 467 1.79 -55.04 4.82
CA SER C 467 1.33 -56.42 4.69
C SER C 467 0.08 -56.46 3.83
N GLU C 468 -0.28 -57.65 3.36
CA GLU C 468 -1.47 -57.77 2.53
C GLU C 468 -2.68 -57.31 3.32
N GLU C 469 -2.59 -57.34 4.64
CA GLU C 469 -3.70 -56.93 5.48
C GLU C 469 -3.87 -55.42 5.40
N GLU C 470 -2.76 -54.71 5.47
CA GLU C 470 -2.74 -53.27 5.41
C GLU C 470 -3.10 -52.81 3.99
N ILE C 471 -2.54 -53.51 3.00
CA ILE C 471 -2.81 -53.18 1.60
C ILE C 471 -4.30 -53.30 1.33
N ARG C 472 -4.93 -54.25 2.01
CA ARG C 472 -6.35 -54.47 1.84
C ARG C 472 -7.15 -53.41 2.57
N LEU C 473 -6.77 -53.14 3.82
CA LEU C 473 -7.46 -52.13 4.63
C LEU C 473 -7.51 -50.82 3.86
N SER C 474 -6.36 -50.41 3.35
CA SER C 474 -6.28 -49.18 2.59
C SER C 474 -7.29 -49.17 1.44
N LYS C 475 -7.30 -50.25 0.65
CA LYS C 475 -8.23 -50.34 -0.48
C LYS C 475 -9.66 -50.13 -0.04
N MET C 476 -9.98 -50.66 1.14
CA MET C 476 -11.33 -50.52 1.65
C MET C 476 -11.66 -49.07 1.99
N VAL C 477 -10.88 -48.49 2.90
CA VAL C 477 -11.09 -47.12 3.32
C VAL C 477 -11.25 -46.18 2.12
N MET C 478 -10.32 -46.25 1.18
CA MET C 478 -10.43 -45.42 0.00
C MET C 478 -11.78 -45.65 -0.71
N LYS C 479 -12.19 -46.91 -0.84
CA LYS C 479 -13.48 -47.24 -1.46
C LYS C 479 -14.58 -46.50 -0.74
N PHE C 480 -14.58 -46.62 0.58
CA PHE C 480 -15.57 -45.96 1.40
C PHE C 480 -15.57 -44.46 1.16
N TRP C 481 -14.40 -43.83 1.34
CA TRP C 481 -14.25 -42.40 1.17
C TRP C 481 -14.69 -41.96 -0.22
N ALA C 482 -14.15 -42.61 -1.25
CA ALA C 482 -14.51 -42.25 -2.60
C ALA C 482 -16.02 -42.40 -2.82
N ASN C 483 -16.58 -43.55 -2.41
CA ASN C 483 -18.03 -43.79 -2.56
C ASN C 483 -18.83 -42.66 -1.93
N PHE C 484 -18.39 -42.24 -0.74
CA PHE C 484 -19.06 -41.16 -0.04
C PHE C 484 -19.00 -39.89 -0.91
N ALA C 485 -17.81 -39.56 -1.38
CA ALA C 485 -17.62 -38.39 -2.23
C ALA C 485 -18.58 -38.42 -3.40
N ARG C 486 -18.81 -39.63 -3.90
CA ARG C 486 -19.70 -39.83 -5.04
C ARG C 486 -21.16 -39.67 -4.65
N ASN C 487 -21.70 -40.64 -3.94
CA ASN C 487 -23.11 -40.59 -3.57
C ASN C 487 -23.45 -40.02 -2.22
N GLY C 488 -22.47 -39.56 -1.46
CA GLY C 488 -22.80 -39.05 -0.15
C GLY C 488 -23.19 -40.22 0.72
N ASN C 489 -22.71 -41.40 0.34
CA ASN C 489 -22.97 -42.65 1.08
C ASN C 489 -21.75 -43.55 0.90
N PRO C 490 -21.09 -43.93 2.00
CA PRO C 490 -19.91 -44.78 1.93
C PRO C 490 -20.11 -46.17 1.36
N ASN C 491 -21.30 -46.72 1.57
CA ASN C 491 -21.61 -48.06 1.10
C ASN C 491 -21.42 -48.31 -0.37
N GLY C 492 -21.24 -49.59 -0.69
CA GLY C 492 -21.04 -50.03 -2.06
C GLY C 492 -20.72 -51.51 -2.05
N GLU C 493 -21.21 -52.25 -3.03
CA GLU C 493 -20.93 -53.68 -3.07
C GLU C 493 -19.42 -53.95 -3.03
N GLY C 494 -19.04 -54.85 -2.13
CA GLY C 494 -17.64 -55.20 -1.97
C GLY C 494 -17.07 -54.64 -0.68
N LEU C 495 -17.94 -54.01 0.11
CA LEU C 495 -17.54 -53.40 1.37
C LEU C 495 -18.56 -53.71 2.44
N PRO C 496 -18.10 -53.87 3.70
CA PRO C 496 -18.99 -54.17 4.82
C PRO C 496 -20.07 -53.12 4.85
N HIS C 497 -21.18 -53.43 5.48
CA HIS C 497 -22.26 -52.48 5.54
C HIS C 497 -21.94 -51.43 6.56
N TRP C 498 -22.08 -50.17 6.15
CA TRP C 498 -21.85 -49.03 7.03
C TRP C 498 -23.21 -48.41 7.32
N PRO C 499 -23.74 -48.65 8.52
CA PRO C 499 -25.04 -48.07 8.87
C PRO C 499 -24.97 -46.55 8.96
N GLU C 500 -26.10 -45.90 8.74
CA GLU C 500 -26.18 -44.45 8.82
C GLU C 500 -26.37 -44.06 10.28
N TYR C 501 -25.62 -43.07 10.74
CA TYR C 501 -25.71 -42.61 12.12
C TYR C 501 -27.06 -41.92 12.39
N ASN C 502 -28.11 -42.72 12.50
CA ASN C 502 -29.46 -42.19 12.78
C ASN C 502 -29.78 -42.34 14.26
N GLN C 503 -31.02 -42.68 14.56
CA GLN C 503 -31.42 -42.83 15.96
C GLN C 503 -30.72 -44.01 16.64
N LYS C 504 -30.55 -45.10 15.91
CA LYS C 504 -29.88 -46.29 16.45
C LYS C 504 -28.41 -45.95 16.74
N GLU C 505 -27.95 -44.85 16.15
CA GLU C 505 -26.58 -44.41 16.33
C GLU C 505 -25.58 -45.46 15.87
N GLY C 506 -25.90 -46.14 14.77
CA GLY C 506 -25.01 -47.15 14.26
C GLY C 506 -23.79 -46.49 13.63
N TYR C 507 -22.64 -47.12 13.80
CA TYR C 507 -21.40 -46.59 13.25
C TYR C 507 -20.50 -47.77 12.86
N LEU C 508 -19.57 -47.53 11.96
CA LEU C 508 -18.67 -48.58 11.52
C LEU C 508 -17.36 -48.58 12.28
N GLN C 509 -16.92 -49.76 12.69
CA GLN C 509 -15.66 -49.92 13.41
C GLN C 509 -14.65 -50.34 12.34
N ILE C 510 -13.80 -49.41 11.94
CA ILE C 510 -12.81 -49.69 10.91
C ILE C 510 -11.52 -50.21 11.51
N GLY C 511 -10.90 -51.17 10.81
CA GLY C 511 -9.66 -51.77 11.28
C GLY C 511 -9.46 -53.16 10.73
N ALA C 512 -8.60 -53.95 11.38
CA ALA C 512 -8.34 -55.31 10.92
C ALA C 512 -9.67 -56.06 10.86
N ASN C 513 -10.56 -55.72 11.78
CA ASN C 513 -11.88 -56.32 11.83
C ASN C 513 -12.90 -55.22 11.63
N THR C 514 -13.38 -55.08 10.41
CA THR C 514 -14.35 -54.04 10.13
C THR C 514 -15.79 -54.57 10.23
N GLN C 515 -16.58 -53.94 11.10
CA GLN C 515 -17.99 -54.31 11.29
C GLN C 515 -18.76 -53.21 12.01
N ALA C 516 -20.06 -53.13 11.75
CA ALA C 516 -20.87 -52.10 12.38
C ALA C 516 -20.94 -52.26 13.91
N ALA C 517 -21.53 -51.26 14.57
CA ALA C 517 -21.71 -51.22 16.02
C ALA C 517 -22.70 -50.08 16.31
N GLN C 518 -22.97 -49.81 17.59
CA GLN C 518 -23.91 -48.74 17.93
C GLN C 518 -23.48 -47.83 19.09
N LYS C 519 -24.16 -46.70 19.20
CA LYS C 519 -23.89 -45.72 20.25
C LYS C 519 -22.40 -45.58 20.60
N LEU C 520 -21.68 -44.81 19.78
CA LEU C 520 -20.25 -44.57 19.97
C LEU C 520 -20.05 -43.52 21.07
N LYS C 521 -19.21 -43.84 22.04
CA LYS C 521 -18.92 -42.92 23.15
C LYS C 521 -20.19 -42.42 23.82
N ASP C 522 -21.27 -43.19 23.69
CA ASP C 522 -22.56 -42.82 24.26
C ASP C 522 -22.47 -42.52 25.76
N LYS C 523 -21.84 -43.42 26.49
CA LYS C 523 -21.65 -43.26 27.93
C LYS C 523 -20.90 -41.97 28.20
N GLU C 524 -19.75 -41.82 27.54
CA GLU C 524 -18.90 -40.66 27.68
C GLU C 524 -19.63 -39.35 27.46
N VAL C 525 -20.28 -39.22 26.29
CA VAL C 525 -21.01 -38.00 25.97
C VAL C 525 -21.92 -37.63 27.14
N ALA C 526 -22.70 -38.59 27.59
CA ALA C 526 -23.61 -38.37 28.70
C ALA C 526 -22.91 -37.83 29.94
N PHE C 527 -21.89 -38.56 30.41
CA PHE C 527 -21.15 -38.15 31.59
C PHE C 527 -20.63 -36.72 31.50
N TRP C 528 -19.76 -36.50 30.53
CA TRP C 528 -19.16 -35.20 30.34
C TRP C 528 -20.17 -34.08 30.18
N THR C 529 -21.32 -34.38 29.60
CA THR C 529 -22.33 -33.35 29.44
C THR C 529 -22.83 -32.88 30.82
N ASN C 530 -23.03 -33.82 31.73
CA ASN C 530 -23.49 -33.50 33.08
C ASN C 530 -22.43 -32.76 33.85
N LEU C 531 -21.24 -33.37 33.93
CA LEU C 531 -20.12 -32.77 34.64
C LEU C 531 -19.89 -31.33 34.20
N PHE C 532 -19.72 -31.13 32.90
CA PHE C 532 -19.50 -29.80 32.32
C PHE C 532 -20.65 -28.85 32.59
N ALA C 533 -21.84 -29.39 32.83
CA ALA C 533 -22.99 -28.53 33.10
C ALA C 533 -23.00 -28.11 34.57
N LYS C 534 -21.87 -28.18 35.26
CA LYS C 534 -21.86 -27.78 36.67
C LYS C 534 -20.97 -26.59 37.02
C1 NAG D . 7.11 30.18 -10.75
C2 NAG D . 7.15 30.81 -9.39
C3 NAG D . 6.61 32.24 -9.53
C4 NAG D . 7.25 33.00 -10.71
C5 NAG D . 7.57 32.14 -11.95
C6 NAG D . 8.62 32.78 -12.87
C7 NAG D . 6.88 29.48 -7.40
C8 NAG D . 6.06 29.45 -6.11
N2 NAG D . 6.33 30.03 -8.47
O3 NAG D . 6.84 32.94 -8.33
O4 NAG D . 6.34 34.05 -11.12
O5 NAG D . 8.07 30.84 -11.56
O6 NAG D . 9.19 31.84 -13.77
O7 NAG D . 8.02 29.01 -7.42
C1 SIA E . 6.05 23.68 -9.15
C2 SIA E . 7.52 24.06 -8.94
C3 SIA E . 8.01 23.64 -7.54
C4 SIA E . 9.53 23.42 -7.53
C5 SIA E . 9.91 22.32 -8.52
C6 SIA E . 8.82 22.14 -9.60
C7 SIA E . 9.38 21.41 -10.83
C8 SIA E . 8.32 20.70 -11.62
C9 SIA E . 8.95 20.22 -12.93
C10 SIA E . 11.29 20.57 -7.63
C11 SIA E . 12.00 20.88 -6.31
N5 SIA E . 10.07 21.08 -7.79
O1A SIA E . 5.17 24.26 -8.46
O1B SIA E . 5.77 22.84 -10.03
O2 SIA E . 7.65 25.44 -9.07
O4 SIA E . 10.22 24.63 -7.86
O6 SIA E . 8.29 23.43 -9.98
O7 SIA E . 10.04 22.34 -11.68
O8 SIA E . 7.80 19.59 -10.91
O9 SIA E . 10.19 19.60 -12.63
O10 SIA E . 11.82 19.88 -8.49
S SO4 F . 4.92 -6.69 -2.96
O1 SO4 F . 5.39 -7.91 -3.65
O2 SO4 F . 4.30 -7.07 -1.67
O3 SO4 F . 6.05 -5.79 -2.70
O4 SO4 F . 3.92 -6.00 -3.79
S SO4 G . 11.57 -11.63 4.65
O1 SO4 G . 10.79 -12.37 3.63
O2 SO4 G . 10.71 -10.59 5.24
O3 SO4 G . 11.99 -12.58 5.71
O4 SO4 G . 12.76 -11.04 4.02
S SO4 H . 3.82 6.02 -1.47
O1 SO4 H . 2.47 6.27 -0.91
O2 SO4 H . 4.38 4.78 -0.89
O3 SO4 H . 3.72 5.87 -2.93
O4 SO4 H . 4.69 7.17 -1.14
C1 CHD I . 39.82 2.46 -28.42
C2 CHD I . 39.18 2.85 -29.80
C3 CHD I . 39.66 1.83 -30.88
O3 CHD I . 39.10 2.16 -32.16
C4 CHD I . 41.21 1.85 -30.98
C5 CHD I . 41.87 1.54 -29.57
C6 CHD I . 43.45 1.57 -29.69
C7 CHD I . 44.00 3.00 -29.94
O7 CHD I . 43.64 3.46 -31.24
C8 CHD I . 43.51 3.99 -28.82
C9 CHD I . 41.93 4.01 -28.75
C10 CHD I . 41.37 2.55 -28.45
C11 CHD I . 41.48 5.06 -27.66
C12 CHD I . 42.03 6.51 -28.03
O12 CHD I . 41.51 6.83 -29.35
C13 CHD I . 43.60 6.53 -28.05
C14 CHD I . 44.02 5.45 -29.12
C15 CHD I . 45.55 5.65 -29.23
C16 CHD I . 45.62 7.19 -29.36
C17 CHD I . 44.29 7.78 -28.77
C18 CHD I . 44.19 6.24 -26.61
C19 CHD I . 41.80 2.07 -27.02
C20 CHD I . 44.64 9.08 -27.92
C21 CHD I . 43.40 9.74 -27.26
C22 CHD I . 45.30 10.12 -28.88
C23 CHD I . 46.34 11.03 -28.21
O25 CHD I . 46.99 13.43 -28.29
C24 CHD I . 46.17 12.47 -28.73
O26 CHD I . 45.31 12.75 -29.52
C1 PLM J . 23.47 -1.09 -27.19
O1 PLM J . 22.34 -0.78 -27.61
O2 PLM J . 24.12 -2.03 -27.68
C2 PLM J . 24.07 -0.29 -26.04
C3 PLM J . 24.55 1.10 -26.46
C4 PLM J . 25.74 1.56 -25.65
C5 PLM J . 25.55 2.95 -25.05
C6 PLM J . 25.01 2.90 -23.64
C7 PLM J . 26.06 3.38 -22.58
C8 PLM J . 26.88 2.20 -21.98
C9 PLM J . 26.21 1.48 -20.80
CA PLM J . 26.71 1.93 -19.43
CB PLM J . 26.04 1.22 -18.26
CC PLM J . 26.23 2.03 -16.97
CD PLM J . 27.02 1.25 -15.91
CE PLM J . 26.09 0.68 -14.86
CF PLM J . 26.29 -0.82 -14.71
CG PLM J . 27.11 -1.11 -13.46
C1 NAG K . -18.80 -4.23 26.02
C2 NAG K . -18.02 -5.27 26.80
C3 NAG K . -18.94 -6.27 27.46
C4 NAG K . -20.06 -5.58 28.24
C5 NAG K . -20.70 -4.45 27.41
C6 NAG K . -21.67 -3.61 28.21
C7 NAG K . -15.84 -5.76 26.04
C8 NAG K . -15.04 -5.61 24.75
N2 NAG K . -17.13 -5.97 25.92
O3 NAG K . -18.18 -7.08 28.35
O4 NAG K . -21.04 -6.54 28.56
O5 NAG K . -19.70 -3.56 26.90
O6 NAG K . -21.12 -3.27 29.48
O7 NAG K . -15.29 -5.63 27.14
C1 SIA L . -14.83 -2.14 21.82
C2 SIA L . -13.73 -1.50 22.66
C3 SIA L . -13.10 -2.54 23.56
C4 SIA L . -11.80 -2.02 24.17
C5 SIA L . -11.56 -0.52 23.91
C6 SIA L . -11.78 -0.11 22.43
C7 SIA L . -12.21 1.38 22.33
C8 SIA L . -12.73 1.78 20.96
C9 SIA L . -13.15 3.24 21.02
C10 SIA L . -9.18 -0.94 23.97
C11 SIA L . -8.57 -0.67 22.60
N5 SIA L . -10.22 -0.18 24.31
O1A SIA L . -15.43 -3.16 22.26
O1B SIA L . -15.12 -1.61 20.71
O2 SIA L . -14.24 -0.47 23.42
O4 SIA L . -11.84 -2.22 25.58
O6 SIA L . -12.74 -0.96 21.77
O7 SIA L . -13.21 1.69 23.29
O8 SIA L . -11.69 1.64 20.01
O9 SIA L . -12.12 3.99 21.67
O10 SIA L . -8.70 -1.81 24.70
S SO4 M . 10.86 2.40 0.13
O1 SO4 M . 10.44 1.88 -1.18
O2 SO4 M . 11.65 1.38 0.85
O3 SO4 M . 11.67 3.61 -0.06
O4 SO4 M . 9.66 2.72 0.93
C1 CHD N . 4.85 34.79 33.25
C2 CHD N . 3.42 35.40 32.95
C3 CHD N . 3.61 36.87 32.46
O3 CHD N . 2.34 37.47 32.17
C4 CHD N . 4.36 37.72 33.51
C5 CHD N . 5.76 37.06 33.88
C6 CHD N . 6.50 37.93 34.97
C7 CHD N . 5.79 37.88 36.36
O7 CHD N . 4.53 38.57 36.31
C8 CHD N . 5.63 36.41 36.86
C9 CHD N . 4.83 35.55 35.81
C10 CHD N . 5.60 35.56 34.38
C11 CHD N . 4.64 34.08 36.40
C12 CHD N . 3.86 34.13 37.79
O12 CHD N . 2.60 34.77 37.52
C13 CHD N . 4.65 34.94 38.87
C14 CHD N . 4.87 36.38 38.25
C15 CHD N . 5.50 37.18 39.41
C16 CHD N . 4.64 36.72 40.62
C17 CHD N . 3.84 35.44 40.16
C18 CHD N . 6.02 34.21 39.23
C19 CHD N . 6.99 34.83 34.47
C20 CHD N . 3.68 34.46 41.41
C21 CHD N . 2.93 33.14 41.07
C22 CHD N . 2.86 35.22 42.49
C23 CHD N . 3.29 34.89 43.94
O25 CHD N . 2.21 34.08 46.03
C24 CHD N . 2.07 34.41 44.73
O26 CHD N . 0.97 34.33 44.20
C1 PLM O . -3.46 30.10 18.69
O1 PLM O . -3.81 31.29 18.80
O2 PLM O . -4.08 29.31 17.94
C2 PLM O . -2.26 29.61 19.49
C3 PLM O . -2.66 29.01 20.83
C4 PLM O . -1.52 28.29 21.50
C5 PLM O . -1.98 27.25 22.52
C6 PLM O . -1.14 25.99 22.51
C7 PLM O . -0.32 25.79 23.81
C8 PLM O . 1.20 26.06 23.64
C9 PLM O . 2.11 25.03 24.36
CA PLM O . 3.55 25.50 24.61
CB PLM O . 4.44 24.46 25.32
CC PLM O . 4.57 24.78 26.83
CD PLM O . 5.82 24.13 27.40
CE PLM O . 5.52 23.49 28.75
CF PLM O . 6.02 24.36 29.88
CG PLM O . 5.60 23.79 31.23
C1 NAG P . 8.54 -24.47 -17.87
C2 NAG P . 9.17 -25.49 -18.82
C3 NAG P . 10.53 -26.01 -18.33
C4 NAG P . 11.39 -25.00 -17.53
C5 NAG P . 10.54 -24.07 -16.69
C6 NAG P . 11.36 -22.91 -16.16
C7 NAG P . 8.69 -27.85 -18.97
C8 NAG P . 8.61 -28.64 -17.67
N2 NAG P . 8.25 -26.60 -18.96
O3 NAG P . 11.28 -26.45 -19.46
O4 NAG P . 12.29 -25.69 -16.68
O5 NAG P . 9.51 -23.49 -17.49
O6 NAG P . 11.77 -22.07 -17.23
O7 NAG P . 9.19 -28.37 -19.98
C1 SIA Q . 6.91 -21.46 -13.18
C2 SIA Q . 7.91 -22.36 -12.47
C3 SIA Q . 9.11 -21.54 -11.99
C4 SIA Q . 9.79 -22.28 -10.86
C5 SIA Q . 8.84 -22.34 -9.66
C6 SIA Q . 7.35 -22.31 -10.11
C7 SIA Q . 6.45 -22.98 -9.04
C8 SIA Q . 5.46 -22.01 -8.39
C9 SIA Q . 4.35 -22.85 -7.81
C10 SIA Q . 10.27 -21.08 -8.23
C11 SIA Q . 11.43 -20.39 -8.95
N5 SIA Q . 9.11 -21.18 -8.86
O1A SIA Q . 7.05 -21.29 -14.42
O1B SIA Q . 5.99 -20.94 -12.53
O2 SIA Q . 8.37 -23.34 -13.35
O4 SIA Q . 10.14 -23.59 -11.27
O6 SIA Q . 7.22 -23.00 -11.37
O7 SIA Q . 5.71 -24.08 -9.58
O8 SIA Q . 6.08 -21.30 -7.34
O9 SIA Q . 4.91 -23.88 -7.02
O10 SIA Q . 10.45 -21.53 -7.11
S SO4 R . -2.62 -0.87 8.47
O1 SO4 R . -3.58 -1.23 7.41
O2 SO4 R . -3.13 -1.33 9.78
O3 SO4 R . -1.32 -1.51 8.19
O4 SO4 R . -2.47 0.61 8.51
S SO4 S . 2.81 1.74 14.84
O1 SO4 S . 4.20 1.21 14.81
O2 SO4 S . 2.51 2.27 16.19
O3 SO4 S . 2.67 2.82 13.85
O4 SO4 S . 1.87 0.65 14.54
C1 CHD T . 3.32 -40.80 25.80
C2 CHD T . 2.76 -41.93 24.88
C3 CHD T . 2.09 -43.00 25.82
O3 CHD T . 1.53 -44.06 25.03
C4 CHD T . 3.13 -43.60 26.79
C5 CHD T . 3.78 -42.48 27.64
C6 CHD T . 4.85 -43.10 28.62
C7 CHD T . 6.16 -43.56 27.90
O7 CHD T . 5.95 -44.72 27.11
C8 CHD T . 6.79 -42.39 27.06
C9 CHD T . 5.73 -41.84 26.00
C10 CHD T . 4.41 -41.31 26.75
C11 CHD T . 6.41 -40.70 25.13
C12 CHD T . 7.73 -41.22 24.42
O12 CHD T . 7.35 -42.31 23.53
C13 CHD T . 8.78 -41.74 25.46
C14 CHD T . 8.07 -42.87 26.29
C15 CHD T . 9.20 -43.44 27.13
C16 CHD T . 10.29 -43.63 26.05
C17 CHD T . 9.96 -42.60 24.89
C18 CHD T . 9.27 -40.56 26.42
C19 CHD T . 4.74 -40.04 27.59
C20 CHD T . 11.33 -41.84 24.45
C21 CHD T . 11.10 -40.79 23.30
C22 CHD T . 12.39 -42.86 23.92
C23 CHD T . 13.79 -42.67 24.58
O25 CHD T . 16.10 -41.91 23.95
C24 CHD T . 14.82 -42.12 23.54
O26 CHD T . 14.49 -41.85 22.41
C1 PLM U . -4.94 -30.20 18.55
O1 PLM U . -4.84 -29.20 19.29
O2 PLM U . -6.01 -30.49 17.97
C2 PLM U . -3.71 -31.10 18.36
C3 PLM U . -3.15 -31.11 16.95
C4 PLM U . -1.81 -31.84 16.86
C5 PLM U . -0.76 -31.07 16.07
C6 PLM U . 0.16 -30.23 16.96
C7 PLM U . 1.59 -30.14 16.40
C8 PLM U . 2.66 -30.59 17.43
C9 PLM U . 3.88 -29.66 17.53
CA PLM U . 4.78 -29.93 18.75
CB PLM U . 6.00 -29.02 18.87
CC PLM U . 7.29 -29.78 18.50
CD PLM U . 8.49 -29.27 19.31
CE PLM U . 9.50 -28.55 18.41
CF PLM U . 10.55 -27.82 19.24
CG PLM U . 10.32 -26.31 19.26
#